data_7FC7
# 
_entry.id   7FC7 
# 
_audit_conform.dict_name       mmcif_pdbx.dic 
_audit_conform.dict_version    5.380 
_audit_conform.dict_location   http://mmcif.pdb.org/dictionaries/ascii/mmcif_pdbx.dic 
# 
loop_
_database_2.database_id 
_database_2.database_code 
_database_2.pdbx_database_accession 
_database_2.pdbx_DOI 
PDB   7FC7         pdb_00007fc7 10.2210/pdb7fc7/pdb 
WWPDB D_1300023120 ?            ?                   
# 
_pdbx_database_status.status_code                     REL 
_pdbx_database_status.status_code_sf                  REL 
_pdbx_database_status.status_code_mr                  ? 
_pdbx_database_status.entry_id                        7FC7 
_pdbx_database_status.recvd_initial_deposition_date   2021-07-14 
_pdbx_database_status.SG_entry                        N 
_pdbx_database_status.deposit_site                    PDBJ 
_pdbx_database_status.process_site                    PDBJ 
_pdbx_database_status.status_code_cs                  ? 
_pdbx_database_status.status_code_nmr_data            ? 
_pdbx_database_status.methods_development_category    ? 
_pdbx_database_status.pdb_format_compatible           Y 
# 
loop_
_audit_author.name 
_audit_author.pdbx_ordinal 
_audit_author.identifier_ORCID 
'Verma, S.'   1 0000-0002-8845-5856 
'Makde, R.D.' 2 0000-0001-7020-0065 
'Sundd, M.'   3 0000-0002-5611-0861 
# 
_citation.abstract                  ? 
_citation.abstract_id_CAS           ? 
_citation.book_id_ISBN              ? 
_citation.book_publisher            ? 
_citation.book_publisher_city       ? 
_citation.book_title                ? 
_citation.coordinate_linkage        ? 
_citation.country                   ? 
_citation.database_id_Medline       ? 
_citation.details                   ? 
_citation.id                        primary 
_citation.journal_abbrev            'To be published' 
_citation.journal_id_ASTM           ? 
_citation.journal_id_CSD            0353 
_citation.journal_id_ISSN           ? 
_citation.journal_full              ? 
_citation.journal_issue             ? 
_citation.journal_volume            ? 
_citation.language                  ? 
_citation.page_first                ? 
_citation.page_last                 ? 
_citation.title                     
'Acyl-Coenzyme A Binding Protein 96 (LMJ_17_0780) of Leishmania Major in complex with Coenzyme A' 
_citation.year                      ? 
_citation.database_id_CSD           ? 
_citation.pdbx_database_id_DOI      ? 
_citation.pdbx_database_id_PubMed   ? 
_citation.pdbx_database_id_patent   ? 
_citation.unpublished_flag          ? 
# 
loop_
_citation_author.citation_id 
_citation_author.name 
_citation_author.ordinal 
_citation_author.identifier_ORCID 
primary 'Verma, S.'   1 0000-0002-8845-5856 
primary 'Makde, R.D.' 2 0000-0001-7020-0065 
primary 'Sundd, M.'   3 0000-0002-5611-0861 
# 
_cell.entry_id           7FC7 
_cell.length_a           44.376 
_cell.length_b           44.376 
_cell.length_c           77.350 
_cell.angle_alpha        90.00 
_cell.angle_beta         90.00 
_cell.angle_gamma        120.00 
_cell.Z_PDB              6 
_cell.pdbx_unique_axis   ? 
# 
_symmetry.entry_id                         7FC7 
_symmetry.space_group_name_H-M             'P 31 2 1' 
_symmetry.pdbx_full_space_group_name_H-M   ? 
_symmetry.cell_setting                     ? 
_symmetry.Int_Tables_number                152 
# 
loop_
_entity.id 
_entity.type 
_entity.src_method 
_entity.pdbx_description 
_entity.formula_weight 
_entity.pdbx_number_of_molecules 
_entity.pdbx_ec 
_entity.pdbx_mutation 
_entity.pdbx_fragment 
_entity.details 
1 polymer     man 'ACB domain-containing protein' 10586.829 1 ? ? ? ? 
2 non-polymer syn 'COENZYME A'                    767.534   1 ? ? ? ? 
3 water       nat water                           18.015    6 ? ? ? ? 
# 
_entity_poly.entity_id                      1 
_entity_poly.type                           'polypeptide(L)' 
_entity_poly.nstd_linkage                   no 
_entity_poly.nstd_monomer                   no 
_entity_poly.pdbx_seq_one_letter_code       
;MSAADFEAAVAYVRSLPKDGPVQLDNAAKLQFYSLYKQATEGDVTGSQPWAVQVEARAKWDAWNSCKGMKSEDAKAAYVQ
RLIEVTSQKGHPWNPA
;
_entity_poly.pdbx_seq_one_letter_code_can   
;MSAADFEAAVAYVRSLPKDGPVQLDNAAKLQFYSLYKQATEGDVTGSQPWAVQVEARAKWDAWNSCKGMKSEDAKAAYVQ
RLIEVTSQKGHPWNPA
;
_entity_poly.pdbx_strand_id                 A 
_entity_poly.pdbx_target_identifier         ? 
# 
loop_
_entity_poly_seq.entity_id 
_entity_poly_seq.num 
_entity_poly_seq.mon_id 
_entity_poly_seq.hetero 
1 1  MET n 
1 2  SER n 
1 3  ALA n 
1 4  ALA n 
1 5  ASP n 
1 6  PHE n 
1 7  GLU n 
1 8  ALA n 
1 9  ALA n 
1 10 VAL n 
1 11 ALA n 
1 12 TYR n 
1 13 VAL n 
1 14 ARG n 
1 15 SER n 
1 16 LEU n 
1 17 PRO n 
1 18 LYS n 
1 19 ASP n 
1 20 GLY n 
1 21 PRO n 
1 22 VAL n 
1 23 GLN n 
1 24 LEU n 
1 25 ASP n 
1 26 ASN n 
1 27 ALA n 
1 28 ALA n 
1 29 LYS n 
1 30 LEU n 
1 31 GLN n 
1 32 PHE n 
1 33 TYR n 
1 34 SER n 
1 35 LEU n 
1 36 TYR n 
1 37 LYS n 
1 38 GLN n 
1 39 ALA n 
1 40 THR n 
1 41 GLU n 
1 42 GLY n 
1 43 ASP n 
1 44 VAL n 
1 45 THR n 
1 46 GLY n 
1 47 SER n 
1 48 GLN n 
1 49 PRO n 
1 50 TRP n 
1 51 ALA n 
1 52 VAL n 
1 53 GLN n 
1 54 VAL n 
1 55 GLU n 
1 56 ALA n 
1 57 ARG n 
1 58 ALA n 
1 59 LYS n 
1 60 TRP n 
1 61 ASP n 
1 62 ALA n 
1 63 TRP n 
1 64 ASN n 
1 65 SER n 
1 66 CYS n 
1 67 LYS n 
1 68 GLY n 
1 69 MET n 
1 70 LYS n 
1 71 SER n 
1 72 GLU n 
1 73 ASP n 
1 74 ALA n 
1 75 LYS n 
1 76 ALA n 
1 77 ALA n 
1 78 TYR n 
1 79 VAL n 
1 80 GLN n 
1 81 ARG n 
1 82 LEU n 
1 83 ILE n 
1 84 GLU n 
1 85 VAL n 
1 86 THR n 
1 87 SER n 
1 88 GLN n 
1 89 LYS n 
1 90 GLY n 
1 91 HIS n 
1 92 PRO n 
1 93 TRP n 
1 94 ASN n 
1 95 PRO n 
1 96 ALA n 
# 
_entity_src_gen.entity_id                          1 
_entity_src_gen.pdbx_src_id                        1 
_entity_src_gen.pdbx_alt_source_flag               sample 
_entity_src_gen.pdbx_seq_type                      'Biological sequence' 
_entity_src_gen.pdbx_beg_seq_num                   1 
_entity_src_gen.pdbx_end_seq_num                   96 
_entity_src_gen.gene_src_common_name               ? 
_entity_src_gen.gene_src_genus                     ? 
_entity_src_gen.pdbx_gene_src_gene                 LMJF_17_0780 
_entity_src_gen.gene_src_species                   ? 
_entity_src_gen.gene_src_strain                    ? 
_entity_src_gen.gene_src_tissue                    ? 
_entity_src_gen.gene_src_tissue_fraction           ? 
_entity_src_gen.gene_src_details                   ? 
_entity_src_gen.pdbx_gene_src_fragment             ? 
_entity_src_gen.pdbx_gene_src_scientific_name      'Leishmania major' 
_entity_src_gen.pdbx_gene_src_ncbi_taxonomy_id     5664 
_entity_src_gen.pdbx_gene_src_variant              ? 
_entity_src_gen.pdbx_gene_src_cell_line            ? 
_entity_src_gen.pdbx_gene_src_atcc                 ? 
_entity_src_gen.pdbx_gene_src_organ                ? 
_entity_src_gen.pdbx_gene_src_organelle            ? 
_entity_src_gen.pdbx_gene_src_cell                 ? 
_entity_src_gen.pdbx_gene_src_cellular_location    ? 
_entity_src_gen.host_org_common_name               ? 
_entity_src_gen.pdbx_host_org_scientific_name      'Escherichia coli BL21(DE3)' 
_entity_src_gen.pdbx_host_org_ncbi_taxonomy_id     469008 
_entity_src_gen.host_org_genus                     ? 
_entity_src_gen.pdbx_host_org_gene                 ? 
_entity_src_gen.pdbx_host_org_organ                ? 
_entity_src_gen.host_org_species                   ? 
_entity_src_gen.pdbx_host_org_tissue               ? 
_entity_src_gen.pdbx_host_org_tissue_fraction      ? 
_entity_src_gen.pdbx_host_org_strain               ? 
_entity_src_gen.pdbx_host_org_variant              ? 
_entity_src_gen.pdbx_host_org_cell_line            ? 
_entity_src_gen.pdbx_host_org_atcc                 ? 
_entity_src_gen.pdbx_host_org_culture_collection   ? 
_entity_src_gen.pdbx_host_org_cell                 ? 
_entity_src_gen.pdbx_host_org_organelle            ? 
_entity_src_gen.pdbx_host_org_cellular_location    ? 
_entity_src_gen.pdbx_host_org_vector_type          ? 
_entity_src_gen.pdbx_host_org_vector               ? 
_entity_src_gen.host_org_details                   ? 
_entity_src_gen.expression_system_id               ? 
_entity_src_gen.plasmid_name                       ? 
_entity_src_gen.plasmid_details                    ? 
_entity_src_gen.pdbx_description                   ? 
# 
_struct_ref.id                         1 
_struct_ref.db_name                    UNP 
_struct_ref.db_code                    Q4QED0_LEIMA 
_struct_ref.pdbx_db_accession          Q4QED0 
_struct_ref.pdbx_db_isoform            ? 
_struct_ref.entity_id                  1 
_struct_ref.pdbx_seq_one_letter_code   
;MSAADFEAAVAYVRSLPKDGPVQLDNAAKLQFYSLYKQATEGDVTGSQPWAVQVEARAKWDAWNSCKGMKSEDAKAAYVQ
RLIEVTSQKGHPWNPA
;
_struct_ref.pdbx_align_begin           1 
# 
_struct_ref_seq.align_id                      1 
_struct_ref_seq.ref_id                        1 
_struct_ref_seq.pdbx_PDB_id_code              7FC7 
_struct_ref_seq.pdbx_strand_id                A 
_struct_ref_seq.seq_align_beg                 1 
_struct_ref_seq.pdbx_seq_align_beg_ins_code   ? 
_struct_ref_seq.seq_align_end                 96 
_struct_ref_seq.pdbx_seq_align_end_ins_code   ? 
_struct_ref_seq.pdbx_db_accession             Q4QED0 
_struct_ref_seq.db_align_beg                  1 
_struct_ref_seq.pdbx_db_align_beg_ins_code    ? 
_struct_ref_seq.db_align_end                  96 
_struct_ref_seq.pdbx_db_align_end_ins_code    ? 
_struct_ref_seq.pdbx_auth_seq_align_beg       1 
_struct_ref_seq.pdbx_auth_seq_align_end       96 
# 
loop_
_chem_comp.id 
_chem_comp.type 
_chem_comp.mon_nstd_flag 
_chem_comp.name 
_chem_comp.pdbx_synonyms 
_chem_comp.formula 
_chem_comp.formula_weight 
ALA 'L-peptide linking' y ALANINE         ? 'C3 H7 N O2'          89.093  
ARG 'L-peptide linking' y ARGININE        ? 'C6 H15 N4 O2 1'      175.209 
ASN 'L-peptide linking' y ASPARAGINE      ? 'C4 H8 N2 O3'         132.118 
ASP 'L-peptide linking' y 'ASPARTIC ACID' ? 'C4 H7 N O4'          133.103 
COA non-polymer         . 'COENZYME A'    ? 'C21 H36 N7 O16 P3 S' 767.534 
CYS 'L-peptide linking' y CYSTEINE        ? 'C3 H7 N O2 S'        121.158 
GLN 'L-peptide linking' y GLUTAMINE       ? 'C5 H10 N2 O3'        146.144 
GLU 'L-peptide linking' y 'GLUTAMIC ACID' ? 'C5 H9 N O4'          147.129 
GLY 'peptide linking'   y GLYCINE         ? 'C2 H5 N O2'          75.067  
HIS 'L-peptide linking' y HISTIDINE       ? 'C6 H10 N3 O2 1'      156.162 
HOH non-polymer         . WATER           ? 'H2 O'                18.015  
ILE 'L-peptide linking' y ISOLEUCINE      ? 'C6 H13 N O2'         131.173 
LEU 'L-peptide linking' y LEUCINE         ? 'C6 H13 N O2'         131.173 
LYS 'L-peptide linking' y LYSINE          ? 'C6 H15 N2 O2 1'      147.195 
MET 'L-peptide linking' y METHIONINE      ? 'C5 H11 N O2 S'       149.211 
PHE 'L-peptide linking' y PHENYLALANINE   ? 'C9 H11 N O2'         165.189 
PRO 'L-peptide linking' y PROLINE         ? 'C5 H9 N O2'          115.130 
SER 'L-peptide linking' y SERINE          ? 'C3 H7 N O3'          105.093 
THR 'L-peptide linking' y THREONINE       ? 'C4 H9 N O3'          119.119 
TRP 'L-peptide linking' y TRYPTOPHAN      ? 'C11 H12 N2 O2'       204.225 
TYR 'L-peptide linking' y TYROSINE        ? 'C9 H11 N O3'         181.189 
VAL 'L-peptide linking' y VALINE          ? 'C5 H11 N O2'         117.146 
# 
_exptl.absorpt_coefficient_mu     ? 
_exptl.absorpt_correction_T_max   ? 
_exptl.absorpt_correction_T_min   ? 
_exptl.absorpt_correction_type    ? 
_exptl.absorpt_process_details    ? 
_exptl.entry_id                   7FC7 
_exptl.crystals_number            1 
_exptl.details                    ? 
_exptl.method                     'X-RAY DIFFRACTION' 
_exptl.method_details             ? 
# 
_exptl_crystal.colour                      ? 
_exptl_crystal.density_diffrn              ? 
_exptl_crystal.density_Matthews            2.08 
_exptl_crystal.density_method              ? 
_exptl_crystal.density_percent_sol         40.87 
_exptl_crystal.description                 ? 
_exptl_crystal.F_000                       ? 
_exptl_crystal.id                          1 
_exptl_crystal.preparation                 ? 
_exptl_crystal.size_max                    ? 
_exptl_crystal.size_mid                    ? 
_exptl_crystal.size_min                    ? 
_exptl_crystal.size_rad                    ? 
_exptl_crystal.colour_lustre               ? 
_exptl_crystal.colour_modifier             ? 
_exptl_crystal.colour_primary              ? 
_exptl_crystal.density_meas                ? 
_exptl_crystal.density_meas_esd            ? 
_exptl_crystal.density_meas_gt             ? 
_exptl_crystal.density_meas_lt             ? 
_exptl_crystal.density_meas_temp           ? 
_exptl_crystal.density_meas_temp_esd       ? 
_exptl_crystal.density_meas_temp_gt        ? 
_exptl_crystal.density_meas_temp_lt        ? 
_exptl_crystal.pdbx_crystal_image_url      ? 
_exptl_crystal.pdbx_crystal_image_format   ? 
_exptl_crystal.pdbx_mosaicity              ? 
_exptl_crystal.pdbx_mosaicity_esd          ? 
# 
_exptl_crystal_grow.apparatus       ? 
_exptl_crystal_grow.atmosphere      ? 
_exptl_crystal_grow.crystal_id      1 
_exptl_crystal_grow.details         ? 
_exptl_crystal_grow.method          'VAPOR DIFFUSION, HANGING DROP' 
_exptl_crystal_grow.method_ref      ? 
_exptl_crystal_grow.pH              4.5 
_exptl_crystal_grow.pressure        ? 
_exptl_crystal_grow.pressure_esd    ? 
_exptl_crystal_grow.seeding         ? 
_exptl_crystal_grow.seeding_ref     ? 
_exptl_crystal_grow.temp            289.15 
_exptl_crystal_grow.temp_details    ? 
_exptl_crystal_grow.temp_esd        ? 
_exptl_crystal_grow.time            ? 
_exptl_crystal_grow.pdbx_details    
'50mM Sodium Acetate buffer pH 4.5, 200mM Sodium chloride, 10mM Magnesium chloride, 30% PEG 3350' 
_exptl_crystal_grow.pdbx_pH_range   ? 
# 
_diffrn.ambient_environment              ? 
_diffrn.ambient_temp                     100 
_diffrn.ambient_temp_details             'Oxford Cryostream - 700 series' 
_diffrn.ambient_temp_esd                 ? 
_diffrn.crystal_id                       1 
_diffrn.crystal_support                  ? 
_diffrn.crystal_treatment                ? 
_diffrn.details                          ? 
_diffrn.id                               1 
_diffrn.ambient_pressure                 ? 
_diffrn.ambient_pressure_esd             ? 
_diffrn.ambient_pressure_gt              ? 
_diffrn.ambient_pressure_lt              ? 
_diffrn.ambient_temp_gt                  ? 
_diffrn.ambient_temp_lt                  ? 
_diffrn.pdbx_serial_crystal_experiment   N 
# 
_diffrn_detector.details                      ? 
_diffrn_detector.detector                     'IMAGE PLATE' 
_diffrn_detector.diffrn_id                    1 
_diffrn_detector.type                         'MAR scanner 345 mm plate' 
_diffrn_detector.area_resol_mean              ? 
_diffrn_detector.dtime                        ? 
_diffrn_detector.pdbx_frames_total            ? 
_diffrn_detector.pdbx_collection_time_total   ? 
_diffrn_detector.pdbx_collection_date         2018-12-21 
_diffrn_detector.pdbx_frequency               ? 
# 
_diffrn_radiation.collimation                      ? 
_diffrn_radiation.diffrn_id                        1 
_diffrn_radiation.filter_edge                      ? 
_diffrn_radiation.inhomogeneity                    ? 
_diffrn_radiation.monochromator                    Mirrors 
_diffrn_radiation.polarisn_norm                    ? 
_diffrn_radiation.polarisn_ratio                   ? 
_diffrn_radiation.probe                            ? 
_diffrn_radiation.type                             ? 
_diffrn_radiation.xray_symbol                      ? 
_diffrn_radiation.wavelength_id                    1 
_diffrn_radiation.pdbx_monochromatic_or_laue_m_l   M 
_diffrn_radiation.pdbx_wavelength_list             ? 
_diffrn_radiation.pdbx_wavelength                  ? 
_diffrn_radiation.pdbx_diffrn_protocol             'SINGLE WAVELENGTH' 
_diffrn_radiation.pdbx_analyzer                    ? 
_diffrn_radiation.pdbx_scattering_type             x-ray 
# 
_diffrn_radiation_wavelength.id           1 
_diffrn_radiation_wavelength.wavelength   0.979490 
_diffrn_radiation_wavelength.wt           1.0 
# 
_diffrn_source.current                     ? 
_diffrn_source.details                     ? 
_diffrn_source.diffrn_id                   1 
_diffrn_source.power                       ? 
_diffrn_source.size                        ? 
_diffrn_source.source                      SYNCHROTRON 
_diffrn_source.target                      ? 
_diffrn_source.type                        'RRCAT INDUS-2 BEAMLINE PX-BL21' 
_diffrn_source.voltage                     ? 
_diffrn_source.take-off_angle              ? 
_diffrn_source.pdbx_wavelength_list        0.979490 
_diffrn_source.pdbx_wavelength             ? 
_diffrn_source.pdbx_synchrotron_beamline   PX-BL21 
_diffrn_source.pdbx_synchrotron_site       'RRCAT INDUS-2' 
# 
_reflns.B_iso_Wilson_estimate                          45.30 
_reflns.entry_id                                       7FC7 
_reflns.data_reduction_details                         ? 
_reflns.data_reduction_method                          ? 
_reflns.d_resolution_high                              2.0 
_reflns.d_resolution_low                               38.67 
_reflns.details                                        ? 
_reflns.limit_h_max                                    ? 
_reflns.limit_h_min                                    ? 
_reflns.limit_k_max                                    ? 
_reflns.limit_k_min                                    ? 
_reflns.limit_l_max                                    ? 
_reflns.limit_l_min                                    ? 
_reflns.number_all                                     ? 
_reflns.number_obs                                     6348 
_reflns.observed_criterion                             ? 
_reflns.observed_criterion_F_max                       ? 
_reflns.observed_criterion_F_min                       ? 
_reflns.observed_criterion_I_max                       ? 
_reflns.observed_criterion_I_min                       ? 
_reflns.observed_criterion_sigma_F                     ? 
_reflns.observed_criterion_sigma_I                     ? 
_reflns.percent_possible_obs                           99.9 
_reflns.R_free_details                                 ? 
_reflns.Rmerge_F_all                                   ? 
_reflns.Rmerge_F_obs                                   ? 
_reflns.Friedel_coverage                               ? 
_reflns.number_gt                                      ? 
_reflns.threshold_expression                           ? 
_reflns.pdbx_redundancy                                8.4 
_reflns.pdbx_Rmerge_I_obs                              0.032 
_reflns.pdbx_Rmerge_I_all                              ? 
_reflns.pdbx_Rsym_value                                ? 
_reflns.pdbx_netI_over_av_sigmaI                       ? 
_reflns.pdbx_netI_over_sigmaI                          30.4 
_reflns.pdbx_res_netI_over_av_sigmaI_2                 ? 
_reflns.pdbx_res_netI_over_sigmaI_2                    ? 
_reflns.pdbx_chi_squared                               ? 
_reflns.pdbx_scaling_rejects                           ? 
_reflns.pdbx_d_res_high_opt                            ? 
_reflns.pdbx_d_res_low_opt                             ? 
_reflns.pdbx_d_res_opt_method                          ? 
_reflns.phase_calculation_details                      ? 
_reflns.pdbx_Rrim_I_all                                ? 
_reflns.pdbx_Rpim_I_all                                ? 
_reflns.pdbx_d_opt                                     ? 
_reflns.pdbx_number_measured_all                       ? 
_reflns.pdbx_diffrn_id                                 1 
_reflns.pdbx_ordinal                                   1 
_reflns.pdbx_CC_half                                   1 
_reflns.pdbx_CC_star                                   ? 
_reflns.pdbx_R_split                                   ? 
_reflns.pdbx_aniso_diffraction_limit_axis_1_ortho[1]   ? 
_reflns.pdbx_aniso_diffraction_limit_axis_1_ortho[2]   ? 
_reflns.pdbx_aniso_diffraction_limit_axis_1_ortho[3]   ? 
_reflns.pdbx_aniso_diffraction_limit_axis_2_ortho[1]   ? 
_reflns.pdbx_aniso_diffraction_limit_axis_2_ortho[2]   ? 
_reflns.pdbx_aniso_diffraction_limit_axis_2_ortho[3]   ? 
_reflns.pdbx_aniso_diffraction_limit_axis_3_ortho[1]   ? 
_reflns.pdbx_aniso_diffraction_limit_axis_3_ortho[2]   ? 
_reflns.pdbx_aniso_diffraction_limit_axis_3_ortho[3]   ? 
_reflns.pdbx_aniso_diffraction_limit_1                 ? 
_reflns.pdbx_aniso_diffraction_limit_2                 ? 
_reflns.pdbx_aniso_diffraction_limit_3                 ? 
_reflns.pdbx_aniso_B_tensor_eigenvector_1_ortho[1]     ? 
_reflns.pdbx_aniso_B_tensor_eigenvector_1_ortho[2]     ? 
_reflns.pdbx_aniso_B_tensor_eigenvector_1_ortho[3]     ? 
_reflns.pdbx_aniso_B_tensor_eigenvector_2_ortho[1]     ? 
_reflns.pdbx_aniso_B_tensor_eigenvector_2_ortho[2]     ? 
_reflns.pdbx_aniso_B_tensor_eigenvector_2_ortho[3]     ? 
_reflns.pdbx_aniso_B_tensor_eigenvector_3_ortho[1]     ? 
_reflns.pdbx_aniso_B_tensor_eigenvector_3_ortho[2]     ? 
_reflns.pdbx_aniso_B_tensor_eigenvector_3_ortho[3]     ? 
_reflns.pdbx_aniso_B_tensor_eigenvalue_1               ? 
_reflns.pdbx_aniso_B_tensor_eigenvalue_2               ? 
_reflns.pdbx_aniso_B_tensor_eigenvalue_3               ? 
_reflns.pdbx_orthogonalization_convention              ? 
_reflns.pdbx_percent_possible_ellipsoidal              ? 
_reflns.pdbx_percent_possible_spherical                ? 
_reflns.pdbx_percent_possible_ellipsoidal_anomalous    ? 
_reflns.pdbx_percent_possible_spherical_anomalous      ? 
_reflns.pdbx_redundancy_anomalous                      ? 
_reflns.pdbx_CC_half_anomalous                         ? 
_reflns.pdbx_absDiff_over_sigma_anomalous              ? 
_reflns.pdbx_percent_possible_anomalous                ? 
_reflns.pdbx_observed_signal_threshold                 ? 
_reflns.pdbx_signal_type                               ? 
_reflns.pdbx_signal_details                            ? 
_reflns.pdbx_signal_software_id                        ? 
# 
_reflns_shell.d_res_high                                    2.0 
_reflns_shell.d_res_low                                     2.05 
_reflns_shell.meanI_over_sigI_all                           ? 
_reflns_shell.meanI_over_sigI_obs                           2.1 
_reflns_shell.number_measured_all                           ? 
_reflns_shell.number_measured_obs                           ? 
_reflns_shell.number_possible                               ? 
_reflns_shell.number_unique_all                             ? 
_reflns_shell.number_unique_obs                             456 
_reflns_shell.percent_possible_all                          99.5 
_reflns_shell.percent_possible_obs                          ? 
_reflns_shell.Rmerge_F_all                                  ? 
_reflns_shell.Rmerge_F_obs                                  ? 
_reflns_shell.Rmerge_I_all                                  ? 
_reflns_shell.Rmerge_I_obs                                  0.91 
_reflns_shell.meanI_over_sigI_gt                            ? 
_reflns_shell.meanI_over_uI_all                             ? 
_reflns_shell.meanI_over_uI_gt                              ? 
_reflns_shell.number_measured_gt                            ? 
_reflns_shell.number_unique_gt                              ? 
_reflns_shell.percent_possible_gt                           ? 
_reflns_shell.Rmerge_F_gt                                   ? 
_reflns_shell.Rmerge_I_gt                                   ? 
_reflns_shell.pdbx_redundancy                               ? 
_reflns_shell.pdbx_Rsym_value                               ? 
_reflns_shell.pdbx_chi_squared                              ? 
_reflns_shell.pdbx_netI_over_sigmaI_all                     ? 
_reflns_shell.pdbx_netI_over_sigmaI_obs                     ? 
_reflns_shell.pdbx_Rrim_I_all                               ? 
_reflns_shell.pdbx_Rpim_I_all                               ? 
_reflns_shell.pdbx_rejects                                  ? 
_reflns_shell.pdbx_ordinal                                  1 
_reflns_shell.pdbx_diffrn_id                                1 
_reflns_shell.pdbx_CC_half                                  ? 
_reflns_shell.pdbx_CC_star                                  ? 
_reflns_shell.pdbx_R_split                                  ? 
_reflns_shell.pdbx_percent_possible_ellipsoidal             ? 
_reflns_shell.pdbx_percent_possible_spherical               ? 
_reflns_shell.pdbx_percent_possible_ellipsoidal_anomalous   ? 
_reflns_shell.pdbx_percent_possible_spherical_anomalous     ? 
_reflns_shell.pdbx_redundancy_anomalous                     ? 
_reflns_shell.pdbx_CC_half_anomalous                        ? 
_reflns_shell.pdbx_absDiff_over_sigma_anomalous             ? 
_reflns_shell.pdbx_percent_possible_anomalous               ? 
# 
_refine.pdbx_refine_id                           'X-RAY DIFFRACTION' 
_refine.entry_id                                 7FC7 
_refine.pdbx_diffrn_id                           1 
_refine.pdbx_TLS_residual_ADP_flag               ? 
_refine.ls_number_reflns_obs                     4762 
_refine.ls_number_reflns_all                     ? 
_refine.pdbx_ls_sigma_I                          ? 
_refine.pdbx_ls_sigma_F                          1.340 
_refine.pdbx_data_cutoff_high_absF               ? 
_refine.pdbx_data_cutoff_low_absF                ? 
_refine.pdbx_data_cutoff_high_rms_absF           ? 
_refine.ls_d_res_low                             34.42 
_refine.ls_d_res_high                            2.20 
_refine.ls_percent_reflns_obs                    99.1 
_refine.ls_R_factor_obs                          0.271 
_refine.ls_R_factor_all                          ? 
_refine.ls_R_factor_R_work                       0.269 
_refine.ls_R_factor_R_free                       0.325 
_refine.ls_R_factor_R_free_error                 ? 
_refine.ls_R_factor_R_free_error_details         ? 
_refine.ls_percent_reflns_R_free                 4.010 
_refine.ls_number_reflns_R_free                  191 
_refine.ls_number_parameters                     ? 
_refine.ls_number_restraints                     ? 
_refine.occupancy_min                            ? 
_refine.occupancy_max                            ? 
_refine.correlation_coeff_Fo_to_Fc               ? 
_refine.correlation_coeff_Fo_to_Fc_free          ? 
_refine.B_iso_mean                               68.98 
_refine.aniso_B[1][1]                            ? 
_refine.aniso_B[2][2]                            ? 
_refine.aniso_B[3][3]                            ? 
_refine.aniso_B[1][2]                            ? 
_refine.aniso_B[1][3]                            ? 
_refine.aniso_B[2][3]                            ? 
_refine.solvent_model_details                    'FLAT BULK SOLVENT MODEL' 
_refine.solvent_model_param_ksol                 ? 
_refine.solvent_model_param_bsol                 ? 
_refine.pdbx_solvent_vdw_probe_radii             1.11 
_refine.pdbx_solvent_ion_probe_radii             ? 
_refine.pdbx_solvent_shrinkage_radii             0.90 
_refine.pdbx_ls_cross_valid_method               'FREE R-VALUE' 
_refine.details                                  ? 
_refine.pdbx_starting_model                      7DES 
_refine.pdbx_method_to_determine_struct          'MOLECULAR REPLACEMENT' 
_refine.pdbx_isotropic_thermal_model             ? 
_refine.pdbx_stereochemistry_target_values       'GEOSTD + MONOMER LIBRARY + CDL V1.2' 
_refine.pdbx_stereochem_target_val_spec_case     ? 
_refine.pdbx_R_Free_selection_details            ? 
_refine.pdbx_overall_ESU_R                       ? 
_refine.pdbx_overall_ESU_R_Free                  ? 
_refine.overall_SU_ML                            0.227 
_refine.pdbx_overall_phase_error                 32.892 
_refine.overall_SU_B                             ? 
_refine.overall_SU_R_Cruickshank_DPI             ? 
_refine.pdbx_overall_SU_R_free_Cruickshank_DPI   ? 
_refine.pdbx_overall_SU_R_Blow_DPI               ? 
_refine.pdbx_overall_SU_R_free_Blow_DPI          ? 
# 
_refine_hist.pdbx_refine_id                   'X-RAY DIFFRACTION' 
_refine_hist.cycle_id                         LAST 
_refine_hist.pdbx_number_atoms_protein        733 
_refine_hist.pdbx_number_atoms_nucleic_acid   0 
_refine_hist.pdbx_number_atoms_ligand         48 
_refine_hist.number_atoms_solvent             6 
_refine_hist.number_atoms_total               787 
_refine_hist.d_res_high                       2.20 
_refine_hist.d_res_low                        34.42 
# 
loop_
_refine_ls_restr.type 
_refine_ls_restr.dev_ideal 
_refine_ls_restr.dev_ideal_target 
_refine_ls_restr.weight 
_refine_ls_restr.number 
_refine_ls_restr.pdbx_refine_id 
_refine_ls_restr.pdbx_restraint_function 
f_bond_d           0.002  ? ? 802  'X-RAY DIFFRACTION' ? 
f_angle_d          0.476  ? ? 1099 'X-RAY DIFFRACTION' ? 
f_dihedral_angle_d 18.216 ? ? 299  'X-RAY DIFFRACTION' ? 
f_chiral_restr     0.037  ? ? 117  'X-RAY DIFFRACTION' ? 
f_plane_restr      0.002  ? ? 136  'X-RAY DIFFRACTION' ? 
# 
_refine_ls_shell.pdbx_refine_id                   'X-RAY DIFFRACTION' 
_refine_ls_shell.pdbx_total_number_of_bins_used   ? 
_refine_ls_shell.d_res_high                       2.2000 
_refine_ls_shell.d_res_low                        2.2000 
_refine_ls_shell.number_reflns_R_work             4571 
_refine_ls_shell.R_factor_R_work                  0.2689 
_refine_ls_shell.percent_reflns_obs               99.00 
_refine_ls_shell.R_factor_R_free                  0.3251 
_refine_ls_shell.R_factor_R_free_error            ? 
_refine_ls_shell.percent_reflns_R_free            ? 
_refine_ls_shell.number_reflns_R_free             191 
_refine_ls_shell.number_reflns_all                ? 
_refine_ls_shell.R_factor_all                     ? 
_refine_ls_shell.R_factor_obs                     ? 
_refine_ls_shell.number_reflns_obs                ? 
# 
_struct.entry_id                     7FC7 
_struct.title                        
'Acyl-Coenzyme A Binding Protein 96 (LMJ_17_0780) of Leishmania Major in complex with Coenzyme A' 
_struct.pdbx_model_details           ? 
_struct.pdbx_formula_weight          ? 
_struct.pdbx_formula_weight_method   ? 
_struct.pdbx_model_type_details      ? 
_struct.pdbx_CASP_flag               N 
# 
_struct_keywords.entry_id        7FC7 
_struct_keywords.text            'Fatty-acyl-coA-binding protein, LIPID BINDING PROTEIN' 
_struct_keywords.pdbx_keywords   'LIPID BINDING PROTEIN' 
# 
loop_
_struct_asym.id 
_struct_asym.pdbx_blank_PDB_chainid_flag 
_struct_asym.pdbx_modified 
_struct_asym.entity_id 
_struct_asym.details 
A N N 1 ? 
B N N 2 ? 
C N N 3 ? 
# 
loop_
_struct_conf.conf_type_id 
_struct_conf.id 
_struct_conf.pdbx_PDB_helix_id 
_struct_conf.beg_label_comp_id 
_struct_conf.beg_label_asym_id 
_struct_conf.beg_label_seq_id 
_struct_conf.pdbx_beg_PDB_ins_code 
_struct_conf.end_label_comp_id 
_struct_conf.end_label_asym_id 
_struct_conf.end_label_seq_id 
_struct_conf.pdbx_end_PDB_ins_code 
_struct_conf.beg_auth_comp_id 
_struct_conf.beg_auth_asym_id 
_struct_conf.beg_auth_seq_id 
_struct_conf.end_auth_comp_id 
_struct_conf.end_auth_asym_id 
_struct_conf.end_auth_seq_id 
_struct_conf.pdbx_PDB_helix_class 
_struct_conf.details 
_struct_conf.pdbx_PDB_helix_length 
HELX_P HELX_P1 AA1 SER A 2  ? SER A 15 ? SER A 2  SER A 15 1 ? 14 
HELX_P HELX_P2 AA2 ASP A 25 ? GLU A 41 ? ASP A 25 GLU A 41 1 ? 17 
HELX_P HELX_P3 AA3 GLN A 53 ? CYS A 66 ? GLN A 53 CYS A 66 1 ? 14 
HELX_P HELX_P4 AA4 LYS A 70 ? GLN A 88 ? LYS A 70 GLN A 88 1 ? 19 
# 
_struct_conf_type.id          HELX_P 
_struct_conf_type.criteria    ? 
_struct_conf_type.reference   ? 
# 
_atom_sites.entry_id                    7FC7 
_atom_sites.fract_transf_matrix[1][1]   0.02005322 
_atom_sites.fract_transf_matrix[1][2]   -0.01282506 
_atom_sites.fract_transf_matrix[1][3]   -0.01051060 
_atom_sites.fract_transf_matrix[2][1]   0.02401763 
_atom_sites.fract_transf_matrix[2][2]   0.00989258 
_atom_sites.fract_transf_matrix[2][3]   0.00154364 
_atom_sites.fract_transf_matrix[3][1]   0.00185591 
_atom_sites.fract_transf_matrix[3][2]   -0.00624801 
_atom_sites.fract_transf_matrix[3][3]   0.01116473 
_atom_sites.fract_transf_vector[1]      0.471901 
_atom_sites.fract_transf_vector[2]      0.146223 
_atom_sites.fract_transf_vector[3]      0.133431 
# 
loop_
_atom_type.symbol 
_atom_type.scat_dispersion_real 
_atom_type.scat_dispersion_imag 
_atom_type.scat_Cromer_Mann_a1 
_atom_type.scat_Cromer_Mann_a2 
_atom_type.scat_Cromer_Mann_a3 
_atom_type.scat_Cromer_Mann_a4 
_atom_type.scat_Cromer_Mann_b1 
_atom_type.scat_Cromer_Mann_b2 
_atom_type.scat_Cromer_Mann_b3 
_atom_type.scat_Cromer_Mann_b4 
_atom_type.scat_Cromer_Mann_c 
_atom_type.scat_source 
_atom_type.scat_dispersion_source 
C ? ? 3.54356 2.42580 ? ? 25.62398 1.50364  ? ? 0.0 
;2-Gaussian fit: Grosse-Kunstleve RW, Sauter NK, Adams PD: Newsletter of the IUCr Commission on Crystallographic Computing 2004, 3, 22-31.
;
? 
N ? ? 4.01032 2.96436 ? ? 19.97189 1.75589  ? ? 0.0 
;2-Gaussian fit: Grosse-Kunstleve RW, Sauter NK, Adams PD: Newsletter of the IUCr Commission on Crystallographic Computing 2004, 3, 22-31.
;
? 
O ? ? 4.49882 3.47563 ? ? 15.80542 1.70748  ? ? 0.0 
;2-Gaussian fit: Grosse-Kunstleve RW, Sauter NK, Adams PD: Newsletter of the IUCr Commission on Crystallographic Computing 2004, 3, 22-31.
;
? 
P ? ? 9.51135 5.44231 ? ? 1.42069  35.72801 ? ? 0.0 
;2-Gaussian fit: Grosse-Kunstleve RW, Sauter NK, Adams PD: Newsletter of the IUCr Commission on Crystallographic Computing 2004, 3, 22-31.
;
? 
S ? ? 9.55732 6.39887 ? ? 1.23737  29.19336 ? ? 0.0 
;2-Gaussian fit: Grosse-Kunstleve RW, Sauter NK, Adams PD: Newsletter of the IUCr Commission on Crystallographic Computing 2004, 3, 22-31.
;
? 
# 
loop_
_atom_site.group_PDB 
_atom_site.id 
_atom_site.type_symbol 
_atom_site.label_atom_id 
_atom_site.label_alt_id 
_atom_site.label_comp_id 
_atom_site.label_asym_id 
_atom_site.label_entity_id 
_atom_site.label_seq_id 
_atom_site.pdbx_PDB_ins_code 
_atom_site.Cartn_x 
_atom_site.Cartn_y 
_atom_site.Cartn_z 
_atom_site.occupancy 
_atom_site.B_iso_or_equiv 
_atom_site.pdbx_formal_charge 
_atom_site.auth_seq_id 
_atom_site.auth_comp_id 
_atom_site.auth_asym_id 
_atom_site.auth_atom_id 
_atom_site.pdbx_PDB_model_num 
ATOM   1   N N   . MET A 1 1  ? -2.860  -2.095  14.764  1.00 93.65  ? 1   MET A N   1 
ATOM   2   C CA  . MET A 1 1  ? -4.209  -2.058  14.211  1.00 83.92  ? 1   MET A CA  1 
ATOM   3   C C   . MET A 1 1  ? -4.798  -3.463  14.139  1.00 87.99  ? 1   MET A C   1 
ATOM   4   O O   . MET A 1 1  ? -4.065  -4.448  14.025  1.00 85.63  ? 1   MET A O   1 
ATOM   5   C CB  . MET A 1 1  ? -4.204  -1.422  12.820  1.00 85.07  ? 1   MET A CB  1 
ATOM   6   C CG  . MET A 1 1  ? -3.426  -0.116  12.721  1.00 83.74  ? 1   MET A CG  1 
ATOM   7   S SD  . MET A 1 1  ? -4.313  1.327   13.341  1.00 89.09  ? 1   MET A SD  1 
ATOM   8   C CE  . MET A 1 1  ? -3.089  2.610   13.078  1.00 73.29  ? 1   MET A CE  1 
ATOM   9   N N   . SER A 1 2  ? -6.124  -3.552  14.205  1.00 87.99  ? 2   SER A N   1 
ATOM   10  C CA  . SER A 1 2  ? -6.792  -4.839  14.097  1.00 86.26  ? 2   SER A CA  1 
ATOM   11  C C   . SER A 1 2  ? -6.696  -5.373  12.670  1.00 82.66  ? 2   SER A C   1 
ATOM   12  O O   . SER A 1 2  ? -6.356  -4.652  11.727  1.00 79.12  ? 2   SER A O   1 
ATOM   13  C CB  . SER A 1 2  ? -8.257  -4.719  14.520  1.00 84.79  ? 2   SER A CB  1 
ATOM   14  O OG  . SER A 1 2  ? -8.909  -5.975  14.456  1.00 104.22 ? 2   SER A OG  1 
ATOM   15  N N   . ALA A 1 3  ? -6.994  -6.666  12.521  1.00 80.86  ? 3   ALA A N   1 
ATOM   16  C CA  . ALA A 1 3  ? -6.941  -7.288  11.202  1.00 77.08  ? 3   ALA A CA  1 
ATOM   17  C C   . ALA A 1 3  ? -8.083  -6.805  10.320  1.00 78.51  ? 3   ALA A C   1 
ATOM   18  O O   . ALA A 1 3  ? -7.890  -6.563  9.122   1.00 72.50  ? 3   ALA A O   1 
ATOM   19  C CB  . ALA A 1 3  ? -6.971  -8.809  11.337  1.00 86.33  ? 3   ALA A CB  1 
ATOM   20  N N   . ALA A 1 4  ? -9.280  -6.665  10.894  1.00 78.23  ? 4   ALA A N   1 
ATOM   21  C CA  . ALA A 1 4  ? -10.404 -6.112  10.153  1.00 76.38  ? 4   ALA A CA  1 
ATOM   22  C C   . ALA A 1 4  ? -10.182 -4.653  9.781   1.00 70.31  ? 4   ALA A C   1 
ATOM   23  O O   . ALA A 1 4  ? -10.781 -4.178  8.812   1.00 73.04  ? 4   ALA A O   1 
ATOM   24  C CB  . ALA A 1 4  ? -11.694 -6.256  10.963  1.00 76.72  ? 4   ALA A CB  1 
ATOM   25  N N   . ASP A 1 5  ? -9.339  -3.932  10.528  1.00 73.22  ? 5   ASP A N   1 
ATOM   26  C CA  . ASP A 1 5  ? -8.977  -2.576  10.131  1.00 72.63  ? 5   ASP A CA  1 
ATOM   27  C C   . ASP A 1 5  ? -8.170  -2.588  8.842   1.00 70.22  ? 5   ASP A C   1 
ATOM   28  O O   . ASP A 1 5  ? -8.306  -1.688  8.006   1.00 65.91  ? 5   ASP A O   1 
ATOM   29  C CB  . ASP A 1 5  ? -8.194  -1.895  11.252  1.00 70.74  ? 5   ASP A CB  1 
ATOM   30  C CG  . ASP A 1 5  ? -9.053  -1.592  12.458  1.00 78.93  ? 5   ASP A CG  1 
ATOM   31  O OD1 . ASP A 1 5  ? -10.260 -1.911  12.423  1.00 78.96  ? 5   ASP A OD1 1 
ATOM   32  O OD2 . ASP A 1 5  ? -8.521  -1.033  13.440  1.00 86.44  ? 5   ASP A OD2 1 
ATOM   33  N N   . PHE A 1 6  ? -7.322  -3.602  8.665   1.00 71.57  ? 6   PHE A N   1 
ATOM   34  C CA  . PHE A 1 6  ? -6.570  -3.735  7.424   1.00 68.16  ? 6   PHE A CA  1 
ATOM   35  C C   . PHE A 1 6  ? -7.470  -4.180  6.280   1.00 67.78  ? 6   PHE A C   1 
ATOM   36  O O   . PHE A 1 6  ? -7.363  -3.659  5.163   1.00 62.96  ? 6   PHE A O   1 
ATOM   37  C CB  . PHE A 1 6  ? -5.415  -4.718  7.623   1.00 68.98  ? 6   PHE A CB  1 
ATOM   38  C CG  . PHE A 1 6  ? -4.790  -5.195  6.342   1.00 75.07  ? 6   PHE A CG  1 
ATOM   39  C CD1 . PHE A 1 6  ? -3.859  -4.417  5.675   1.00 64.77  ? 6   PHE A CD1 1 
ATOM   40  C CD2 . PHE A 1 6  ? -5.125  -6.432  5.813   1.00 72.02  ? 6   PHE A CD2 1 
ATOM   41  C CE1 . PHE A 1 6  ? -3.281  -4.860  4.500   1.00 65.52  ? 6   PHE A CE1 1 
ATOM   42  C CE2 . PHE A 1 6  ? -4.551  -6.879  4.639   1.00 71.06  ? 6   PHE A CE2 1 
ATOM   43  C CZ  . PHE A 1 6  ? -3.627  -6.092  3.983   1.00 65.88  ? 6   PHE A CZ  1 
ATOM   44  N N   . GLU A 1 7  ? -8.370  -5.135  6.540   1.00 63.52  ? 7   GLU A N   1 
ATOM   45  C CA  . GLU A 1 7  ? -9.282  -5.596  5.500   1.00 67.68  ? 7   GLU A CA  1 
ATOM   46  C C   . GLU A 1 7  ? -10.221 -4.488  5.045   1.00 64.78  ? 7   GLU A C   1 
ATOM   47  O O   . GLU A 1 7  ? -10.613 -4.453  3.874   1.00 56.82  ? 7   GLU A O   1 
ATOM   48  C CB  . GLU A 1 7  ? -10.084 -6.803  5.992   1.00 68.29  ? 7   GLU A CB  1 
ATOM   49  C CG  . GLU A 1 7  ? -9.240  -8.032  6.312   1.00 71.47  ? 7   GLU A CG  1 
ATOM   50  C CD  . GLU A 1 7  ? -8.662  -8.694  5.072   1.00 82.34  ? 7   GLU A CD  1 
ATOM   51  O OE1 . GLU A 1 7  ? -9.133  -8.392  3.953   1.00 75.93  ? 7   GLU A OE1 1 
ATOM   52  O OE2 . GLU A 1 7  ? -7.737  -9.523  5.222   1.00 77.35  ? 7   GLU A OE2 1 
ATOM   53  N N   . ALA A 1 8  ? -10.591 -3.579  5.950   1.00 64.80  ? 8   ALA A N   1 
ATOM   54  C CA  . ALA A 1 8  ? -11.398 -2.428  5.566   1.00 72.66  ? 8   ALA A CA  1 
ATOM   55  C C   . ALA A 1 8  ? -10.574 -1.379  4.831   1.00 62.11  ? 8   ALA A C   1 
ATOM   56  O O   . ALA A 1 8  ? -11.100 -0.684  3.958   1.00 62.28  ? 8   ALA A O   1 
ATOM   57  C CB  . ALA A 1 8  ? -12.057 -1.810  6.799   1.00 62.54  ? 8   ALA A CB  1 
ATOM   58  N N   . ALA A 1 9  ? -9.290  -1.248  5.178   1.00 61.95  ? 9   ALA A N   1 
ATOM   59  C CA  . ALA A 1 9  ? -8.416  -0.347  4.438   1.00 62.20  ? 9   ALA A CA  1 
ATOM   60  C C   . ALA A 1 9  ? -8.227  -0.829  3.006   1.00 59.91  ? 9   ALA A C   1 
ATOM   61  O O   . ALA A 1 9  ? -8.222  -0.026  2.067   1.00 59.04  ? 9   ALA A O   1 
ATOM   62  C CB  . ALA A 1 9  ? -7.068  -0.226  5.147   1.00 58.75  ? 9   ALA A CB  1 
ATOM   63  N N   . VAL A 1 10 ? -8.070  -2.142  2.826   1.00 59.93  ? 10  VAL A N   1 
ATOM   64  C CA  . VAL A 1 10 ? -7.950  -2.709  1.488   1.00 60.35  ? 10  VAL A CA  1 
ATOM   65  C C   . VAL A 1 10 ? -9.239  -2.505  0.703   1.00 59.81  ? 10  VAL A C   1 
ATOM   66  O O   . VAL A 1 10 ? -9.211  -2.225  -0.501  1.00 55.03  ? 10  VAL A O   1 
ATOM   67  C CB  . VAL A 1 10 ? -7.564  -4.198  1.583   1.00 56.93  ? 10  VAL A CB  1 
ATOM   68  C CG1 . VAL A 1 10 ? -7.726  -4.892  0.241   1.00 57.72  ? 10  VAL A CG1 1 
ATOM   69  C CG2 . VAL A 1 10 ? -6.135  -4.339  2.084   1.00 59.45  ? 10  VAL A CG2 1 
ATOM   70  N N   . ALA A 1 11 ? -10.387 -2.626  1.373   1.00 58.41  ? 11  ALA A N   1 
ATOM   71  C CA  . ALA A 1 11 ? -11.661 -2.433  0.687   1.00 60.41  ? 11  ALA A CA  1 
ATOM   72  C C   . ALA A 1 11 ? -11.870 -0.973  0.300   1.00 58.17  ? 11  ALA A C   1 
ATOM   73  O O   . ALA A 1 11 ? -12.390 -0.683  -0.783  1.00 65.92  ? 11  ALA A O   1 
ATOM   74  C CB  . ALA A 1 11 ? -12.810 -2.925  1.565   1.00 58.05  ? 11  ALA A CB  1 
ATOM   75  N N   . TYR A 1 12 ? -11.482 -0.041  1.176   1.00 56.89  ? 12  TYR A N   1 
ATOM   76  C CA  . TYR A 1 12 ? -11.631 1.377   0.862   1.00 60.23  ? 12  TYR A CA  1 
ATOM   77  C C   . TYR A 1 12 ? -10.793 1.758   -0.352  1.00 58.34  ? 12  TYR A C   1 
ATOM   78  O O   . TYR A 1 12 ? -11.244 2.525   -1.210  1.00 62.97  ? 12  TYR A O   1 
ATOM   79  C CB  . TYR A 1 12 ? -11.247 2.227   2.076   1.00 60.16  ? 12  TYR A CB  1 
ATOM   80  C CG  . TYR A 1 12 ? -11.243 3.721   1.825   1.00 60.47  ? 12  TYR A CG  1 
ATOM   81  C CD1 . TYR A 1 12 ? -12.387 4.485   2.032   1.00 61.60  ? 12  TYR A CD1 1 
ATOM   82  C CD2 . TYR A 1 12 ? -10.091 4.371   1.399   1.00 59.42  ? 12  TYR A CD2 1 
ATOM   83  C CE1 . TYR A 1 12 ? -12.383 5.853   1.803   1.00 62.06  ? 12  TYR A CE1 1 
ATOM   84  C CE2 . TYR A 1 12 ? -10.080 5.734   1.167   1.00 60.50  ? 12  TYR A CE2 1 
ATOM   85  C CZ  . TYR A 1 12 ? -11.226 6.470   1.372   1.00 61.02  ? 12  TYR A CZ  1 
ATOM   86  O OH  . TYR A 1 12 ? -11.207 7.826   1.147   1.00 60.76  ? 12  TYR A OH  1 
ATOM   87  N N   . VAL A 1 13 ? -9.569  1.233   -0.439  1.00 56.47  ? 13  VAL A N   1 
ATOM   88  C CA  . VAL A 1 13 ? -8.731  1.488   -1.607  1.00 57.86  ? 13  VAL A CA  1 
ATOM   89  C C   . VAL A 1 13 ? -9.362  0.892   -2.859  1.00 55.92  ? 13  VAL A C   1 
ATOM   90  O O   . VAL A 1 13 ? -9.391  1.527   -3.919  1.00 54.38  ? 13  VAL A O   1 
ATOM   91  C CB  . VAL A 1 13 ? -7.310  0.941   -1.372  1.00 61.15  ? 13  VAL A CB  1 
ATOM   92  C CG1 . VAL A 1 13 ? -6.471  1.058   -2.640  1.00 56.92  ? 13  VAL A CG1 1 
ATOM   93  C CG2 . VAL A 1 13 ? -6.641  1.674   -0.223  1.00 59.01  ? 13  VAL A CG2 1 
ATOM   94  N N   . ARG A 1 14 ? -9.895  -0.327  -2.753  1.00 56.24  ? 14  ARG A N   1 
ATOM   95  C CA  . ARG A 1 14 ? -10.478 -0.994  -3.909  1.00 57.54  ? 14  ARG A CA  1 
ATOM   96  C C   . ARG A 1 14 ? -11.832 -0.415  -4.301  1.00 57.37  ? 14  ARG A C   1 
ATOM   97  O O   . ARG A 1 14 ? -12.280 -0.641  -5.429  1.00 62.25  ? 14  ARG A O   1 
ATOM   98  C CB  . ARG A 1 14 ? -10.605 -2.493  -3.634  1.00 56.14  ? 14  ARG A CB  1 
ATOM   99  C CG  . ARG A 1 14 ? -9.269  -3.220  -3.630  1.00 56.64  ? 14  ARG A CG  1 
ATOM   100 C CD  . ARG A 1 14 ? -9.394  -4.644  -3.105  1.00 59.97  ? 14  ARG A CD  1 
ATOM   101 N NE  . ARG A 1 14 ? -8.135  -5.374  -3.236  1.00 59.89  ? 14  ARG A NE  1 
ATOM   102 C CZ  . ARG A 1 14 ? -7.926  -6.598  -2.760  1.00 62.31  ? 14  ARG A CZ  1 
ATOM   103 N NH1 . ARG A 1 14 ? -6.748  -7.185  -2.928  1.00 65.29  ? 14  ARG A NH1 1 
ATOM   104 N NH2 . ARG A 1 14 ? -8.890  -7.232  -2.107  1.00 62.34  ? 14  ARG A NH2 1 
ATOM   105 N N   . SER A 1 15 ? -12.486 0.324   -3.407  1.00 56.63  ? 15  SER A N   1 
ATOM   106 C CA  . SER A 1 15 ? -13.763 0.960   -3.705  1.00 55.62  ? 15  SER A CA  1 
ATOM   107 C C   . SER A 1 15 ? -13.625 2.413   -4.145  1.00 51.68  ? 15  SER A C   1 
ATOM   108 O O   . SER A 1 15 ? -14.639 3.050   -4.449  1.00 53.14  ? 15  SER A O   1 
ATOM   109 C CB  . SER A 1 15 ? -14.693 0.885   -2.486  1.00 52.96  ? 15  SER A CB  1 
ATOM   110 O OG  . SER A 1 15 ? -14.950 -0.458  -2.122  1.00 65.76  ? 15  SER A OG  1 
ATOM   111 N N   . LEU A 1 16 ? -12.412 2.953   -4.176  1.00 47.23  ? 16  LEU A N   1 
ATOM   112 C CA  . LEU A 1 16 ? -12.212 4.338   -4.579  1.00 54.53  ? 16  LEU A CA  1 
ATOM   113 C C   . LEU A 1 16 ? -12.714 4.542   -5.994  1.00 49.59  ? 16  LEU A C   1 
ATOM   114 O O   . LEU A 1 16 ? -12.267 3.832   -6.912  1.00 45.40  ? 16  LEU A O   1 
ATOM   115 C CB  . LEU A 1 16 ? -10.740 4.722   -4.492  1.00 53.28  ? 16  LEU A CB  1 
ATOM   116 C CG  . LEU A 1 16 ? -10.237 5.128   -3.110  1.00 59.04  ? 16  LEU A CG  1 
ATOM   117 C CD1 . LEU A 1 16 ? -8.750  5.429   -3.166  1.00 54.10  ? 16  LEU A CD1 1 
ATOM   118 C CD2 . LEU A 1 16 ? -11.011 6.330   -2.593  1.00 56.04  ? 16  LEU A CD2 1 
ATOM   119 N N   . PRO A 1 17 ? -13.644 5.464   -6.235  1.00 55.17  ? 17  PRO A N   1 
ATOM   120 C CA  . PRO A 1 17 ? -14.132 5.710   -7.589  1.00 56.48  ? 17  PRO A CA  1 
ATOM   121 C C   . PRO A 1 17 ? -13.129 6.522   -8.396  1.00 60.25  ? 17  PRO A C   1 
ATOM   122 O O   . PRO A 1 17 ? -12.202 7.139   -7.865  1.00 58.69  ? 17  PRO A O   1 
ATOM   123 C CB  . PRO A 1 17 ? -15.431 6.487   -7.363  1.00 56.40  ? 17  PRO A CB  1 
ATOM   124 C CG  . PRO A 1 17 ? -15.182 7.226   -6.093  1.00 57.09  ? 17  PRO A CG  1 
ATOM   125 C CD  . PRO A 1 17 ? -14.326 6.320   -5.242  1.00 54.58  ? 17  PRO A CD  1 
ATOM   126 N N   . LYS A 1 18 ? -13.332 6.512   -9.714  1.00 61.54  ? 18  LYS A N   1 
ATOM   127 C CA  . LYS A 1 18 ? -12.459 7.265   -10.608 1.00 65.90  ? 18  LYS A CA  1 
ATOM   128 C C   . LYS A 1 18 ? -12.532 8.758   -10.310 1.00 70.46  ? 18  LYS A C   1 
ATOM   129 O O   . LYS A 1 18 ? -11.513 9.406   -10.041 1.00 71.26  ? 18  LYS A O   1 
ATOM   130 C CB  . LYS A 1 18 ? -12.836 6.977   -12.062 1.00 68.59  ? 18  LYS A CB  1 
ATOM   131 C CG  . LYS A 1 18 ? -12.180 7.898   -13.071 1.00 69.49  ? 18  LYS A CG  1 
ATOM   132 C CD  . LYS A 1 18 ? -12.472 7.447   -14.494 1.00 69.64  ? 18  LYS A CD  1 
ATOM   133 C CE  . LYS A 1 18 ? -13.967 7.396   -14.773 1.00 68.52  ? 18  LYS A CE  1 
ATOM   134 N NZ  . LYS A 1 18 ? -14.564 8.758   -14.863 1.00 73.32  ? 18  LYS A NZ  1 
ATOM   135 N N   . ASP A 1 19 ? -13.736 9.319   -10.341 1.00 70.91  ? 19  ASP A N   1 
ATOM   136 C CA  . ASP A 1 19 ? -13.967 10.716  -9.997  1.00 76.94  ? 19  ASP A CA  1 
ATOM   137 C C   . ASP A 1 19 ? -14.418 10.775  -8.542  1.00 75.34  ? 19  ASP A C   1 
ATOM   138 O O   . ASP A 1 19 ? -15.552 10.404  -8.223  1.00 75.24  ? 19  ASP A O   1 
ATOM   139 C CB  . ASP A 1 19 ? -15.006 11.345  -10.924 1.00 75.58  ? 19  ASP A CB  1 
ATOM   140 C CG  . ASP A 1 19 ? -14.617 11.248  -12.388 1.00 86.28  ? 19  ASP A CG  1 
ATOM   141 O OD1 . ASP A 1 19 ? -14.672 10.134  -12.948 1.00 95.67  ? 19  ASP A OD1 1 
ATOM   142 O OD2 . ASP A 1 19 ? -14.260 12.288  -12.982 1.00 88.83  ? 19  ASP A OD2 1 
ATOM   143 N N   . GLY A 1 20 ? -13.533 11.234  -7.663  1.00 76.42  ? 20  GLY A N   1 
ATOM   144 C CA  . GLY A 1 20 ? -13.836 11.311  -6.254  1.00 76.07  ? 20  GLY A CA  1 
ATOM   145 C C   . GLY A 1 20 ? -12.942 12.284  -5.514  1.00 76.08  ? 20  GLY A C   1 
ATOM   146 O O   . GLY A 1 20 ? -11.930 12.761  -6.038  1.00 73.64  ? 20  GLY A O   1 
ATOM   147 N N   . PRO A 1 21 ? -13.302 12.595  -4.265  1.00 78.90  ? 21  PRO A N   1 
ATOM   148 C CA  . PRO A 1 21 ? -12.490 13.544  -3.487  1.00 79.74  ? 21  PRO A CA  1 
ATOM   149 C C   . PRO A 1 21 ? -11.119 13.011  -3.111  1.00 76.53  ? 21  PRO A C   1 
ATOM   150 O O   . PRO A 1 21 ? -10.242 13.807  -2.756  1.00 79.22  ? 21  PRO A O   1 
ATOM   151 C CB  . PRO A 1 21 ? -13.352 13.802  -2.242  1.00 83.70  ? 21  PRO A CB  1 
ATOM   152 C CG  . PRO A 1 21 ? -14.171 12.563  -2.097  1.00 84.05  ? 21  PRO A CG  1 
ATOM   153 C CD  . PRO A 1 21 ? -14.456 12.092  -3.500  1.00 81.47  ? 21  PRO A CD  1 
ATOM   154 N N   . VAL A 1 22 ? -10.904 11.700  -3.181  1.00 72.05  ? 22  VAL A N   1 
ATOM   155 C CA  . VAL A 1 22 ? -9.634  11.084  -2.819  1.00 70.40  ? 22  VAL A CA  1 
ATOM   156 C C   . VAL A 1 22 ? -9.040  10.453  -4.070  1.00 68.04  ? 22  VAL A C   1 
ATOM   157 O O   . VAL A 1 22 ? -9.647  9.555   -4.669  1.00 68.00  ? 22  VAL A O   1 
ATOM   158 C CB  . VAL A 1 22 ? -9.802  10.039  -1.705  1.00 65.11  ? 22  VAL A CB  1 
ATOM   159 C CG1 . VAL A 1 22 ? -8.463  9.395   -1.374  1.00 64.26  ? 22  VAL A CG1 1 
ATOM   160 C CG2 . VAL A 1 22 ? -10.415 10.680  -0.466  1.00 68.17  ? 22  VAL A CG2 1 
ATOM   161 N N   . GLN A 1 23 ? -7.860  10.925  -4.464  1.00 68.14  ? 23  GLN A N   1 
ATOM   162 C CA  . GLN A 1 23 ? -7.134  10.377  -5.602  1.00 66.58  ? 23  GLN A CA  1 
ATOM   163 C C   . GLN A 1 23 ? -5.707  10.080  -5.165  1.00 64.59  ? 23  GLN A C   1 
ATOM   164 O O   . GLN A 1 23 ? -5.023  10.956  -4.628  1.00 72.78  ? 23  GLN A O   1 
ATOM   165 C CB  . GLN A 1 23 ? -7.137  11.346  -6.790  1.00 66.14  ? 23  GLN A CB  1 
ATOM   166 C CG  . GLN A 1 23 ? -8.528  11.739  -7.285  1.00 71.46  ? 23  GLN A CG  1 
ATOM   167 C CD  . GLN A 1 23 ? -9.283  10.585  -7.925  1.00 74.98  ? 23  GLN A CD  1 
ATOM   168 O OE1 . GLN A 1 23 ? -8.690  9.584   -8.331  1.00 83.97  ? 23  GLN A OE1 1 
ATOM   169 N NE2 . GLN A 1 23 ? -10.601 10.721  -8.016  1.00 73.72  ? 23  GLN A NE2 1 
ATOM   170 N N   . LEU A 1 24 ? -5.266  8.845   -5.390  1.00 53.31  ? 24  LEU A N   1 
ATOM   171 C CA  . LEU A 1 24 ? -3.937  8.415   -4.981  1.00 57.83  ? 24  LEU A CA  1 
ATOM   172 C C   . LEU A 1 24 ? -2.923  8.750   -6.067  1.00 54.49  ? 24  LEU A C   1 
ATOM   173 O O   . LEU A 1 24 ? -3.108  8.390   -7.234  1.00 56.21  ? 24  LEU A O   1 
ATOM   174 C CB  . LEU A 1 24 ? -3.925  6.913   -4.682  1.00 54.83  ? 24  LEU A CB  1 
ATOM   175 C CG  . LEU A 1 24 ? -4.208  6.460   -3.243  1.00 58.40  ? 24  LEU A CG  1 
ATOM   176 C CD1 . LEU A 1 24 ? -5.485  7.077   -2.697  1.00 57.47  ? 24  LEU A CD1 1 
ATOM   177 C CD2 . LEU A 1 24 ? -4.271  4.941   -3.160  1.00 55.82  ? 24  LEU A CD2 1 
ATOM   178 N N   . ASP A 1 25 ? -1.856  9.444   -5.681  1.00 50.54  ? 25  ASP A N   1 
ATOM   179 C CA  . ASP A 1 25 ? -0.751  9.678   -6.595  1.00 56.57  ? 25  ASP A CA  1 
ATOM   180 C C   . ASP A 1 25 ? 0.017   8.376   -6.827  1.00 57.78  ? 25  ASP A C   1 
ATOM   181 O O   . ASP A 1 25 ? -0.190  7.370   -6.140  1.00 46.87  ? 25  ASP A O   1 
ATOM   182 C CB  . ASP A 1 25 ? 0.172   10.767  -6.048  1.00 55.48  ? 25  ASP A CB  1 
ATOM   183 C CG  . ASP A 1 25 ? 0.711   10.435  -4.671  1.00 59.52  ? 25  ASP A CG  1 
ATOM   184 O OD1 . ASP A 1 25 ? 1.634   9.599   -4.578  1.00 62.26  ? 25  ASP A OD1 1 
ATOM   185 O OD2 . ASP A 1 25 ? 0.212   11.009  -3.680  1.00 74.16  ? 25  ASP A OD2 1 
ATOM   186 N N   . ASN A 1 26 ? 0.916   8.397   -7.813  1.00 50.60  ? 26  ASN A N   1 
ATOM   187 C CA  . ASN A 1 26 ? 1.644   7.179   -8.155  1.00 56.34  ? 26  ASN A CA  1 
ATOM   188 C C   . ASN A 1 26 ? 2.559   6.736   -7.017  1.00 54.40  ? 26  ASN A C   1 
ATOM   189 O O   . ASN A 1 26 ? 2.711   5.534   -6.765  1.00 48.55  ? 26  ASN A O   1 
ATOM   190 C CB  . ASN A 1 26 ? 2.436   7.383   -9.444  1.00 65.01  ? 26  ASN A CB  1 
ATOM   191 C CG  . ASN A 1 26 ? 1.540   7.467   -10.665 1.00 81.46  ? 26  ASN A CG  1 
ATOM   192 O OD1 . ASN A 1 26 ? 0.447   6.900   -10.688 1.00 68.51  ? 26  ASN A OD1 1 
ATOM   193 N ND2 . ASN A 1 26 ? 2.003   8.173   -11.690 1.00 76.91  ? 26  ASN A ND2 1 
ATOM   194 N N   . ALA A 1 27 ? 3.168   7.693   -6.311  1.00 49.29  ? 27  ALA A N   1 
ATOM   195 C CA  . ALA A 1 27 ? 4.013   7.340   -5.174  1.00 54.83  ? 27  ALA A CA  1 
ATOM   196 C C   . ALA A 1 27 ? 3.208   6.635   -4.088  1.00 52.75  ? 27  ALA A C   1 
ATOM   197 O O   . ALA A 1 27 ? 3.651   5.622   -3.536  1.00 53.93  ? 27  ALA A O   1 
ATOM   198 C CB  . ALA A 1 27 ? 4.695   8.590   -4.617  1.00 46.13  ? 27  ALA A CB  1 
ATOM   199 N N   . ALA A 1 28 ? 2.013   7.146   -3.780  1.00 55.80  ? 28  ALA A N   1 
ATOM   200 C CA  . ALA A 1 28 ? 1.171   6.490   -2.783  1.00 49.84  ? 28  ALA A CA  1 
ATOM   201 C C   . ALA A 1 28 ? 0.713   5.119   -3.263  1.00 53.09  ? 28  ALA A C   1 
ATOM   202 O O   . ALA A 1 28 ? 0.579   4.185   -2.463  1.00 50.02  ? 28  ALA A O   1 
ATOM   203 C CB  . ALA A 1 28 ? -0.029  7.375   -2.448  1.00 50.67  ? 28  ALA A CB  1 
ATOM   204 N N   . LYS A 1 29 ? 0.466   4.975   -4.569  1.00 48.98  ? 29  LYS A N   1 
ATOM   205 C CA  . LYS A 1 29 ? 0.090   3.670   -5.107  1.00 51.29  ? 29  LYS A CA  1 
ATOM   206 C C   . LYS A 1 29 ? 1.204   2.649   -4.909  1.00 54.10  ? 29  LYS A C   1 
ATOM   207 O O   . LYS A 1 29 ? 0.942   1.493   -4.554  1.00 45.30  ? 29  LYS A O   1 
ATOM   208 C CB  . LYS A 1 29 ? -0.264  3.787   -6.590  1.00 49.85  ? 29  LYS A CB  1 
ATOM   209 C CG  . LYS A 1 29 ? -1.608  4.429   -6.870  1.00 53.26  ? 29  LYS A CG  1 
ATOM   210 C CD  . LYS A 1 29 ? -1.886  4.443   -8.370  1.00 55.63  ? 29  LYS A CD  1 
ATOM   211 C CE  . LYS A 1 29 ? -3.240  5.050   -8.678  1.00 55.56  ? 29  LYS A CE  1 
ATOM   212 N NZ  . LYS A 1 29 ? -3.245  6.526   -8.499  1.00 55.93  ? 29  LYS A NZ  1 
ATOM   213 N N   . LEU A 1 30 ? 2.456   3.060   -5.136  1.00 49.10  ? 30  LEU A N   1 
ATOM   214 C CA  . LEU A 1 30 ? 3.588   2.169   -4.904  1.00 53.57  ? 30  LEU A CA  1 
ATOM   215 C C   . LEU A 1 30 ? 3.721   1.824   -3.427  1.00 53.60  ? 30  LEU A C   1 
ATOM   216 O O   . LEU A 1 30 ? 4.070   0.690   -3.078  1.00 54.36  ? 30  LEU A O   1 
ATOM   217 C CB  . LEU A 1 30 ? 4.882   2.807   -5.415  1.00 54.12  ? 30  LEU A CB  1 
ATOM   218 C CG  . LEU A 1 30 ? 5.160   2.774   -6.917  1.00 56.04  ? 30  LEU A CG  1 
ATOM   219 C CD1 . LEU A 1 30 ? 6.433   3.545   -7.230  1.00 58.32  ? 30  LEU A CD1 1 
ATOM   220 C CD2 . LEU A 1 30 ? 5.269   1.336   -7.405  1.00 52.43  ? 30  LEU A CD2 1 
ATOM   221 N N   . GLN A 1 31 ? 3.454   2.789   -2.545  1.00 60.48  ? 31  GLN A N   1 
ATOM   222 C CA  . GLN A 1 31 ? 3.526   2.522   -1.112  1.00 54.21  ? 31  GLN A CA  1 
ATOM   223 C C   . GLN A 1 31 ? 2.512   1.462   -0.704  1.00 52.77  ? 31  GLN A C   1 
ATOM   224 O O   . GLN A 1 31 ? 2.862   0.464   -0.065  1.00 58.70  ? 31  GLN A O   1 
ATOM   225 C CB  . GLN A 1 31 ? 3.304   3.813   -0.323  1.00 58.42  ? 31  GLN A CB  1 
ATOM   226 C CG  . GLN A 1 31 ? 4.385   4.865   -0.528  1.00 63.42  ? 31  GLN A CG  1 
ATOM   227 C CD  . GLN A 1 31 ? 3.960   6.241   -0.047  1.00 68.05  ? 31  GLN A CD  1 
ATOM   228 O OE1 . GLN A 1 31 ? 3.139   6.366   0.860   1.00 71.22  ? 31  GLN A OE1 1 
ATOM   229 N NE2 . GLN A 1 31 ? 4.510   7.283   -0.664  1.00 73.61  ? 31  GLN A NE2 1 
ATOM   230 N N   . PHE A 1 32 ? 1.245   1.661   -1.079  1.00 52.34  ? 32  PHE A N   1 
ATOM   231 C CA  . PHE A 1 32 ? 0.206   0.689   -0.755  1.00 52.49  ? 32  PHE A CA  1 
ATOM   232 C C   . PHE A 1 32 ? 0.470   -0.657  -1.420  1.00 54.97  ? 32  PHE A C   1 
ATOM   233 O O   . PHE A 1 32 ? 0.160   -1.710  -0.848  1.00 51.63  ? 32  PHE A O   1 
ATOM   234 C CB  . PHE A 1 32 ? -1.164  1.226   -1.168  1.00 53.57  ? 32  PHE A CB  1 
ATOM   235 C CG  . PHE A 1 32 ? -1.675  2.333   -0.287  1.00 54.67  ? 32  PHE A CG  1 
ATOM   236 C CD1 . PHE A 1 32 ? -1.914  3.595   -0.805  1.00 58.76  ? 32  PHE A CD1 1 
ATOM   237 C CD2 . PHE A 1 32 ? -1.923  2.111   1.056   1.00 58.90  ? 32  PHE A CD2 1 
ATOM   238 C CE1 . PHE A 1 32 ? -2.388  4.615   0.000   1.00 58.23  ? 32  PHE A CE1 1 
ATOM   239 C CE2 . PHE A 1 32 ? -2.395  3.128   1.869   1.00 62.17  ? 32  PHE A CE2 1 
ATOM   240 C CZ  . PHE A 1 32 ? -2.628  4.382   1.338   1.00 62.58  ? 32  PHE A CZ  1 
ATOM   241 N N   . TYR A 1 33 ? 1.032   -0.644  -2.629  1.00 48.91  ? 33  TYR A N   1 
ATOM   242 C CA  . TYR A 1 33 ? 1.356   -1.898  -3.302  1.00 51.68  ? 33  TYR A CA  1 
ATOM   243 C C   . TYR A 1 33 ? 2.437   -2.661  -2.551  1.00 53.25  ? 33  TYR A C   1 
ATOM   244 O O   . TYR A 1 33 ? 2.343   -3.882  -2.386  1.00 55.00  ? 33  TYR A O   1 
ATOM   245 C CB  . TYR A 1 33 ? 1.801   -1.627  -4.742  1.00 51.32  ? 33  TYR A CB  1 
ATOM   246 C CG  . TYR A 1 33 ? 2.503   -2.802  -5.393  1.00 48.53  ? 33  TYR A CG  1 
ATOM   247 C CD1 . TYR A 1 33 ? 3.887   -2.903  -5.384  1.00 49.28  ? 33  TYR A CD1 1 
ATOM   248 C CD2 . TYR A 1 33 ? 1.777   -3.815  -6.006  1.00 51.63  ? 33  TYR A CD2 1 
ATOM   249 C CE1 . TYR A 1 33 ? 4.530   -3.981  -5.960  1.00 52.73  ? 33  TYR A CE1 1 
ATOM   250 C CE2 . TYR A 1 33 ? 2.411   -4.892  -6.594  1.00 56.87  ? 33  TYR A CE2 1 
ATOM   251 C CZ  . TYR A 1 33 ? 3.786   -4.970  -6.568  1.00 56.78  ? 33  TYR A CZ  1 
ATOM   252 O OH  . TYR A 1 33 ? 4.420   -6.041  -7.150  1.00 61.08  ? 33  TYR A OH  1 
ATOM   253 N N   . SER A 1 34 ? 3.477   -1.956  -2.100  1.00 51.44  ? 34  SER A N   1 
ATOM   254 C CA  . SER A 1 34 ? 4.559   -2.608  -1.373  1.00 57.87  ? 34  SER A CA  1 
ATOM   255 C C   . SER A 1 34 ? 4.062   -3.203  -0.064  1.00 58.24  ? 34  SER A C   1 
ATOM   256 O O   . SER A 1 34 ? 4.358   -4.358  0.256   1.00 61.16  ? 34  SER A O   1 
ATOM   257 C CB  . SER A 1 34 ? 5.687   -1.608  -1.118  1.00 57.90  ? 34  SER A CB  1 
ATOM   258 O OG  . SER A 1 34 ? 5.204   -0.448  -0.462  1.00 59.12  ? 34  SER A OG  1 
ATOM   259 N N   . LEU A 1 35 ? 3.292   -2.429  0.703   1.00 57.82  ? 35  LEU A N   1 
ATOM   260 C CA  . LEU A 1 35 ? 2.818   -2.915  1.996   1.00 61.42  ? 35  LEU A CA  1 
ATOM   261 C C   . LEU A 1 35 ? 1.838   -4.071  1.829   1.00 60.31  ? 35  LEU A C   1 
ATOM   262 O O   . LEU A 1 35 ? 1.830   -5.007  2.637   1.00 65.11  ? 35  LEU A O   1 
ATOM   263 C CB  . LEU A 1 35 ? 2.182   -1.768  2.780   1.00 60.21  ? 35  LEU A CB  1 
ATOM   264 C CG  . LEU A 1 35 ? 3.107   -0.585  3.085   1.00 65.10  ? 35  LEU A CG  1 
ATOM   265 C CD1 . LEU A 1 35 ? 2.366   0.510   3.837   1.00 76.76  ? 35  LEU A CD1 1 
ATOM   266 C CD2 . LEU A 1 35 ? 4.326   -1.040  3.869   1.00 78.52  ? 35  LEU A CD2 1 
ATOM   267 N N   . TYR A 1 36 ? 1.006   -4.027  0.786   1.00 58.45  ? 36  TYR A N   1 
ATOM   268 C CA  . TYR A 1 36 ? 0.054   -5.108  0.545   1.00 60.04  ? 36  TYR A CA  1 
ATOM   269 C C   . TYR A 1 36 ? 0.776   -6.410  0.223   1.00 73.62  ? 36  TYR A C   1 
ATOM   270 O O   . TYR A 1 36 ? 0.462   -7.463  0.791   1.00 67.58  ? 36  TYR A O   1 
ATOM   271 C CB  . TYR A 1 36 ? -0.899  -4.730  -0.590  1.00 58.13  ? 36  TYR A CB  1 
ATOM   272 C CG  . TYR A 1 36 ? -1.926  -5.790  -0.932  1.00 58.34  ? 36  TYR A CG  1 
ATOM   273 C CD1 . TYR A 1 36 ? -3.151  -5.836  -0.280  1.00 58.29  ? 36  TYR A CD1 1 
ATOM   274 C CD2 . TYR A 1 36 ? -1.673  -6.739  -1.916  1.00 59.30  ? 36  TYR A CD2 1 
ATOM   275 C CE1 . TYR A 1 36 ? -4.093  -6.800  -0.592  1.00 59.41  ? 36  TYR A CE1 1 
ATOM   276 C CE2 . TYR A 1 36 ? -2.608  -7.710  -2.234  1.00 60.45  ? 36  TYR A CE2 1 
ATOM   277 C CZ  . TYR A 1 36 ? -3.815  -7.735  -1.569  1.00 62.03  ? 36  TYR A CZ  1 
ATOM   278 O OH  . TYR A 1 36 ? -4.747  -8.698  -1.883  1.00 65.13  ? 36  TYR A OH  1 
ATOM   279 N N   . LYS A 1 37 ? 1.747   -6.357  -0.692  1.00 65.63  ? 37  LYS A N   1 
ATOM   280 C CA  . LYS A 1 37 ? 2.512   -7.555  -1.026  1.00 67.03  ? 37  LYS A CA  1 
ATOM   281 C C   . LYS A 1 37 ? 3.276   -8.076  0.184   1.00 69.28  ? 37  LYS A C   1 
ATOM   282 O O   . LYS A 1 37 ? 3.387   -9.292  0.382   1.00 71.34  ? 37  LYS A O   1 
ATOM   283 C CB  . LYS A 1 37 ? 3.471   -7.260  -2.181  1.00 65.28  ? 37  LYS A CB  1 
ATOM   284 C CG  . LYS A 1 37 ? 2.841   -7.366  -3.559  1.00 65.14  ? 37  LYS A CG  1 
ATOM   285 C CD  . LYS A 1 37 ? 2.309   -8.769  -3.807  1.00 78.19  ? 37  LYS A CD  1 
ATOM   286 C CE  . LYS A 1 37 ? 1.958   -8.979  -5.270  1.00 68.14  ? 37  LYS A CE  1 
ATOM   287 N NZ  . LYS A 1 37 ? 1.349   -10.318 -5.503  1.00 72.92  ? 37  LYS A NZ  1 
ATOM   288 N N   . GLN A 1 38 ? 3.806   -7.170  1.010   1.00 67.62  ? 38  GLN A N   1 
ATOM   289 C CA  . GLN A 1 38 ? 4.572   -7.600  2.173   1.00 70.71  ? 38  GLN A CA  1 
ATOM   290 C C   . GLN A 1 38 ? 3.683   -8.265  3.216   1.00 73.85  ? 38  GLN A C   1 
ATOM   291 O O   . GLN A 1 38 ? 4.125   -9.188  3.909   1.00 75.28  ? 38  GLN A O   1 
ATOM   292 C CB  . GLN A 1 38 ? 5.314   -6.406  2.778   1.00 69.35  ? 38  GLN A CB  1 
ATOM   293 C CG  . GLN A 1 38 ? 6.323   -6.776  3.856   1.00 75.90  ? 38  GLN A CG  1 
ATOM   294 C CD  . GLN A 1 38 ? 7.432   -7.681  3.345   1.00 81.30  ? 38  GLN A CD  1 
ATOM   295 O OE1 . GLN A 1 38 ? 7.840   -7.592  2.186   1.00 72.33  ? 38  GLN A OE1 1 
ATOM   296 N NE2 . GLN A 1 38 ? 7.926   -8.558  4.213   1.00 80.60  ? 38  GLN A NE2 1 
ATOM   297 N N   . ALA A 1 39 ? 2.430   -7.830  3.331   1.00 76.62  ? 39  ALA A N   1 
ATOM   298 C CA  . ALA A 1 39 ? 1.511   -8.371  4.323   1.00 75.10  ? 39  ALA A CA  1 
ATOM   299 C C   . ALA A 1 39 ? 0.690   -9.545  3.809   1.00 76.98  ? 39  ALA A C   1 
ATOM   300 O O   . ALA A 1 39 ? -0.016  -10.178 4.602   1.00 87.05  ? 39  ALA A O   1 
ATOM   301 C CB  . ALA A 1 39 ? 0.566   -7.272  4.820   1.00 70.53  ? 39  ALA A CB  1 
ATOM   302 N N   . THR A 1 40 ? 0.761   -9.855  2.516   1.00 78.86  ? 40  THR A N   1 
ATOM   303 C CA  . THR A 1 40 ? -0.042  -10.918 1.926   1.00 76.06  ? 40  THR A CA  1 
ATOM   304 C C   . THR A 1 40 ? 0.779   -12.031 1.289   1.00 77.89  ? 40  THR A C   1 
ATOM   305 O O   . THR A 1 40 ? 0.340   -13.184 1.303   1.00 78.62  ? 40  THR A O   1 
ATOM   306 C CB  . THR A 1 40 ? -1.000  -10.337 0.870   1.00 73.48  ? 40  THR A CB  1 
ATOM   307 O OG1 . THR A 1 40 ? -1.645  -9.172  1.398   1.00 68.76  ? 40  THR A OG1 1 
ATOM   308 C CG2 . THR A 1 40 ? -2.066  -11.357 0.484   1.00 75.73  ? 40  THR A CG2 1 
ATOM   309 N N   . GLU A 1 41 ? 1.953   -11.726 0.737   1.00 79.23  ? 41  GLU A N   1 
ATOM   310 C CA  . GLU A 1 41 ? 2.776   -12.722 0.067   1.00 75.92  ? 41  GLU A CA  1 
ATOM   311 C C   . GLU A 1 41 ? 4.173   -12.851 0.658   1.00 82.32  ? 41  GLU A C   1 
ATOM   312 O O   . GLU A 1 41 ? 4.960   -13.672 0.173   1.00 93.53  ? 41  GLU A O   1 
ATOM   313 C CB  . GLU A 1 41 ? 2.885   -12.399 -1.431  1.00 79.37  ? 41  GLU A CB  1 
ATOM   314 N N   . GLY A 1 42 ? 4.507   -12.069 1.682   1.00 84.69  ? 42  GLY A N   1 
ATOM   315 C CA  . GLY A 1 42 ? 5.809   -12.169 2.310   1.00 86.37  ? 42  GLY A CA  1 
ATOM   316 C C   . GLY A 1 42 ? 6.877   -11.348 1.619   1.00 87.37  ? 42  GLY A C   1 
ATOM   317 O O   . GLY A 1 42 ? 6.600   -10.254 1.115   1.00 76.65  ? 42  GLY A O   1 
ATOM   318 N N   . ASP A 1 43 ? 8.102   -11.867 1.588   1.00 84.26  ? 43  ASP A N   1 
ATOM   319 C CA  . ASP A 1 43 ? 9.210   -11.142 0.989   1.00 81.17  ? 43  ASP A CA  1 
ATOM   320 C C   . ASP A 1 43 ? 9.102   -11.146 -0.534  1.00 77.29  ? 43  ASP A C   1 
ATOM   321 O O   . ASP A 1 43 ? 8.377   -11.942 -1.136  1.00 78.62  ? 43  ASP A O   1 
ATOM   322 C CB  . ASP A 1 43 ? 10.546  -11.739 1.430   1.00 85.50  ? 43  ASP A CB  1 
ATOM   323 C CG  . ASP A 1 43 ? 10.883  -11.409 2.870   1.00 88.39  ? 43  ASP A CG  1 
ATOM   324 O OD1 . ASP A 1 43 ? 10.190  -10.559 3.467   1.00 89.58  ? 43  ASP A OD1 1 
ATOM   325 O OD2 . ASP A 1 43 ? 11.841  -12.003 3.407   1.00 93.67  ? 43  ASP A OD2 1 
ATOM   326 N N   . VAL A 1 44 ? 9.857   -10.236 -1.156  1.00 75.83  ? 44  VAL A N   1 
ATOM   327 C CA  . VAL A 1 44 ? 9.771   -10.032 -2.595  1.00 73.84  ? 44  VAL A CA  1 
ATOM   328 C C   . VAL A 1 44 ? 10.227  -11.285 -3.342  1.00 77.40  ? 44  VAL A C   1 
ATOM   329 O O   . VAL A 1 44 ? 11.130  -12.010 -2.902  1.00 94.77  ? 44  VAL A O   1 
ATOM   330 C CB  . VAL A 1 44 ? 10.604  -8.802  -2.996  1.00 67.60  ? 44  VAL A CB  1 
ATOM   331 C CG1 . VAL A 1 44 ? 12.089  -9.047  -2.751  1.00 67.96  ? 44  VAL A CG1 1 
ATOM   332 C CG2 . VAL A 1 44 ? 10.342  -8.418  -4.443  1.00 67.08  ? 44  VAL A CG2 1 
ATOM   333 N N   . THR A 1 45 ? 9.584   -11.550 -4.474  1.00 78.85  ? 45  THR A N   1 
ATOM   334 C CA  . THR A 1 45 ? 9.900   -12.696 -5.315  1.00 82.57  ? 45  THR A CA  1 
ATOM   335 C C   . THR A 1 45 ? 10.607  -12.217 -6.577  1.00 79.47  ? 45  THR A C   1 
ATOM   336 O O   . THR A 1 45 ? 10.147  -11.277 -7.234  1.00 78.75  ? 45  THR A O   1 
ATOM   337 C CB  . THR A 1 45 ? 8.633   -13.484 -5.669  1.00 88.47  ? 45  THR A CB  1 
ATOM   338 O OG1 . THR A 1 45 ? 8.919   -14.408 -6.725  1.00 98.38  ? 45  THR A OG1 1 
ATOM   339 C CG2 . THR A 1 45 ? 7.509   -12.549 -6.105  1.00 77.78  ? 45  THR A CG2 1 
ATOM   340 N N   . GLY A 1 46 ? 11.724  -12.857 -6.907  1.00 77.88  ? 46  GLY A N   1 
ATOM   341 C CA  . GLY A 1 46 ? 12.485  -12.528 -8.094  1.00 80.17  ? 46  GLY A CA  1 
ATOM   342 C C   . GLY A 1 46 ? 13.612  -11.552 -7.804  1.00 78.30  ? 46  GLY A C   1 
ATOM   343 O O   . GLY A 1 46 ? 13.753  -11.007 -6.707  1.00 76.47  ? 46  GLY A O   1 
ATOM   344 N N   . SER A 1 47 ? 14.433  -11.338 -8.828  1.00 77.22  ? 47  SER A N   1 
ATOM   345 C CA  . SER A 1 47 ? 15.548  -10.407 -8.766  1.00 75.88  ? 47  SER A CA  1 
ATOM   346 C C   . SER A 1 47 ? 15.155  -9.060  -9.373  1.00 69.82  ? 47  SER A C   1 
ATOM   347 O O   . SER A 1 47 ? 14.121  -8.917  -10.029 1.00 67.07  ? 47  SER A O   1 
ATOM   348 C CB  . SER A 1 47 ? 16.772  -10.987 -9.484  1.00 78.97  ? 47  SER A CB  1 
ATOM   349 O OG  . SER A 1 47 ? 16.456  -11.349 -10.817 1.00 94.25  ? 47  SER A OG  1 
ATOM   350 N N   . GLN A 1 48 ? 16.007  -8.062  -9.139  1.00 71.75  ? 48  GLN A N   1 
ATOM   351 C CA  . GLN A 1 48 ? 15.768  -6.688  -9.561  1.00 67.36  ? 48  GLN A CA  1 
ATOM   352 C C   . GLN A 1 48 ? 15.600  -6.625  -11.075 1.00 62.13  ? 48  GLN A C   1 
ATOM   353 O O   . GLN A 1 48 ? 16.558  -6.877  -11.819 1.00 66.57  ? 48  GLN A O   1 
ATOM   354 C CB  . GLN A 1 48 ? 16.917  -5.786  -9.102  1.00 65.38  ? 48  GLN A CB  1 
ATOM   355 C CG  . GLN A 1 48 ? 16.547  -4.317  -9.004  1.00 64.28  ? 48  GLN A CG  1 
ATOM   356 C CD  . GLN A 1 48 ? 17.664  -3.471  -8.419  1.00 65.85  ? 48  GLN A CD  1 
ATOM   357 O OE1 . GLN A 1 48 ? 18.831  -3.864  -8.439  1.00 73.81  ? 48  GLN A OE1 1 
ATOM   358 N NE2 . GLN A 1 48 ? 17.309  -2.306  -7.888  1.00 62.59  ? 48  GLN A NE2 1 
ATOM   359 N N   . PRO A 1 49 ? 14.407  -6.292  -11.565 1.00 59.26  ? 49  PRO A N   1 
ATOM   360 C CA  . PRO A 1 49 ? 14.143  -6.377  -13.006 1.00 59.41  ? 49  PRO A CA  1 
ATOM   361 C C   . PRO A 1 49 ? 14.929  -5.337  -13.790 1.00 55.34  ? 49  PRO A C   1 
ATOM   362 O O   . PRO A 1 49 ? 15.533  -4.410  -13.244 1.00 51.14  ? 49  PRO A O   1 
ATOM   363 C CB  . PRO A 1 49 ? 12.634  -6.123  -13.118 1.00 57.54  ? 49  PRO A CB  1 
ATOM   364 C CG  . PRO A 1 49 ? 12.095  -6.243  -11.726 1.00 55.78  ? 49  PRO A CG  1 
ATOM   365 C CD  . PRO A 1 49 ? 13.221  -5.853  -10.815 1.00 57.92  ? 49  PRO A CD  1 
ATOM   366 N N   . TRP A 1 50 ? 14.905  -5.515  -15.111 1.00 64.58  ? 50  TRP A N   1 
ATOM   367 C CA  . TRP A 1 50 ? 15.510  -4.552  -16.022 1.00 56.30  ? 50  TRP A CA  1 
ATOM   368 C C   . TRP A 1 50 ? 14.978  -3.155  -15.736 1.00 53.15  ? 50  TRP A C   1 
ATOM   369 O O   . TRP A 1 50 ? 13.767  -2.953  -15.611 1.00 52.86  ? 50  TRP A O   1 
ATOM   370 C CB  . TRP A 1 50 ? 15.210  -4.947  -17.467 1.00 57.25  ? 50  TRP A CB  1 
ATOM   371 C CG  . TRP A 1 50 ? 16.003  -4.193  -18.490 1.00 59.01  ? 50  TRP A CG  1 
ATOM   372 C CD1 . TRP A 1 50 ? 17.030  -3.331  -18.254 1.00 58.96  ? 50  TRP A CD1 1 
ATOM   373 C CD2 . TRP A 1 50 ? 15.833  -4.234  -19.912 1.00 54.83  ? 50  TRP A CD2 1 
ATOM   374 N NE1 . TRP A 1 50 ? 17.516  -2.835  -19.439 1.00 58.14  ? 50  TRP A NE1 1 
ATOM   375 C CE2 . TRP A 1 50 ? 16.798  -3.375  -20.473 1.00 56.12  ? 50  TRP A CE2 1 
ATOM   376 C CE3 . TRP A 1 50 ? 14.957  -4.915  -20.765 1.00 52.95  ? 50  TRP A CE3 1 
ATOM   377 C CZ2 . TRP A 1 50 ? 16.911  -3.174  -21.845 1.00 54.92  ? 50  TRP A CZ2 1 
ATOM   378 C CZ3 . TRP A 1 50 ? 15.075  -4.719  -22.126 1.00 53.91  ? 50  TRP A CZ3 1 
ATOM   379 C CH2 . TRP A 1 50 ? 16.043  -3.855  -22.653 1.00 55.85  ? 50  TRP A CH2 1 
ATOM   380 N N   . ALA A 1 51 ? 15.891  -2.187  -15.621 1.00 55.00  ? 51  ALA A N   1 
ATOM   381 C CA  . ALA A 1 51 ? 15.484  -0.818  -15.328 1.00 57.25  ? 51  ALA A CA  1 
ATOM   382 C C   . ALA A 1 51 ? 14.632  -0.219  -16.436 1.00 57.16  ? 51  ALA A C   1 
ATOM   383 O O   . ALA A 1 51 ? 13.843  0.693   -16.167 1.00 55.76  ? 51  ALA A O   1 
ATOM   384 C CB  . ALA A 1 51 ? 16.714  0.056   -15.080 1.00 61.69  ? 51  ALA A CB  1 
ATOM   385 N N   . VAL A 1 52 ? 14.772  -0.709  -17.673 1.00 53.54  ? 52  VAL A N   1 
ATOM   386 C CA  . VAL A 1 52 ? 13.926  -0.239  -18.766 1.00 54.40  ? 52  VAL A CA  1 
ATOM   387 C C   . VAL A 1 52 ? 12.467  -0.573  -18.489 1.00 57.31  ? 52  VAL A C   1 
ATOM   388 O O   . VAL A 1 52 ? 11.569  0.243   -18.733 1.00 55.39  ? 52  VAL A O   1 
ATOM   389 C CB  . VAL A 1 52 ? 14.408  -0.833  -20.103 1.00 53.55  ? 52  VAL A CB  1 
ATOM   390 C CG1 . VAL A 1 52 ? 13.313  -0.754  -21.155 1.00 52.54  ? 52  VAL A CG1 1 
ATOM   391 C CG2 . VAL A 1 52 ? 15.658  -0.105  -20.574 1.00 53.24  ? 52  VAL A CG2 1 
ATOM   392 N N   . GLN A 1 53 ? 12.207  -1.773  -17.967 1.00 51.03  ? 53  GLN A N   1 
ATOM   393 C CA  . GLN A 1 53 ? 10.877  -2.146  -17.486 1.00 52.57  ? 53  GLN A CA  1 
ATOM   394 C C   . GLN A 1 53 ? 10.579  -1.295  -16.255 1.00 56.99  ? 53  GLN A C   1 
ATOM   395 O O   . GLN A 1 53 ? 10.728  -1.722  -15.107 1.00 42.97  ? 53  GLN A O   1 
ATOM   396 C CB  . GLN A 1 53 ? 10.815  -3.639  -17.178 1.00 52.30  ? 53  GLN A CB  1 
ATOM   397 C CG  . GLN A 1 53 ? 11.240  -4.521  -18.349 1.00 52.56  ? 53  GLN A CG  1 
ATOM   398 C CD  . GLN A 1 53 ? 11.370  -5.984  -17.968 1.00 51.85  ? 53  GLN A CD  1 
ATOM   399 O OE1 . GLN A 1 53 ? 10.616  -6.492  -17.136 1.00 51.29  ? 53  GLN A OE1 1 
ATOM   400 N NE2 . GLN A 1 53 ? 12.332  -6.672  -18.574 1.00 50.60  ? 53  GLN A NE2 1 
ATOM   401 N N   . VAL A 1 54 ? 10.138  -0.060  -16.512 1.00 48.94  ? 54  VAL A N   1 
ATOM   402 C CA  . VAL A 1 54 ? 10.087  0.950   -15.456 1.00 51.00  ? 54  VAL A CA  1 
ATOM   403 C C   . VAL A 1 54 ? 9.075   0.573   -14.382 1.00 50.86  ? 54  VAL A C   1 
ATOM   404 O O   . VAL A 1 54 ? 9.332   0.748   -13.184 1.00 46.55  ? 54  VAL A O   1 
ATOM   405 C CB  . VAL A 1 54 ? 9.792   2.339   -16.057 1.00 49.82  ? 54  VAL A CB  1 
ATOM   406 C CG1 . VAL A 1 54 ? 8.577   2.285   -16.973 1.00 52.01  ? 54  VAL A CG1 1 
ATOM   407 C CG2 . VAL A 1 54 ? 9.585   3.366   -14.950 1.00 45.21  ? 54  VAL A CG2 1 
ATOM   408 N N   . GLU A 1 55 ? 7.909   0.059   -14.777 1.00 47.11  ? 55  GLU A N   1 
ATOM   409 C CA  . GLU A 1 55 ? 6.890   -0.258  -13.782 1.00 51.67  ? 55  GLU A CA  1 
ATOM   410 C C   . GLU A 1 55 ? 7.310   -1.455  -12.936 1.00 52.14  ? 55  GLU A C   1 
ATOM   411 O O   . GLU A 1 55 ? 7.277   -1.395  -11.702 1.00 48.46  ? 55  GLU A O   1 
ATOM   412 C CB  . GLU A 1 55 ? 5.544   -0.520  -14.454 1.00 49.04  ? 55  GLU A CB  1 
ATOM   413 C CG  . GLU A 1 55 ? 4.358   -0.187  -13.557 1.00 62.63  ? 55  GLU A CG  1 
ATOM   414 C CD  . GLU A 1 55 ? 3.176   -1.113  -13.766 1.00 70.61  ? 55  GLU A CD  1 
ATOM   415 O OE1 . GLU A 1 55 ? 3.397   -2.308  -14.050 1.00 82.85  ? 55  GLU A OE1 1 
ATOM   416 O OE2 . GLU A 1 55 ? 2.022   -0.644  -13.643 1.00 74.11  ? 55  GLU A OE2 1 
ATOM   417 N N   . ALA A 1 56 ? 7.710   -2.550  -13.588 1.00 55.67  ? 56  ALA A N   1 
ATOM   418 C CA  . ALA A 1 56 ? 8.147   -3.735  -12.858 1.00 51.25  ? 56  ALA A CA  1 
ATOM   419 C C   . ALA A 1 56 ? 9.330   -3.423  -11.949 1.00 50.95  ? 56  ALA A C   1 
ATOM   420 O O   . ALA A 1 56 ? 9.379   -3.879  -10.799 1.00 48.20  ? 56  ALA A O   1 
ATOM   421 C CB  . ALA A 1 56 ? 8.502   -4.850  -13.843 1.00 48.63  ? 56  ALA A CB  1 
ATOM   422 N N   . ARG A 1 57 ? 10.291  -2.642  -12.447 1.00 46.38  ? 57  ARG A N   1 
ATOM   423 C CA  . ARG A 1 57 ? 11.423  -2.243  -11.618 1.00 49.47  ? 57  ARG A CA  1 
ATOM   424 C C   . ARG A 1 57 ? 10.961  -1.428  -10.417 1.00 53.29  ? 57  ARG A C   1 
ATOM   425 O O   . ARG A 1 57 ? 11.426  -1.645  -9.293  1.00 48.84  ? 57  ARG A O   1 
ATOM   426 C CB  . ARG A 1 57 ? 12.428  -1.451  -12.460 1.00 51.66  ? 57  ARG A CB  1 
ATOM   427 C CG  . ARG A 1 57 ? 13.609  -0.895  -11.683 1.00 57.48  ? 57  ARG A CG  1 
ATOM   428 C CD  . ARG A 1 57 ? 14.396  -1.995  -10.984 1.00 55.70  ? 57  ARG A CD  1 
ATOM   429 N NE  . ARG A 1 57 ? 15.624  -1.472  -10.396 1.00 58.36  ? 57  ARG A NE  1 
ATOM   430 C CZ  . ARG A 1 57 ? 16.804  -1.488  -11.006 1.00 60.71  ? 57  ARG A CZ  1 
ATOM   431 N NH1 . ARG A 1 57 ? 16.920  -2.016  -12.219 1.00 55.99  ? 57  ARG A NH1 1 
ATOM   432 N NH2 . ARG A 1 57 ? 17.870  -0.982  -10.401 1.00 62.56  ? 57  ARG A NH2 1 
ATOM   433 N N   . ALA A 1 58 ? 10.031  -0.494  -10.635 1.00 46.00  ? 58  ALA A N   1 
ATOM   434 C CA  . ALA A 1 58 ? 9.557   0.352   -9.545  1.00 47.79  ? 58  ALA A CA  1 
ATOM   435 C C   . ALA A 1 58 ? 8.783   -0.453  -8.511  1.00 48.83  ? 58  ALA A C   1 
ATOM   436 O O   . ALA A 1 58 ? 8.889   -0.194  -7.305  1.00 48.53  ? 58  ALA A O   1 
ATOM   437 C CB  . ALA A 1 58 ? 8.685   1.481   -10.094 1.00 45.78  ? 58  ALA A CB  1 
ATOM   438 N N   . LYS A 1 59 ? 7.992   -1.428  -8.961  1.00 45.71  ? 59  LYS A N   1 
ATOM   439 C CA  . LYS A 1 59 ? 7.219   -2.244  -8.029  1.00 51.48  ? 59  LYS A CA  1 
ATOM   440 C C   . LYS A 1 59 ? 8.122   -3.175  -7.227  1.00 51.37  ? 59  LYS A C   1 
ATOM   441 O O   . LYS A 1 59 ? 7.904   -3.380  -6.027  1.00 52.83  ? 59  LYS A O   1 
ATOM   442 C CB  . LYS A 1 59 ? 6.157   -3.037  -8.791  1.00 49.68  ? 59  LYS A CB  1 
ATOM   443 C CG  . LYS A 1 59 ? 5.060   -2.166  -9.396  1.00 56.09  ? 59  LYS A CG  1 
ATOM   444 C CD  . LYS A 1 59 ? 4.261   -2.919  -10.448 1.00 61.27  ? 59  LYS A CD  1 
ATOM   445 C CE  . LYS A 1 59 ? 3.576   -4.140  -9.865  1.00 60.37  ? 59  LYS A CE  1 
ATOM   446 N NZ  . LYS A 1 59 ? 2.798   -4.895  -10.886 1.00 63.43  ? 59  LYS A NZ  1 
ATOM   447 N N   . TRP A 1 60 ? 9.146   -3.740  -7.870  1.00 49.95  ? 60  TRP A N   1 
ATOM   448 C CA  . TRP A 1 60 ? 10.073  -4.612  -7.157  1.00 54.53  ? 60  TRP A CA  1 
ATOM   449 C C   . TRP A 1 60 ? 10.867  -3.838  -6.113  1.00 54.88  ? 60  TRP A C   1 
ATOM   450 O O   . TRP A 1 60 ? 11.064  -4.322  -4.992  1.00 62.01  ? 60  TRP A O   1 
ATOM   451 C CB  . TRP A 1 60 ? 11.013  -5.298  -8.148  1.00 54.73  ? 60  TRP A CB  1 
ATOM   452 C CG  . TRP A 1 60 ? 11.875  -6.365  -7.535  1.00 60.48  ? 60  TRP A CG  1 
ATOM   453 C CD1 . TRP A 1 60 ? 11.638  -7.709  -7.534  1.00 58.28  ? 60  TRP A CD1 1 
ATOM   454 C CD2 . TRP A 1 60 ? 13.113  -6.177  -6.839  1.00 55.71  ? 60  TRP A CD2 1 
ATOM   455 N NE1 . TRP A 1 60 ? 12.650  -8.367  -6.885  1.00 62.91  ? 60  TRP A NE1 1 
ATOM   456 C CE2 . TRP A 1 60 ? 13.568  -7.450  -6.445  1.00 63.09  ? 60  TRP A CE2 1 
ATOM   457 C CE3 . TRP A 1 60 ? 13.880  -5.054  -6.510  1.00 58.95  ? 60  TRP A CE3 1 
ATOM   458 C CZ2 . TRP A 1 60 ? 14.756  -7.633  -5.737  1.00 62.04  ? 60  TRP A CZ2 1 
ATOM   459 C CZ3 . TRP A 1 60 ? 15.059  -5.236  -5.809  1.00 62.65  ? 60  TRP A CZ3 1 
ATOM   460 C CH2 . TRP A 1 60 ? 15.485  -6.517  -5.429  1.00 60.45  ? 60  TRP A CH2 1 
ATOM   461 N N   . ASP A 1 61 ? 11.325  -2.632  -6.458  1.00 54.68  ? 61  ASP A N   1 
ATOM   462 C CA  . ASP A 1 61 ? 12.092  -1.839  -5.502  1.00 56.93  ? 61  ASP A CA  1 
ATOM   463 C C   . ASP A 1 61 ? 11.248  -1.460  -4.292  1.00 60.55  ? 61  ASP A C   1 
ATOM   464 O O   . ASP A 1 61 ? 11.727  -1.526  -3.153  1.00 61.40  ? 61  ASP A O   1 
ATOM   465 C CB  . ASP A 1 61 ? 12.657  -0.586  -6.176  1.00 59.47  ? 61  ASP A CB  1 
ATOM   466 C CG  . ASP A 1 61 ? 13.735  -0.904  -7.199  1.00 58.28  ? 61  ASP A CG  1 
ATOM   467 O OD1 . ASP A 1 61 ? 13.747  -0.275  -8.277  1.00 61.91  ? 61  ASP A OD1 1 
ATOM   468 O OD2 . ASP A 1 61 ? 14.568  -1.793  -6.930  1.00 61.41  ? 61  ASP A OD2 1 
ATOM   469 N N   . ALA A 1 62 ? 9.991   -1.066  -4.514  1.00 58.70  ? 62  ALA A N   1 
ATOM   470 C CA  . ALA A 1 62 ? 9.110   -0.747  -3.393  1.00 59.23  ? 62  ALA A CA  1 
ATOM   471 C C   . ALA A 1 62 ? 8.859   -1.972  -2.523  1.00 60.17  ? 62  ALA A C   1 
ATOM   472 O O   . ALA A 1 62 ? 8.845   -1.874  -1.290  1.00 62.36  ? 62  ALA A O   1 
ATOM   473 C CB  . ALA A 1 62 ? 7.789   -0.172  -3.904  1.00 56.07  ? 62  ALA A CB  1 
ATOM   474 N N   . TRP A 1 63 ? 8.658   -3.135  -3.144  1.00 57.92  ? 63  TRP A N   1 
ATOM   475 C CA  . TRP A 1 63 ? 8.412   -4.347  -2.367  1.00 62.22  ? 63  TRP A CA  1 
ATOM   476 C C   . TRP A 1 63 ? 9.670   -4.782  -1.619  1.00 57.05  ? 63  TRP A C   1 
ATOM   477 O O   . TRP A 1 63 ? 9.605   -5.127  -0.433  1.00 69.50  ? 63  TRP A O   1 
ATOM   478 C CB  . TRP A 1 63 ? 7.900   -5.455  -3.293  1.00 60.62  ? 63  TRP A CB  1 
ATOM   479 C CG  . TRP A 1 63 ? 7.408   -6.701  -2.593  1.00 62.11  ? 63  TRP A CG  1 
ATOM   480 C CD1 . TRP A 1 63 ? 7.368   -6.935  -1.245  1.00 64.92  ? 63  TRP A CD1 1 
ATOM   481 C CD2 . TRP A 1 63 ? 6.892   -7.884  -3.217  1.00 65.12  ? 63  TRP A CD2 1 
ATOM   482 N NE1 . TRP A 1 63 ? 6.860   -8.187  -0.993  1.00 65.59  ? 63  TRP A NE1 1 
ATOM   483 C CE2 . TRP A 1 63 ? 6.563   -8.792  -2.185  1.00 67.39  ? 63  TRP A CE2 1 
ATOM   484 C CE3 . TRP A 1 63 ? 6.682   -8.267  -4.546  1.00 61.07  ? 63  TRP A CE3 1 
ATOM   485 C CZ2 . TRP A 1 63 ? 6.029   -10.051 -2.443  1.00 70.20  ? 63  TRP A CZ2 1 
ATOM   486 C CZ3 . TRP A 1 63 ? 6.151   -9.520  -4.798  1.00 74.96  ? 63  TRP A CZ3 1 
ATOM   487 C CH2 . TRP A 1 63 ? 5.833   -10.397 -3.752  1.00 68.10  ? 63  TRP A CH2 1 
ATOM   488 N N   . ASN A 1 64 ? 10.823  -4.758  -2.292  1.00 56.84  ? 64  ASN A N   1 
ATOM   489 C CA  . ASN A 1 64 ? 12.089  -5.054  -1.635  1.00 67.85  ? 64  ASN A CA  1 
ATOM   490 C C   . ASN A 1 64 ? 12.395  -4.072  -0.514  1.00 78.31  ? 64  ASN A C   1 
ATOM   491 O O   . ASN A 1 64 ? 13.095  -4.436  0.438   1.00 75.96  ? 64  ASN A O   1 
ATOM   492 C CB  . ASN A 1 64 ? 13.218  -5.042  -2.665  1.00 61.10  ? 64  ASN A CB  1 
ATOM   493 C CG  . ASN A 1 64 ? 14.561  -5.431  -2.070  1.00 69.71  ? 64  ASN A CG  1 
ATOM   494 O OD1 . ASN A 1 64 ? 14.807  -6.601  -1.768  1.00 71.32  ? 64  ASN A OD1 1 
ATOM   495 N ND2 . ASN A 1 64 ? 15.440  -4.448  -1.902  1.00 61.67  ? 64  ASN A ND2 1 
ATOM   496 N N   . SER A 1 65 ? 11.885  -2.840  -0.604  1.00 65.65  ? 65  SER A N   1 
ATOM   497 C CA  . SER A 1 65 ? 12.111  -1.863  0.454   1.00 69.08  ? 65  SER A CA  1 
ATOM   498 C C   . SER A 1 65 ? 11.519  -2.323  1.777   1.00 66.56  ? 65  SER A C   1 
ATOM   499 O O   . SER A 1 65 ? 12.026  -1.954  2.842   1.00 64.58  ? 65  SER A O   1 
ATOM   500 C CB  . SER A 1 65 ? 11.527  -0.511  0.047   1.00 60.56  ? 65  SER A CB  1 
ATOM   501 O OG  . SER A 1 65 ? 11.738  0.460   1.056   1.00 64.95  ? 65  SER A OG  1 
ATOM   502 N N   . CYS A 1 66 ? 10.463  -3.128  1.731   1.00 62.54  ? 66  CYS A N   1 
ATOM   503 C CA  . CYS A 1 66 ? 9.815   -3.636  2.929   1.00 73.69  ? 66  CYS A CA  1 
ATOM   504 C C   . CYS A 1 66 ? 10.284  -5.034  3.310   1.00 84.53  ? 66  CYS A C   1 
ATOM   505 O O   . CYS A 1 66 ? 9.669   -5.661  4.179   1.00 81.75  ? 66  CYS A O   1 
ATOM   506 C CB  . CYS A 1 66 ? 8.295   -3.645  2.752   1.00 73.42  ? 66  CYS A CB  1 
ATOM   507 S SG  . CYS A 1 66 ? 7.520   -2.032  2.540   1.00 63.74  ? 66  CYS A SG  1 
ATOM   508 N N   . LYS A 1 67 ? 11.346  -5.537  2.683   1.00 81.56  ? 67  LYS A N   1 
ATOM   509 C CA  . LYS A 1 67 ? 11.804  -6.897  2.946   1.00 82.03  ? 67  LYS A CA  1 
ATOM   510 C C   . LYS A 1 67 ? 12.239  -7.052  4.400   1.00 86.18  ? 67  LYS A C   1 
ATOM   511 O O   . LYS A 1 67 ? 12.984  -6.223  4.932   1.00 88.35  ? 67  LYS A O   1 
ATOM   512 C CB  . LYS A 1 67 ? 12.959  -7.251  2.011   1.00 83.91  ? 67  LYS A CB  1 
ATOM   513 C CG  . LYS A 1 67 ? 13.528  -8.640  2.219   1.00 89.51  ? 67  LYS A CG  1 
ATOM   514 C CD  . LYS A 1 67 ? 14.742  -8.868  1.331   1.00 84.40  ? 67  LYS A CD  1 
ATOM   515 C CE  . LYS A 1 67 ? 15.814  -7.827  1.597   1.00 86.26  ? 67  LYS A CE  1 
ATOM   516 N NZ  . LYS A 1 67 ? 16.978  -7.977  0.680   1.00 89.21  ? 67  LYS A NZ  1 
ATOM   517 N N   . GLY A 1 68 ? 11.780  -8.125  5.037   1.00 87.98  ? 68  GLY A N   1 
ATOM   518 C CA  . GLY A 1 68 ? 12.106  -8.395  6.419   1.00 96.86  ? 68  GLY A CA  1 
ATOM   519 C C   . GLY A 1 68 ? 11.009  -8.081  7.412   1.00 93.37  ? 68  GLY A C   1 
ATOM   520 O O   . GLY A 1 68 ? 11.228  -8.248  8.615   1.00 97.67  ? 68  GLY A O   1 
ATOM   521 N N   . MET A 1 69 ? 9.845   -7.629  6.956   1.00 89.73  ? 69  MET A N   1 
ATOM   522 C CA  . MET A 1 69 ? 8.722   -7.366  7.842   1.00 90.39  ? 69  MET A CA  1 
ATOM   523 C C   . MET A 1 69 ? 7.804   -8.579  7.903   1.00 90.30  ? 69  MET A C   1 
ATOM   524 O O   . MET A 1 69 ? 7.684   -9.340  6.940   1.00 88.24  ? 69  MET A O   1 
ATOM   525 C CB  . MET A 1 69 ? 7.920   -6.148  7.381   1.00 87.50  ? 69  MET A CB  1 
ATOM   526 C CG  . MET A 1 69 ? 8.699   -4.852  7.307   1.00 88.46  ? 69  MET A CG  1 
ATOM   527 S SD  . MET A 1 69 ? 7.679   -3.502  6.659   1.00 95.56  ? 69  MET A SD  1 
ATOM   528 C CE  . MET A 1 69 ? 6.788   -3.000  8.129   1.00 87.93  ? 69  MET A CE  1 
ATOM   529 N N   . LYS A 1 70 ? 7.159   -8.755  9.051   1.00 92.86  ? 70  LYS A N   1 
ATOM   530 C CA  . LYS A 1 70 ? 6.087   -9.728  9.153   1.00 92.78  ? 70  LYS A CA  1 
ATOM   531 C C   . LYS A 1 70 ? 4.811   -9.158  8.540   1.00 89.44  ? 70  LYS A C   1 
ATOM   532 O O   . LYS A 1 70 ? 4.699   -7.957  8.273   1.00 90.70  ? 70  LYS A O   1 
ATOM   533 C CB  . LYS A 1 70 ? 5.855   -10.130 10.609  1.00 97.15  ? 70  LYS A CB  1 
ATOM   534 N N   . SER A 1 71 ? 3.837   -10.040 8.305   1.00 88.90  ? 71  SER A N   1 
ATOM   535 C CA  . SER A 1 71 ? 2.586   -9.599  7.695   1.00 91.82  ? 71  SER A CA  1 
ATOM   536 C C   . SER A 1 71 ? 1.869   -8.585  8.576   1.00 94.37  ? 71  SER A C   1 
ATOM   537 O O   . SER A 1 71 ? 1.276   -7.623  8.074   1.00 86.38  ? 71  SER A O   1 
ATOM   538 C CB  . SER A 1 71 ? 1.686   -10.801 7.418   1.00 92.10  ? 71  SER A CB  1 
ATOM   539 O OG  . SER A 1 71 ? 1.238   -11.390 8.627   1.00 101.63 ? 71  SER A OG  1 
ATOM   540 N N   . GLU A 1 72 ? 1.919   -8.782  9.897   1.00 91.02  ? 72  GLU A N   1 
ATOM   541 C CA  . GLU A 1 72 ? 1.243   -7.875  10.819  1.00 92.64  ? 72  GLU A CA  1 
ATOM   542 C C   . GLU A 1 72 ? 1.951   -6.533  10.910  1.00 92.56  ? 72  GLU A C   1 
ATOM   543 O O   . GLU A 1 72 ? 1.315   -5.519  11.220  1.00 93.04  ? 72  GLU A O   1 
ATOM   544 C CB  . GLU A 1 72 ? 1.155   -8.510  12.207  1.00 96.48  ? 72  GLU A CB  1 
ATOM   545 C CG  . GLU A 1 72 ? 0.733   -9.967  12.195  1.00 97.32  ? 72  GLU A CG  1 
ATOM   546 C CD  . GLU A 1 72 ? -0.589  -10.182 11.488  1.00 99.03  ? 72  GLU A CD  1 
ATOM   547 O OE1 . GLU A 1 72 ? -1.513  -9.360  11.681  1.00 95.37  ? 72  GLU A OE1 1 
ATOM   548 O OE2 . GLU A 1 72 ? -0.702  -11.167 10.729  1.00 102.40 ? 72  GLU A OE2 1 
ATOM   549 N N   . ASP A 1 73 ? 3.263   -6.509  10.669  1.00 85.86  ? 73  ASP A N   1 
ATOM   550 C CA  . ASP A 1 73 ? 3.990   -5.245  10.665  1.00 86.82  ? 73  ASP A CA  1 
ATOM   551 C C   . ASP A 1 73 ? 3.547   -4.362  9.509   1.00 82.86  ? 73  ASP A C   1 
ATOM   552 O O   . ASP A 1 73 ? 3.464   -3.139  9.651   1.00 81.59  ? 73  ASP A O   1 
ATOM   553 C CB  . ASP A 1 73 ? 5.494   -5.500  10.584  1.00 88.15  ? 73  ASP A CB  1 
ATOM   554 C CG  . ASP A 1 73 ? 6.002   -6.329  11.735  1.00 88.33  ? 73  ASP A CG  1 
ATOM   555 O OD1 . ASP A 1 73 ? 5.392   -6.258  12.822  1.00 85.06  ? 73  ASP A OD1 1 
ATOM   556 O OD2 . ASP A 1 73 ? 7.006   -7.050  11.550  1.00 87.61  ? 73  ASP A OD2 1 
ATOM   557 N N   . ALA A 1 74 ? 3.252   -4.964  8.361   1.00 82.49  ? 74  ALA A N   1 
ATOM   558 C CA  . ALA A 1 74 ? 2.885   -4.179  7.189   1.00 79.23  ? 74  ALA A CA  1 
ATOM   559 C C   . ALA A 1 74 ? 1.409   -3.802  7.188   1.00 76.49  ? 74  ALA A C   1 
ATOM   560 O O   . ALA A 1 74 ? 1.042   -2.783  6.593   1.00 63.78  ? 74  ALA A O   1 
ATOM   561 C CB  . ALA A 1 74 ? 3.241   -4.946  5.913   1.00 76.29  ? 74  ALA A CB  1 
ATOM   562 N N   . LYS A 1 75 ? 0.555   -4.592  7.845   1.00 76.42  ? 75  LYS A N   1 
ATOM   563 C CA  . LYS A 1 75 ? -0.873  -4.282  7.843   1.00 70.55  ? 75  LYS A CA  1 
ATOM   564 C C   . LYS A 1 75 ? -1.172  -3.008  8.627   1.00 69.93  ? 75  LYS A C   1 
ATOM   565 O O   . LYS A 1 75 ? -1.989  -2.186  8.195   1.00 65.69  ? 75  LYS A O   1 
ATOM   566 C CB  . LYS A 1 75 ? -1.675  -5.454  8.404   1.00 74.50  ? 75  LYS A CB  1 
ATOM   567 C CG  . LYS A 1 75 ? -1.750  -6.654  7.473   1.00 73.29  ? 75  LYS A CG  1 
ATOM   568 C CD  . LYS A 1 75 ? -2.503  -7.813  8.115   1.00 81.47  ? 75  LYS A CD  1 
ATOM   569 C CE  . LYS A 1 75 ? -2.534  -9.028  7.199   1.00 82.98  ? 75  LYS A CE  1 
ATOM   570 N NZ  . LYS A 1 75 ? -3.390  -10.115 7.748   1.00 84.10  ? 75  LYS A NZ  1 
ATOM   571 N N   . ALA A 1 76 ? -0.526  -2.825  9.781   1.00 70.50  ? 76  ALA A N   1 
ATOM   572 C CA  . ALA A 1 76 ? -0.707  -1.580  10.523  1.00 71.95  ? 76  ALA A CA  1 
ATOM   573 C C   . ALA A 1 76 ? -0.158  -0.392  9.743   1.00 68.23  ? 76  ALA A C   1 
ATOM   574 O O   . ALA A 1 76 ? -0.752  0.694   9.751   1.00 67.92  ? 76  ALA A O   1 
ATOM   575 C CB  . ALA A 1 76 ? -0.042  -1.677  11.895  1.00 64.50  ? 76  ALA A CB  1 
ATOM   576 N N   . ALA A 1 77 ? 0.972   -0.579  9.058   1.00 70.66  ? 77  ALA A N   1 
ATOM   577 C CA  . ALA A 1 77 ? 1.518   0.492   8.232   1.00 70.33  ? 77  ALA A CA  1 
ATOM   578 C C   . ALA A 1 77 ? 0.578   0.832   7.081   1.00 69.14  ? 77  ALA A C   1 
ATOM   579 O O   . ALA A 1 77 ? 0.450   2.001   6.701   1.00 72.14  ? 77  ALA A O   1 
ATOM   580 C CB  . ALA A 1 77 ? 2.898   0.097   7.707   1.00 69.10  ? 77  ALA A CB  1 
ATOM   581 N N   . TYR A 1 78 ? -0.086  -0.180  6.515   1.00 68.61  ? 78  TYR A N   1 
ATOM   582 C CA  . TYR A 1 78 ? -1.045  0.061   5.439   1.00 66.38  ? 78  TYR A CA  1 
ATOM   583 C C   . TYR A 1 78 ? -2.219  0.896   5.935   1.00 66.60  ? 78  TYR A C   1 
ATOM   584 O O   . TYR A 1 78 ? -2.684  1.805   5.238   1.00 63.88  ? 78  TYR A O   1 
ATOM   585 C CB  . TYR A 1 78 ? -1.531  -1.275  4.872   1.00 63.50  ? 78  TYR A CB  1 
ATOM   586 C CG  . TYR A 1 78 ? -2.304  -1.186  3.573   1.00 63.22  ? 78  TYR A CG  1 
ATOM   587 C CD1 . TYR A 1 78 ? -1.690  -1.469  2.360   1.00 58.21  ? 78  TYR A CD1 1 
ATOM   588 C CD2 . TYR A 1 78 ? -3.650  -0.840  3.557   1.00 66.74  ? 78  TYR A CD2 1 
ATOM   589 C CE1 . TYR A 1 78 ? -2.388  -1.401  1.172   1.00 55.95  ? 78  TYR A CE1 1 
ATOM   590 C CE2 . TYR A 1 78 ? -4.355  -0.766  2.370   1.00 59.09  ? 78  TYR A CE2 1 
ATOM   591 C CZ  . TYR A 1 78 ? -3.721  -1.050  1.179   1.00 56.45  ? 78  TYR A CZ  1 
ATOM   592 O OH  . TYR A 1 78 ? -4.413  -0.979  -0.012  1.00 55.29  ? 78  TYR A OH  1 
ATOM   593 N N   . VAL A 1 79 ? -2.704  0.603   7.142   1.00 65.36  ? 79  VAL A N   1 
ATOM   594 C CA  . VAL A 1 79 ? -3.794  1.380   7.722   1.00 64.48  ? 79  VAL A CA  1 
ATOM   595 C C   . VAL A 1 79 ? -3.327  2.792   8.042   1.00 67.53  ? 79  VAL A C   1 
ATOM   596 O O   . VAL A 1 79 ? -4.005  3.775   7.721   1.00 66.75  ? 79  VAL A O   1 
ATOM   597 C CB  . VAL A 1 79 ? -4.341  0.673   8.976   1.00 66.82  ? 79  VAL A CB  1 
ATOM   598 C CG1 . VAL A 1 79 ? -5.465  1.488   9.596   1.00 70.38  ? 79  VAL A CG1 1 
ATOM   599 C CG2 . VAL A 1 79 ? -4.817  -0.730  8.634   1.00 63.13  ? 79  VAL A CG2 1 
ATOM   600 N N   . GLN A 1 80 ? -2.159  2.916   8.680   1.00 74.05  ? 80  GLN A N   1 
ATOM   601 C CA  . GLN A 1 80 ? -1.656  4.231   9.062   1.00 69.30  ? 80  GLN A CA  1 
ATOM   602 C C   . GLN A 1 80 ? -1.403  5.103   7.840   1.00 69.15  ? 80  GLN A C   1 
ATOM   603 O O   . GLN A 1 80 ? -1.741  6.293   7.835   1.00 69.02  ? 80  GLN A O   1 
ATOM   604 C CB  . GLN A 1 80 ? -0.379  4.087   9.890   1.00 67.79  ? 80  GLN A CB  1 
ATOM   605 N N   . ARG A 1 81 ? -0.811  4.527   6.791   1.00 69.55  ? 81  ARG A N   1 
ATOM   606 C CA  . ARG A 1 81 ? -0.573  5.289   5.569   1.00 69.78  ? 81  ARG A CA  1 
ATOM   607 C C   . ARG A 1 81 ? -1.884  5.746   4.943   1.00 70.64  ? 81  ARG A C   1 
ATOM   608 O O   . ARG A 1 81 ? -1.971  6.857   4.407   1.00 73.00  ? 81  ARG A O   1 
ATOM   609 C CB  . ARG A 1 81 ? 0.235   4.451   4.577   1.00 68.54  ? 81  ARG A CB  1 
ATOM   610 C CG  . ARG A 1 81 ? 0.872   5.238   3.436   1.00 75.60  ? 81  ARG A CG  1 
ATOM   611 C CD  . ARG A 1 81 ? 2.105   6.006   3.899   1.00 74.88  ? 81  ARG A CD  1 
ATOM   612 N NE  . ARG A 1 81 ? 1.771   7.304   4.481   1.00 75.82  ? 81  ARG A NE  1 
ATOM   613 C CZ  . ARG A 1 81 ? 1.771   8.448   3.802   1.00 79.73  ? 81  ARG A CZ  1 
ATOM   614 N NH1 . ARG A 1 81 ? 2.089   8.459   2.515   1.00 78.32  ? 81  ARG A NH1 1 
ATOM   615 N NH2 . ARG A 1 81 ? 1.453   9.582   4.412   1.00 79.58  ? 81  ARG A NH2 1 
ATOM   616 N N   . LEU A 1 82 ? -2.923  4.911   5.015   1.00 65.73  ? 82  LEU A N   1 
ATOM   617 C CA  . LEU A 1 82 ? -4.215  5.304   4.461   1.00 66.91  ? 82  LEU A CA  1 
ATOM   618 C C   . LEU A 1 82 ? -4.851  6.419   5.281   1.00 69.12  ? 82  LEU A C   1 
ATOM   619 O O   . LEU A 1 82 ? -5.454  7.340   4.719   1.00 69.65  ? 82  LEU A O   1 
ATOM   620 C CB  . LEU A 1 82 ? -5.149  4.097   4.378   1.00 62.67  ? 82  LEU A CB  1 
ATOM   621 C CG  . LEU A 1 82 ? -6.530  4.382   3.781   1.00 61.53  ? 82  LEU A CG  1 
ATOM   622 C CD1 . LEU A 1 82 ? -6.420  4.900   2.352   1.00 59.77  ? 82  LEU A CD1 1 
ATOM   623 C CD2 . LEU A 1 82 ? -7.399  3.137   3.833   1.00 61.24  ? 82  LEU A CD2 1 
ATOM   624 N N   . ILE A 1 83 ? -4.730  6.355   6.608   1.00 67.44  ? 83  ILE A N   1 
ATOM   625 C CA  . ILE A 1 83 ? -5.265  7.422   7.450   1.00 69.47  ? 83  ILE A CA  1 
ATOM   626 C C   . ILE A 1 83 ? -4.575  8.744   7.134   1.00 75.40  ? 83  ILE A C   1 
ATOM   627 O O   . ILE A 1 83 ? -5.216  9.802   7.091   1.00 77.02  ? 83  ILE A O   1 
ATOM   628 C CB  . ILE A 1 83 ? -5.130  7.052   8.939   1.00 80.49  ? 83  ILE A CB  1 
ATOM   629 C CG1 . ILE A 1 83 ? -5.944  5.796   9.254   1.00 72.11  ? 83  ILE A CG1 1 
ATOM   630 C CG2 . ILE A 1 83 ? -5.568  8.212   9.823   1.00 75.57  ? 83  ILE A CG2 1 
ATOM   631 C CD1 . ILE A 1 83 ? -5.821  5.336   10.680  1.00 76.58  ? 83  ILE A CD1 1 
ATOM   632 N N   . GLU A 1 84 ? -3.267  8.702   6.874   1.00 75.06  ? 84  GLU A N   1 
ATOM   633 C CA  . GLU A 1 84 ? -2.525  9.930   6.604   1.00 78.50  ? 84  GLU A CA  1 
ATOM   634 C C   . GLU A 1 84 ? -2.853  10.495  5.223   1.00 80.36  ? 84  GLU A C   1 
ATOM   635 O O   . GLU A 1 84 ? -3.116  11.695  5.084   1.00 83.05  ? 84  GLU A O   1 
ATOM   636 C CB  . GLU A 1 84 ? -1.024  9.671   6.746   1.00 79.23  ? 84  GLU A CB  1 
ATOM   637 C CG  . GLU A 1 84 ? -0.601  9.196   8.135   1.00 78.23  ? 84  GLU A CG  1 
ATOM   638 C CD  . GLU A 1 84 ? 0.856   8.784   8.180   1.00 78.78  ? 84  GLU A CD  1 
ATOM   639 O OE1 . GLU A 1 84 ? 1.504   8.985   9.228   1.00 78.18  ? 84  GLU A OE1 1 
ATOM   640 O OE2 . GLU A 1 84 ? 1.355   8.269   7.159   1.00 79.05  ? 84  GLU A OE2 1 
ATOM   641 N N   . VAL A 1 85 ? -2.837  9.648   4.186   1.00 78.93  ? 85  VAL A N   1 
ATOM   642 C CA  . VAL A 1 85 ? -3.092  10.134  2.830   1.00 84.76  ? 85  VAL A CA  1 
ATOM   643 C C   . VAL A 1 85 ? -4.549  10.545  2.672   1.00 80.80  ? 85  VAL A C   1 
ATOM   644 O O   . VAL A 1 85 ? -4.911  11.225  1.700   1.00 82.84  ? 85  VAL A O   1 
ATOM   645 C CB  . VAL A 1 85 ? -2.691  9.082   1.773   1.00 80.17  ? 85  VAL A CB  1 
ATOM   646 C CG1 . VAL A 1 85 ? -1.212  8.701   1.913   1.00 79.43  ? 85  VAL A CG1 1 
ATOM   647 C CG2 . VAL A 1 85 ? -3.585  7.851   1.872   1.00 77.58  ? 85  VAL A CG2 1 
ATOM   648 N N   . THR A 1 86 ? -5.408  10.168  3.624   1.00 79.08  ? 86  THR A N   1 
ATOM   649 C CA  . THR A 1 86 ? -6.790  10.628  3.547   1.00 78.89  ? 86  THR A CA  1 
ATOM   650 C C   . THR A 1 86 ? -6.973  11.938  4.301   1.00 80.89  ? 86  THR A C   1 
ATOM   651 O O   . THR A 1 86 ? -7.913  12.694  4.027   1.00 81.97  ? 86  THR A O   1 
ATOM   652 C CB  . THR A 1 86 ? -7.753  9.556   4.070   1.00 74.65  ? 86  THR A CB  1 
ATOM   653 O OG1 . THR A 1 86 ? -7.308  9.055   5.340   1.00 75.09  ? 86  THR A OG1 1 
ATOM   654 C CG2 . THR A 1 86 ? -7.882  8.403   3.069   1.00 68.04  ? 86  THR A CG2 1 
ATOM   655 N N   . SER A 1 87 ? -6.056  12.242  5.220   1.00 82.18  ? 87  SER A N   1 
ATOM   656 C CA  . SER A 1 87 ? -6.153  13.478  5.988   1.00 84.67  ? 87  SER A CA  1 
ATOM   657 C C   . SER A 1 87 ? -5.643  14.677  5.196   1.00 87.37  ? 87  SER A C   1 
ATOM   658 O O   . SER A 1 87 ? -6.298  15.726  5.158   1.00 89.52  ? 87  SER A O   1 
ATOM   659 C CB  . SER A 1 87 ? -5.389  13.330  7.300   1.00 87.06  ? 87  SER A CB  1 
ATOM   660 O OG  . SER A 1 87 ? -5.445  14.517  8.075   1.00 94.03  ? 87  SER A OG  1 
ATOM   661 N N   . GLN A 1 88 ? -4.474  14.546  4.561   1.00 87.37  ? 88  GLN A N   1 
ATOM   662 C CA  . GLN A 1 88 ? -3.884  15.650  3.808   1.00 89.45  ? 88  GLN A CA  1 
ATOM   663 C C   . GLN A 1 88 ? -4.707  16.049  2.582   1.00 88.65  ? 88  GLN A C   1 
ATOM   664 O O   . GLN A 1 88 ? -4.449  17.114  2.005   1.00 85.77  ? 88  GLN A O   1 
ATOM   665 C CB  . GLN A 1 88 ? -2.449  15.277  3.407   1.00 88.71  ? 88  GLN A CB  1 
ATOM   666 C CG  . GLN A 1 88 ? -2.362  14.152  2.375   1.00 86.61  ? 88  GLN A CG  1 
ATOM   667 C CD  . GLN A 1 88 ? -0.966  13.604  2.199   1.00 91.59  ? 88  GLN A CD  1 
ATOM   668 O OE1 . GLN A 1 88 ? -0.046  14.027  2.885   1.00 95.00  ? 88  GLN A OE1 1 
ATOM   669 N NE2 . GLN A 1 88 ? -0.800  12.655  1.279   1.00 91.73  ? 88  GLN A NE2 1 
ATOM   670 N N   . LYS A 1 89 ? -5.689  15.228  2.190   1.00 84.66  ? 89  LYS A N   1 
ATOM   671 C CA  . LYS A 1 89 ? -6.568  15.479  1.050   1.00 84.56  ? 89  LYS A CA  1 
ATOM   672 C C   . LYS A 1 89 ? -7.974  15.877  1.483   1.00 88.39  ? 89  LYS A C   1 
ATOM   673 O O   . LYS A 1 89 ? -8.897  15.869  0.659   1.00 93.54  ? 89  LYS A O   1 
ATOM   674 C CB  . LYS A 1 89 ? -6.653  14.250  0.126   1.00 77.91  ? 89  LYS A CB  1 
ATOM   675 C CG  . LYS A 1 89 ? -5.320  13.799  -0.474  1.00 77.51  ? 89  LYS A CG  1 
ATOM   676 C CD  . LYS A 1 89 ? -5.411  12.438  -1.157  1.00 76.23  ? 89  LYS A CD  1 
ATOM   677 C CE  . LYS A 1 89 ? -4.049  12.035  -1.714  1.00 81.95  ? 89  LYS A CE  1 
ATOM   678 N NZ  . LYS A 1 89 ? -3.988  10.628  -2.213  1.00 86.93  ? 89  LYS A NZ  1 
ATOM   679 N N   . GLY A 1 90 ? -8.166  16.203  2.758   1.00 87.36  ? 90  GLY A N   1 
ATOM   680 C CA  . GLY A 1 90 ? -9.406  16.785  3.222   1.00 89.22  ? 90  GLY A CA  1 
ATOM   681 C C   . GLY A 1 90 ? -10.504 15.824  3.625   1.00 87.57  ? 90  GLY A C   1 
ATOM   682 O O   . GLY A 1 90 ? -11.554 16.284  4.086   1.00 91.07  ? 90  GLY A O   1 
ATOM   683 N N   . HIS A 1 91 ? -10.312 14.512  3.470   1.00 83.20  ? 91  HIS A N   1 
ATOM   684 C CA  . HIS A 1 91 ? -11.326 13.512  3.820   1.00 82.37  ? 91  HIS A CA  1 
ATOM   685 C C   . HIS A 1 91 ? -10.698 12.407  4.652   1.00 81.01  ? 91  HIS A C   1 
ATOM   686 O O   . HIS A 1 91 ? -10.385 11.326  4.132   1.00 76.13  ? 91  HIS A O   1 
ATOM   687 C CB  . HIS A 1 91 ? -11.986 12.924  2.575   1.00 83.82  ? 91  HIS A CB  1 
ATOM   688 C CG  . HIS A 1 91 ? -12.865 13.889  1.852   1.00 88.16  ? 91  HIS A CG  1 
ATOM   689 N ND1 . HIS A 1 91 ? -12.384 15.054  1.297   1.00 103.99 ? 91  HIS A ND1 1 
ATOM   690 C CD2 . HIS A 1 91 ? -14.195 13.872  1.601   1.00 90.07  ? 91  HIS A CD2 1 
ATOM   691 C CE1 . HIS A 1 91 ? -13.380 15.713  0.734   1.00 96.22  ? 91  HIS A CE1 1 
ATOM   692 N NE2 . HIS A 1 91 ? -14.490 15.017  0.902   1.00 100.72 ? 91  HIS A NE2 1 
ATOM   693 N N   . PRO A 1 92 ? -10.508 12.633  5.949   1.00 79.31  ? 92  PRO A N   1 
ATOM   694 C CA  . PRO A 1 92 ? -9.839  11.629  6.783   1.00 80.55  ? 92  PRO A CA  1 
ATOM   695 C C   . PRO A 1 92 ? -10.634 10.331  6.828   1.00 76.76  ? 92  PRO A C   1 
ATOM   696 O O   . PRO A 1 92 ? -11.855 10.334  6.997   1.00 78.34  ? 92  PRO A O   1 
ATOM   697 C CB  . PRO A 1 92 ? -9.764  12.301  8.160   1.00 82.08  ? 92  PRO A CB  1 
ATOM   698 C CG  . PRO A 1 92 ? -9.945  13.772  7.883   1.00 83.87  ? 92  PRO A CG  1 
ATOM   699 C CD  . PRO A 1 92 ? -10.889 13.826  6.725   1.00 81.44  ? 92  PRO A CD  1 
ATOM   700 N N   . TRP A 1 93 ? -9.931  9.219   6.644   1.00 74.75  ? 93  TRP A N   1 
ATOM   701 C CA  . TRP A 1 93 ? -10.495 7.888   6.820   1.00 72.56  ? 93  TRP A CA  1 
ATOM   702 C C   . TRP A 1 93 ? -9.868  7.259   8.053   1.00 73.69  ? 93  TRP A C   1 
ATOM   703 O O   . TRP A 1 93 ? -8.645  7.316   8.229   1.00 74.24  ? 93  TRP A O   1 
ATOM   704 C CB  . TRP A 1 93 ? -10.249 7.005   5.594   1.00 69.15  ? 93  TRP A CB  1 
ATOM   705 C CG  . TRP A 1 93 ? -10.725 5.591   5.788   1.00 68.70  ? 93  TRP A CG  1 
ATOM   706 C CD1 . TRP A 1 93 ? -11.952 5.086   5.464   1.00 64.72  ? 93  TRP A CD1 1 
ATOM   707 C CD2 . TRP A 1 93 ? -9.986  4.503   6.365   1.00 71.12  ? 93  TRP A CD2 1 
ATOM   708 N NE1 . TRP A 1 93 ? -12.021 3.753   5.797   1.00 65.25  ? 93  TRP A NE1 1 
ATOM   709 C CE2 . TRP A 1 93 ? -10.827 3.373   6.353   1.00 67.43  ? 93  TRP A CE2 1 
ATOM   710 C CE3 . TRP A 1 93 ? -8.695  4.378   6.890   1.00 69.02  ? 93  TRP A CE3 1 
ATOM   711 C CZ2 . TRP A 1 93 ? -10.419 2.134   6.841   1.00 64.79  ? 93  TRP A CZ2 1 
ATOM   712 C CZ3 . TRP A 1 93 ? -8.293  3.148   7.375   1.00 67.44  ? 93  TRP A CZ3 1 
ATOM   713 C CH2 . TRP A 1 93 ? -9.151  2.043   7.346   1.00 62.61  ? 93  TRP A CH2 1 
ATOM   714 N N   . ASN A 1 94 ? -10.701 6.669   8.901   1.00 74.22  ? 94  ASN A N   1 
ATOM   715 C CA  . ASN A 1 94 ? -10.244 5.991   10.103  1.00 77.41  ? 94  ASN A CA  1 
ATOM   716 C C   . ASN A 1 94 ? -11.032 4.705   10.274  1.00 76.93  ? 94  ASN A C   1 
ATOM   717 O O   . ASN A 1 94 ? -12.220 4.647   9.928   1.00 79.18  ? 94  ASN A O   1 
ATOM   718 C CB  . ASN A 1 94 ? -10.407 6.873   11.351  1.00 79.49  ? 94  ASN A CB  1 
ATOM   719 C CG  . ASN A 1 94 ? -9.305  7.906   11.482  1.00 85.05  ? 94  ASN A CG  1 
ATOM   720 O OD1 . ASN A 1 94 ? -8.301  7.673   12.154  1.00 83.10  ? 94  ASN A OD1 1 
ATOM   721 N ND2 . ASN A 1 94 ? -9.484  9.052   10.833  1.00 82.88  ? 94  ASN A ND2 1 
ATOM   722 N N   . PRO A 1 95 ? -10.405 3.656   10.792  1.00 78.52  ? 95  PRO A N   1 
ATOM   723 C CA  . PRO A 1 95 ? -11.106 2.386   10.981  1.00 81.01  ? 95  PRO A CA  1 
ATOM   724 C C   . PRO A 1 95 ? -11.896 2.368   12.282  1.00 81.80  ? 95  PRO A C   1 
ATOM   725 O O   . PRO A 1 95 ? -11.769 3.246   13.138  1.00 96.28  ? 95  PRO A O   1 
ATOM   726 C CB  . PRO A 1 95 ? -9.966  1.367   11.018  1.00 82.28  ? 95  PRO A CB  1 
ATOM   727 C CG  . PRO A 1 95 ? -8.837  2.130   11.635  1.00 83.59  ? 95  PRO A CG  1 
ATOM   728 C CD  . PRO A 1 95 ? -8.979  3.557   11.158  1.00 82.03  ? 95  PRO A CD  1 
ATOM   729 N N   . ALA A 1 96 ? -12.720 1.331   12.416  1.00 79.25  ? 96  ALA A N   1 
ATOM   730 C CA  . ALA A 1 96 ? -13.443 1.037   13.652  1.00 78.39  ? 96  ALA A CA  1 
ATOM   731 C C   . ALA A 1 96 ? -14.278 2.214   14.142  1.00 74.47  ? 96  ALA A C   1 
ATOM   732 O O   . ALA A 1 96 ? -14.304 2.509   15.336  1.00 75.86  ? 96  ALA A O   1 
ATOM   733 C CB  . ALA A 1 96 ? -12.466 0.596   14.735  1.00 72.64  ? 96  ALA A CB  1 
HETATM 734 N N1A . COA B 2 .  ? -3.619  -2.459  -2.201  1.00 54.51  ? 101 COA A N1A 1 
HETATM 735 C C2A . COA B 2 .  ? -2.421  -2.551  -2.788  1.00 48.86  ? 101 COA A C2A 1 
HETATM 736 N N3A . COA B 2 .  ? -1.988  -3.443  -3.671  1.00 49.35  ? 101 COA A N3A 1 
HETATM 737 C C4A . COA B 2 .  ? -2.954  -4.322  -3.988  1.00 52.08  ? 101 COA A C4A 1 
HETATM 738 C C5A . COA B 2 .  ? -4.234  -4.344  -3.475  1.00 51.01  ? 101 COA A C5A 1 
HETATM 739 C C6A . COA B 2 .  ? -4.572  -3.364  -2.533  1.00 54.62  ? 101 COA A C6A 1 
HETATM 740 N N6A . COA B 2 .  ? -5.767  -3.271  -1.957  1.00 54.94  ? 101 COA A N6A 1 
HETATM 741 N N7A . COA B 2 .  ? -4.955  -5.396  -4.025  1.00 55.21  ? 101 COA A N7A 1 
HETATM 742 C C8A . COA B 2 .  ? -4.108  -5.979  -4.833  1.00 58.21  ? 101 COA A C8A 1 
HETATM 743 N N9A . COA B 2 .  ? -2.887  -5.354  -4.889  1.00 56.22  ? 101 COA A N9A 1 
HETATM 744 C C1B . COA B 2 .  ? -1.716  -5.802  -5.631  1.00 61.03  ? 101 COA A C1B 1 
HETATM 745 C C2B . COA B 2 .  ? -1.724  -5.631  -7.148  1.00 68.91  ? 101 COA A C2B 1 
HETATM 746 O O2B . COA B 2 .  ? -1.289  -4.350  -7.540  1.00 68.31  ? 101 COA A O2B 1 
HETATM 747 C C3B . COA B 2 .  ? -0.717  -6.738  -7.472  1.00 74.32  ? 101 COA A C3B 1 
HETATM 748 O O3B . COA B 2 .  ? -0.381  -7.083  -8.816  1.00 86.58  ? 101 COA A O3B 1 
HETATM 749 P P3B . COA B 2 .  ? 1.014   -7.930  -8.916  1.00 78.99  ? 101 COA A P3B 1 
HETATM 750 O O7A . COA B 2 .  ? 0.764   -9.339  -8.418  1.00 79.92  ? 101 COA A O7A 1 
HETATM 751 O O8A . COA B 2 .  ? 2.072   -7.226  -8.096  1.00 73.29  ? 101 COA A O8A 1 
HETATM 752 O O9A . COA B 2 .  ? 1.337   -7.905  -10.403 1.00 82.46  ? 101 COA A O9A 1 
HETATM 753 C C4B . COA B 2 .  ? -1.344  -7.860  -6.663  1.00 77.72  ? 101 COA A C4B 1 
HETATM 754 O O4B . COA B 2 .  ? -1.594  -7.191  -5.406  1.00 61.96  ? 101 COA A O4B 1 
HETATM 755 C C5B . COA B 2 .  ? -2.667  -8.368  -7.183  1.00 82.89  ? 101 COA A C5B 1 
HETATM 756 O O5B . COA B 2 .  ? -2.534  -8.761  -8.574  1.00 91.15  ? 101 COA A O5B 1 
HETATM 757 P P1A . COA B 2 .  ? -3.658  -9.696  -9.246  1.00 104.50 ? 101 COA A P1A 1 
HETATM 758 O O1A . COA B 2 .  ? -3.271  -9.972  -10.664 1.00 97.35  ? 101 COA A O1A 1 
HETATM 759 O O2A . COA B 2 .  ? -3.934  -10.852 -8.335  1.00 97.52  ? 101 COA A O2A 1 
HETATM 760 O O3A . COA B 2 .  ? -4.968  -8.757  -9.267  1.00 94.28  ? 101 COA A O3A 1 
HETATM 761 P P2A . COA B 2 .  ? -5.271  -7.191  -9.467  1.00 103.19 ? 101 COA A P2A 1 
HETATM 762 O O4A . COA B 2 .  ? -5.219  -6.553  -8.115  1.00 86.50  ? 101 COA A O4A 1 
HETATM 763 O O5A . COA B 2 .  ? -6.496  -7.018  -10.308 1.00 94.02  ? 101 COA A O5A 1 
HETATM 764 O O6A . COA B 2 .  ? -4.000  -6.716  -10.335 1.00 95.21  ? 101 COA A O6A 1 
HETATM 765 C CBP . COA B 2 .  ? -2.701  -6.306  -12.356 1.00 90.13  ? 101 COA A CBP 1 
HETATM 766 C CCP . COA B 2 .  ? -4.062  -6.725  -11.795 1.00 89.83  ? 101 COA A CCP 1 
HETATM 767 C CDP . COA B 2 .  ? -1.680  -7.417  -12.084 1.00 91.42  ? 101 COA A CDP 1 
HETATM 768 C CEP . COA B 2 .  ? -2.826  -6.135  -13.874 1.00 88.12  ? 101 COA A CEP 1 
HETATM 769 C CAP . COA B 2 .  ? -2.190  -4.991  -11.746 1.00 86.34  ? 101 COA A CAP 1 
HETATM 770 O OAP . COA B 2 .  ? -1.637  -5.260  -10.462 1.00 86.99  ? 101 COA A OAP 1 
HETATM 771 C C9P . COA B 2 .  ? -1.136  -4.334  -12.622 1.00 87.26  ? 101 COA A C9P 1 
HETATM 772 O O9P . COA B 2 .  ? -0.044  -4.877  -12.781 1.00 88.85  ? 101 COA A O9P 1 
HETATM 773 N N8P . COA B 2 .  ? -1.441  -3.166  -13.178 1.00 88.89  ? 101 COA A N8P 1 
HETATM 774 C C7P . COA B 2 .  ? -2.295  -2.172  -12.544 1.00 81.39  ? 101 COA A C7P 1 
HETATM 775 C C6P . COA B 2 .  ? -1.554  -1.407  -11.476 1.00 78.71  ? 101 COA A C6P 1 
HETATM 776 C C5P . COA B 2 .  ? -0.575  -0.413  -12.064 1.00 77.93  ? 101 COA A C5P 1 
HETATM 777 O O5P . COA B 2 .  ? -0.668  -0.045  -13.235 1.00 85.02  ? 101 COA A O5P 1 
HETATM 778 N N4P . COA B 2 .  ? 0.397   0.028   -11.260 1.00 75.87  ? 101 COA A N4P 1 
HETATM 779 C C3P . COA B 2 .  ? 0.545   -0.382  -9.871  1.00 71.42  ? 101 COA A C3P 1 
HETATM 780 C C2P . COA B 2 .  ? 1.849   0.102   -9.291  1.00 75.70  ? 101 COA A C2P 1 
HETATM 781 S S1P . COA B 2 .  ? 2.116   1.833   -9.752  1.00 86.40  ? 101 COA A S1P 1 
HETATM 782 O O   . HOH C 3 .  ? 13.955  -7.544  -16.193 1.00 44.56  ? 201 HOH A O   1 
HETATM 783 O O   . HOH C 3 .  ? 10.013  1.837   -6.367  1.00 50.05  ? 202 HOH A O   1 
HETATM 784 O O   . HOH C 3 .  ? -13.175 1.026   -7.252  1.00 45.57  ? 203 HOH A O   1 
HETATM 785 O O   . HOH C 3 .  ? -11.291 5.572   14.509  1.00 76.00  ? 204 HOH A O   1 
HETATM 786 O O   . HOH C 3 .  ? 7.786   -6.327  -10.005 1.00 49.31  ? 205 HOH A O   1 
HETATM 787 O O   . HOH C 3 .  ? 6.768   5.637   -3.194  1.00 51.99  ? 206 HOH A O   1 
# 
loop_
_atom_site_anisotrop.id 
_atom_site_anisotrop.type_symbol 
_atom_site_anisotrop.pdbx_label_atom_id 
_atom_site_anisotrop.pdbx_label_alt_id 
_atom_site_anisotrop.pdbx_label_comp_id 
_atom_site_anisotrop.pdbx_label_asym_id 
_atom_site_anisotrop.pdbx_label_seq_id 
_atom_site_anisotrop.pdbx_PDB_ins_code 
_atom_site_anisotrop.U[1][1] 
_atom_site_anisotrop.U[2][2] 
_atom_site_anisotrop.U[3][3] 
_atom_site_anisotrop.U[1][2] 
_atom_site_anisotrop.U[1][3] 
_atom_site_anisotrop.U[2][3] 
_atom_site_anisotrop.pdbx_auth_seq_id 
_atom_site_anisotrop.pdbx_auth_comp_id 
_atom_site_anisotrop.pdbx_auth_asym_id 
_atom_site_anisotrop.pdbx_auth_atom_id 
1   N N   . MET A 1  ? 1.4935 1.0956 0.9690 0.1303  -0.1292 0.3024  1  MET A N   
2   C CA  . MET A 1  ? 1.3564 0.9843 0.8478 0.1198  -0.0684 0.2999  1  MET A CA  
3   C C   . MET A 1  ? 1.4212 1.0168 0.9053 0.1194  -0.0598 0.3097  1  MET A C   
4   O O   . MET A 1  ? 1.3873 0.9724 0.8937 0.1337  -0.1008 0.3126  1  MET A O   
5   C CB  . MET A 1  ? 1.3000 1.0324 0.8997 0.1276  -0.0487 0.2810  1  MET A CB  
6   C CG  . MET A 1  ? 1.2638 1.0351 0.8828 0.1284  -0.0652 0.2703  1  MET A CG  
7   S SD  . MET A 1  ? 1.3620 1.1093 0.9136 0.1099  -0.0266 0.2696  1  MET A SD  
8   C CE  . MET A 1  ? 1.1345 0.9296 0.7208 0.1135  -0.0610 0.2581  1  MET A CE  
9   N N   . SER A 2  ? 1.4359 1.0161 0.8913 0.1030  -0.0074 0.3136  2  SER A N   
10  C CA  . SER A 2  ? 1.4259 0.9772 0.8743 0.0989  0.0055  0.3230  2  SER A CA  
11  C C   . SER A 2  ? 1.3153 0.9472 0.8781 0.1166  0.0060  0.3115  2  SER A C   
12  O O   . SER A 2  ? 1.2169 0.9289 0.8605 0.1271  0.0090  0.2955  2  SER A O   
13  C CB  . SER A 2  ? 1.4349 0.9567 0.8298 0.0746  0.0648  0.3272  2  SER A CB  
14  O OG  . SER A 2  ? 1.6952 1.1857 1.0790 0.0673  0.0772  0.3374  2  SER A OG  
15  N N   . ALA A 3  ? 1.3012 0.9064 0.8648 0.1181  0.0026  0.3200  3  ALA A N   
16  C CA  . ALA A 3  ? 1.1970 0.8700 0.8617 0.1343  0.0029  0.3094  3  ALA A CA  
17  C C   . ALA A 3  ? 1.1780 0.9105 0.8944 0.1258  0.0590  0.3001  3  ALA A C   
18  O O   . ALA A 3  ? 1.0458 0.8563 0.8526 0.1378  0.0630  0.2849  3  ALA A O   
19  C CB  . ALA A 3  ? 1.3382 0.9586 0.9833 0.1380  -0.0188 0.3216  3  ALA A CB  
20  N N   . ALA A 4  ? 1.2056 0.9013 0.8656 0.1042  0.1021  0.3074  4  ALA A N   
21  C CA  . ALA A 4  ? 1.1482 0.8972 0.8569 0.0964  0.1532  0.2966  4  ALA A CA  
22  C C   . ALA A 4  ? 1.0411 0.8456 0.7849 0.1001  0.1601  0.2813  4  ALA A C   
23  O O   . ALA A 4  ? 1.0337 0.8979 0.8435 0.1010  0.1873  0.2688  4  ALA A O   
24  C CB  . ALA A 4  ? 1.1923 0.8898 0.8332 0.0717  0.1975  0.3049  4  ALA A CB  
25  N N   . ASP A 5  ? 1.1005 0.8824 0.7993 0.1015  0.1338  0.2824  5  ASP A N   
26  C CA  . ASP A 5  ? 1.0646 0.8978 0.7972 0.1051  0.1333  0.2684  5  ASP A CA  
27  C C   . ASP A 5  ? 0.9775 0.8854 0.8050 0.1213  0.1112  0.2563  5  ASP A C   
28  O O   . ASP A 5  ? 0.8865 0.8517 0.7658 0.1211  0.1253  0.2429  5  ASP A O   
29  C CB  . ASP A 5  ? 1.0800 0.8676 0.7402 0.1024  0.1059  0.2734  5  ASP A CB  
30  C CG  . ASP A 5  ? 1.2378 0.9581 0.8032 0.0834  0.1351  0.2809  5  ASP A CG  
31  O OD1 . ASP A 5  ? 1.2418 0.9557 0.8027 0.0720  0.1782  0.2808  5  ASP A OD1 
32  O OD2 . ASP A 5  ? 1.3714 1.0458 0.8670 0.0789  0.1156  0.2856  5  ASP A OD2 
33  N N   . PHE A 6  ? 0.9881 0.8938 0.8374 0.1345  0.0759  0.2595  6  PHE A N   
34  C CA  . PHE A 6  ? 0.8902 0.8681 0.8313 0.1489  0.0587  0.2452  6  PHE A CA  
35  C C   . PHE A 6  ? 0.8519 0.8703 0.8532 0.1483  0.0911  0.2394  6  PHE A C   
36  O O   . PHE A 6  ? 0.7470 0.8304 0.8147 0.1501  0.0989  0.2250  6  PHE A O   
37  C CB  . PHE A 6  ? 0.9029 0.8654 0.8525 0.1652  0.0107  0.2471  6  PHE A CB  
38  C CG  . PHE A 6  ? 0.9250 0.9572 0.9701 0.1802  -0.0016 0.2310  6  PHE A CG  
39  C CD1 . PHE A 6  ? 0.7534 0.8515 0.8559 0.1844  -0.0151 0.2137  6  PHE A CD1 
40  C CD2 . PHE A 6  ? 0.8771 0.9073 0.9519 0.1884  0.0011  0.2323  6  PHE A CD2 
41  C CE1 . PHE A 6  ? 0.7131 0.8757 0.9007 0.1957  -0.0226 0.1964  6  PHE A CE1 
42  C CE2 . PHE A 6  ? 0.8157 0.9085 0.9758 0.2022  -0.0086 0.2154  6  PHE A CE2 
43  C CZ  . PHE A 6  ? 0.7089 0.8689 0.9253 0.2054  -0.0190 0.1966  6  PHE A CZ  
44  N N   . GLU A 7  ? 0.8201 0.7977 0.7955 0.1435  0.1095  0.2507  7  GLU A N   
45  C CA  . GLU A 7  ? 0.8433 0.8546 0.8736 0.1422  0.1391  0.2461  7  GLU A CA  
46  C C   . GLU A 7  ? 0.7888 0.8338 0.8387 0.1309  0.1768  0.2372  7  GLU A C   
47  O O   . GLU A 7  ? 0.6504 0.7441 0.7645 0.1323  0.1914  0.2273  7  GLU A O   
48  C CB  . GLU A 7  ? 0.8826 0.8381 0.8741 0.1361  0.1511  0.2611  7  GLU A CB  
49  C CG  . GLU A 7  ? 0.9404 0.8582 0.9167 0.1486  0.1100  0.2696  7  GLU A CG  
50  C CD  . GLU A 7  ? 1.0323 1.0033 1.0929 0.1670  0.0919  0.2573  7  GLU A CD  
51  O OE1 . GLU A 7  ? 0.9113 0.9396 1.0342 0.1660  0.1167  0.2460  7  GLU A OE1 
52  O OE2 . GLU A 7  ? 0.9740 0.9273 1.0375 0.1823  0.0517  0.2580  7  GLU A OE2 
53  N N   . ALA A 8  ? 0.8173 0.8336 0.8114 0.1199  0.1911  0.2396  8  ALA A N   
54  C CA  . ALA A 8  ? 0.9001 0.9467 0.9141 0.1118  0.2211  0.2283  8  ALA A CA  
55  C C   . ALA A 8  ? 0.7361 0.8336 0.7902 0.1165  0.2023  0.2154  8  ALA A C   
56  O O   . ALA A 8  ? 0.7108 0.8472 0.8082 0.1130  0.2186  0.2042  8  ALA A O   
57  C CB  . ALA A 8  ? 0.8124 0.8107 0.7530 0.0992  0.2430  0.2322  8  ALA A CB  
58  N N   . ALA A 9  ? 0.7395 0.8351 0.7790 0.1228  0.1666  0.2167  9  ALA A N   
59  C CA  . ALA A 9  ? 0.7121 0.8591 0.7923 0.1244  0.1481  0.2041  9  ALA A CA  
60  C C   . ALA A 9  ? 0.6383 0.8415 0.7967 0.1293  0.1472  0.1939  9  ALA A C   
61  O O   . ALA A 9  ? 0.6000 0.8466 0.7968 0.1232  0.1526  0.1821  9  ALA A O   
62  C CB  . ALA A 9  ? 0.6816 0.8158 0.7347 0.1298  0.1091  0.2067  9  ALA A CB  
63  N N   . VAL A 10 ? 0.6333 0.8322 0.8117 0.1392  0.1395  0.1980  10 VAL A N   
64  C CA  . VAL A 10 ? 0.5989 0.8465 0.8478 0.1441  0.1407  0.1875  10 VAL A CA  
65  C C   . VAL A 10 ? 0.5799 0.8401 0.8526 0.1353  0.1747  0.1849  10 VAL A C   
66  O O   . VAL A 10 ? 0.4876 0.7927 0.8106 0.1320  0.1788  0.1730  10 VAL A O   
67  C CB  . VAL A 10 ? 0.5576 0.7888 0.8166 0.1583  0.1234  0.1925  10 VAL A CB  
68  C CG1 . VAL A 10 ? 0.5317 0.8043 0.8572 0.1628  0.1315  0.1825  10 VAL A CG1 
69  C CG2 . VAL A 10 ? 0.5902 0.8224 0.8460 0.1695  0.0833  0.1894  10 VAL A CG2 
70  N N   . ALA A 11 ? 0.5876 0.8074 0.8243 0.1300  0.1990  0.1946  11 ALA A N   
71  C CA  . ALA A 11 ? 0.5998 0.8314 0.8642 0.1225  0.2295  0.1905  11 ALA A CA  
72  C C   . ALA A 11 ? 0.5609 0.8157 0.8335 0.1140  0.2355  0.1794  11 ALA A C   
73  O O   . ALA A 11 ? 0.6350 0.9185 0.9512 0.1098  0.2449  0.1705  11 ALA A O   
74  C CB  . ALA A 11 ? 0.5976 0.7837 0.8245 0.1174  0.2555  0.2011  11 ALA A CB  
75  N N   . TYR A 12 ? 0.5655 0.8031 0.7930 0.1110  0.2276  0.1801  12 TYR A N   
76  C CA  . TYR A 12 ? 0.6016 0.8554 0.8315 0.1031  0.2291  0.1697  12 TYR A CA  
77  C C   . TYR A 12 ? 0.5477 0.8480 0.8211 0.0998  0.2103  0.1596  12 TYR A C   
78  O O   . TYR A 12 ? 0.5921 0.9111 0.8893 0.0917  0.2155  0.1504  12 TYR A O   
79  C CB  . TYR A 12 ? 0.6312 0.8543 0.8003 0.1010  0.2208  0.1728  12 TYR A CB  
80  C CG  . TYR A 12 ? 0.6324 0.8673 0.7980 0.0933  0.2162  0.1624  12 TYR A CG  
81  C CD1 . TYR A 12 ? 0.6553 0.8744 0.8108 0.0898  0.2376  0.1558  12 TYR A CD1 
82  C CD2 . TYR A 12 ? 0.6080 0.8688 0.7807 0.0890  0.1893  0.1577  12 TYR A CD2 
83  C CE1 . TYR A 12 ? 0.6611 0.8855 0.8113 0.0839  0.2291  0.1457  12 TYR A CE1 
84  C CE2 . TYR A 12 ? 0.6229 0.8889 0.7870 0.0799  0.1825  0.1493  12 TYR A CE2 
85  C CZ  . TYR A 12 ? 0.6407 0.8860 0.7918 0.0781  0.2007  0.1439  12 TYR A CZ  
86  O OH  . TYR A 12 ? 0.6410 0.8861 0.7813 0.0701  0.1897  0.1350  12 TYR A OH  
87  N N   . VAL A 13 ? 0.5146 0.8328 0.7983 0.1048  0.1876  0.1599  13 VAL A N   
88  C CA  . VAL A 13 ? 0.5017 0.8682 0.8285 0.0992  0.1739  0.1480  13 VAL A CA  
89  C C   . VAL A 13 ? 0.4539 0.8423 0.8288 0.0975  0.1882  0.1425  13 VAL A C   
90  O O   . VAL A 13 ? 0.4319 0.8247 0.8096 0.0808  0.1788  0.1248  13 VAL A O   
91  C CB  . VAL A 13 ? 0.5345 0.9189 0.8700 0.1070  0.1480  0.1461  13 VAL A CB  
92  C CG1 . VAL A 13 ? 0.4455 0.8855 0.8317 0.0994  0.1396  0.1305  13 VAL A CG1 
93  C CG2 . VAL A 13 ? 0.5305 0.8933 0.8185 0.1064  0.1298  0.1508  13 VAL A CG2 
94  N N   . ARG A 14 ? 0.4625 0.8312 0.8431 0.1065  0.1962  0.1478  14 ARG A N   
95  C CA  . ARG A 14 ? 0.4805 0.8351 0.8706 0.0973  0.1910  0.1318  14 ARG A CA  
96  C C   . ARG A 14 ? 0.4930 0.8197 0.8670 0.0849  0.1982  0.1239  14 ARG A C   
97  O O   . ARG A 14 ? 0.5548 0.8755 0.9348 0.0756  0.1903  0.1100  14 ARG A O   
98  C CB  . ARG A 14 ? 0.4619 0.8063 0.8650 0.1114  0.1960  0.1426  14 ARG A CB  
99  C CG  . ARG A 14 ? 0.4486 0.8235 0.8799 0.1257  0.1803  0.1429  14 ARG A CG  
100 C CD  . ARG A 14 ? 0.4903 0.8526 0.9356 0.1455  0.1849  0.1594  14 ARG A CD  
101 N NE  . ARG A 14 ? 0.4746 0.8569 0.9441 0.1588  0.1590  0.1515  14 ARG A NE  
102 C CZ  . ARG A 14 ? 0.5159 0.8714 0.9802 0.1734  0.1451  0.1580  14 ARG A CZ  
103 N NH1 . ARG A 14 ? 0.5363 0.9141 1.0302 0.1874  0.1189  0.1468  14 ARG A NH1 
104 N NH2 . ARG A 14 ? 0.5445 0.8500 0.9741 0.1733  0.1565  0.1747  14 ARG A NH2 
105 N N   . SER A 15 ? 0.4952 0.8066 0.8501 0.0859  0.2125  0.1317  15 SER A N   
106 C CA  . SER A 15 ? 0.4916 0.7821 0.8396 0.0770  0.2172  0.1218  15 SER A CA  
107 C C   . SER A 15 ? 0.4390 0.7403 0.7843 0.0678  0.2086  0.1125  15 SER A C   
108 O O   . SER A 15 ? 0.4613 0.7496 0.8080 0.0629  0.2105  0.1043  15 SER A O   
109 C CB  . SER A 15 ? 0.4718 0.7380 0.8024 0.0826  0.2406  0.1312  15 SER A CB  
110 O OG  . SER A 15 ? 0.6378 0.8908 0.9701 0.0886  0.2511  0.1417  15 SER A OG  
111 N N   . LEU A 16 ? 0.4268 0.6502 0.7176 0.1734  0.0728  0.1021  16 LEU A N   
112 C CA  . LEU A 16 ? 0.5594 0.7165 0.7962 0.1915  0.0564  0.0870  16 LEU A CA  
113 C C   . LEU A 16 ? 0.5009 0.6331 0.7501 0.2076  0.0265  0.0846  16 LEU A C   
114 O O   . LEU A 16 ? 0.4486 0.5742 0.7022 0.1863  0.0142  0.0966  16 LEU A O   
115 C CB  . LEU A 16 ? 0.5841 0.6890 0.7514 0.1659  0.0549  0.0929  16 LEU A CB  
116 C CG  . LEU A 16 ? 0.6675 0.7797 0.7961 0.1542  0.0768  0.0882  16 LEU A CG  
117 C CD1 . LEU A 16 ? 0.6376 0.7122 0.7059 0.1245  0.0711  0.0934  16 LEU A CD1 
118 C CD2 . LEU A 16 ? 0.6453 0.7320 0.7520 0.1808  0.0868  0.0618  16 LEU A CD2 
119 N N   . PRO A 17 ? 0.5741 0.6928 0.8294 0.2451  0.0138  0.0700  17 PRO A N   
120 C CA  . PRO A 17 ? 0.5966 0.6925 0.8569 0.2620  -0.0211 0.0723  17 PRO A CA  
121 C C   . PRO A 17 ? 0.7070 0.7021 0.8802 0.2514  -0.0404 0.0773  17 PRO A C   
122 O O   . PRO A 17 ? 0.7256 0.6673 0.8372 0.2381  -0.0266 0.0733  17 PRO A O   
123 C CB  . PRO A 17 ? 0.5746 0.6941 0.8742 0.3123  -0.0264 0.0568  17 PRO A CB  
124 C CG  . PRO A 17 ? 0.6017 0.6977 0.8700 0.3204  0.0045  0.0421  17 PRO A CG  
125 C CD  . PRO A 17 ? 0.5626 0.6887 0.8225 0.2757  0.0320  0.0504  17 PRO A CD  
126 N N   . LYS A 18 ? 0.7340 0.7054 0.8988 0.2525  -0.0723 0.0850  18 LYS A N   
127 C CA  . LYS A 18 ? 0.8521 0.7238 0.9282 0.2381  -0.0906 0.0900  18 LYS A CA  
128 C C   . LYS A 18 ? 0.9568 0.7469 0.9734 0.2701  -0.0937 0.0821  18 LYS A C   
129 O O   . LYS A 18 ? 1.0154 0.7340 0.9580 0.2487  -0.0802 0.0773  18 LYS A O   
130 C CB  . LYS A 18 ? 0.8888 0.7539 0.9635 0.2332  -0.1255 0.1002  18 LYS A CB  
131 C CG  . LYS A 18 ? 0.9698 0.7250 0.9454 0.2227  -0.1482 0.1066  18 LYS A CG  
132 C CD  . LYS A 18 ? 0.9739 0.7301 0.9421 0.2070  -0.1807 0.1170  18 LYS A CD  
133 C CE  . LYS A 18 ? 0.9164 0.7373 0.9498 0.2492  -0.2110 0.1212  18 LYS A CE  
134 N NZ  . LYS A 18 ? 1.0074 0.7716 1.0068 0.2978  -0.2333 0.1269  18 LYS A NZ  
135 N N   . ASP A 19 ? 0.9476 0.7484 0.9982 0.3214  -0.1094 0.0791  19 ASP A N   
136 C CA  . ASP A 19 ? 1.0658 0.7870 1.0706 0.3609  -0.1082 0.0700  19 ASP A CA  
137 C C   . ASP A 19 ? 1.0107 0.7868 1.0649 0.3798  -0.0712 0.0494  19 ASP A C   
138 O O   . ASP A 19 ? 0.9505 0.8150 1.0931 0.4097  -0.0692 0.0430  19 ASP A O   
139 C CB  . ASP A 19 ? 1.0445 0.7596 1.0675 0.3900  -0.1396 0.0793  19 ASP A CB  
140 C CG  . ASP A 19 ? 1.2128 0.8833 1.1823 0.3640  -0.1734 0.0995  19 ASP A CG  
141 O OD1 . ASP A 19 ? 1.2992 1.0315 1.3044 0.3436  -0.1873 0.1072  19 ASP A OD1 
142 O OD2 . ASP A 19 ? 1.3052 0.8765 1.1932 0.3619  -0.1842 0.1059  19 ASP A OD2 
143 N N   . GLY A 20 ? 1.0595 0.7887 1.0552 0.3555  -0.0404 0.0370  20 GLY A N   
144 C CA  . GLY A 20 ? 1.0303 0.8044 1.0555 0.3634  -0.0026 0.0161  20 GLY A CA  
145 C C   . GLY A 20 ? 1.0889 0.7777 1.0244 0.3434  0.0237  -0.0007 20 GLY A C   
146 O O   . GLY A 20 ? 1.1140 0.7176 0.9665 0.3143  0.0153  0.0044  20 GLY A O   
147 N N   . PRO A 21 ? 1.1122 0.8251 1.0604 0.3533  0.0589  -0.0243 21 PRO A N   
148 C CA  . PRO A 21 ? 1.1789 0.8131 1.0378 0.3288  0.0873  -0.0453 21 PRO A CA  
149 C C   . PRO A 21 ? 1.1477 0.8000 0.9602 0.2632  0.0949  -0.0383 21 PRO A C   
150 O O   . PRO A 21 ? 1.2336 0.8154 0.9610 0.2325  0.1100  -0.0532 21 PRO A O   
151 C CB  . PRO A 21 ? 1.2024 0.8787 1.0990 0.3532  0.1249  -0.0738 21 PRO A CB  
152 C CG  . PRO A 21 ? 1.1288 0.9343 1.1305 0.3628  0.1219  -0.0627 21 PRO A CG  
153 C CD  . PRO A 21 ? 1.0803 0.8943 1.1208 0.3808  0.0778  -0.0360 21 PRO A CD  
154 N N   . VAL A 22 ? 1.0420 0.7865 0.9090 0.2410  0.0854  -0.0167 22 VAL A N   
155 C CA  . VAL A 22 ? 1.0200 0.7955 0.8594 0.1868  0.0899  -0.0060 22 VAL A CA  
156 C C   . VAL A 22 ? 0.9894 0.7600 0.8358 0.1710  0.0611  0.0172  22 VAL A C   
157 O O   . VAL A 22 ? 0.9494 0.7705 0.8637 0.1868  0.0459  0.0334  22 VAL A O   
158 C CB  . VAL A 22 ? 0.8999 0.7817 0.7922 0.1737  0.1085  0.0009  22 VAL A CB  
159 C CG1 . VAL A 22 ? 0.8858 0.8018 0.7540 0.1249  0.1071  0.0173  22 VAL A CG1 
160 C CG2 . VAL A 22 ? 0.9414 0.8280 0.8207 0.1843  0.1414  -0.0261 22 VAL A CG2 
161 N N   . GLN A 23 ? 1.0343 0.7452 0.8096 0.1353  0.0567  0.0153  23 GLN A N   
162 C CA  . GLN A 23 ? 1.0172 0.7214 0.7911 0.1120  0.0363  0.0318  23 GLN A CA  
163 C C   . GLN A 23 ? 0.9908 0.7244 0.7391 0.0620  0.0460  0.0325  23 GLN A C   
164 O O   . GLN A 23 ? 1.1305 0.8240 0.8107 0.0364  0.0591  0.0147  23 GLN A O   
165 C CB  . GLN A 23 ? 1.0699 0.6639 0.7792 0.1184  0.0186  0.0280  23 GLN A CB  
166 C CG  . GLN A 23 ? 1.1388 0.7034 0.8727 0.1737  0.0021  0.0305  23 GLN A CG  
167 C CD  . GLN A 23 ? 1.1289 0.7713 0.9487 0.1913  -0.0177 0.0489  23 GLN A CD  
168 O OE1 . GLN A 23 ? 1.2196 0.9069 1.0640 0.1606  -0.0212 0.0607  23 GLN A OE1 
169 N NE2 . GLN A 23 ? 1.0908 0.7512 0.9591 0.2402  -0.0289 0.0490  23 GLN A NE2 
170 N N   . LEU A 24 ? 0.8053 0.6102 0.6100 0.0484  0.0404  0.0519  24 LEU A N   
171 C CA  . LEU A 24 ? 0.8487 0.6998 0.6488 0.0087  0.0465  0.0565  24 LEU A CA  
172 C C   . LEU A 24 ? 0.8381 0.6382 0.5941 -0.0233 0.0393  0.0496  24 LEU A C   
173 O O   . LEU A 24 ? 0.8626 0.6389 0.6342 -0.0183 0.0275  0.0563  24 LEU A O   
174 C CB  . LEU A 24 ? 0.7514 0.6968 0.6353 0.0139  0.0467  0.0819  24 LEU A CB  
175 C CG  . LEU A 24 ? 0.7643 0.7799 0.6748 0.0201  0.0592  0.0918  24 LEU A CG  
176 C CD1 . LEU A 24 ? 0.7620 0.7573 0.6643 0.0481  0.0692  0.0776  24 LEU A CD1 
177 C CD2 . LEU A 24 ? 0.6820 0.7688 0.6699 0.0276  0.0589  0.1209  24 LEU A CD2 
178 N N   . ASP A 25 ? 0.8123 0.5979 0.5101 -0.0614 0.0480  0.0339  25 ASP A N   
179 C CA  . ASP A 25 ? 0.9118 0.6652 0.5723 -0.1009 0.0465  0.0247  25 ASP A CA  
180 C C   . ASP A 25 ? 0.8721 0.7152 0.6080 -0.1117 0.0445  0.0409  25 ASP A C   
181 O O   . ASP A 25 ? 0.6833 0.6078 0.4898 -0.0917 0.0441  0.0610  25 ASP A O   
182 C CB  . ASP A 25 ? 0.9349 0.6577 0.5154 -0.1438 0.0592  -0.0002 25 ASP A CB  
183 C CG  . ASP A 25 ? 0.9454 0.7652 0.5509 -0.1581 0.0658  0.0018  25 ASP A CG  
184 O OD1 . ASP A 25 ? 0.9339 0.8418 0.5900 -0.1756 0.0617  0.0130  25 ASP A OD1 
185 O OD2 . ASP A 25 ? 1.1451 0.9538 0.7190 -0.1510 0.0750  -0.0078 25 ASP A OD2 
186 N N   . ASN A 26 ? 0.7938 0.6165 0.5125 -0.1440 0.0458  0.0316  26 ASN A N   
187 C CA  . ASN A 26 ? 0.8153 0.7153 0.6100 -0.1509 0.0479  0.0431  26 ASN A CA  
188 C C   . ASN A 26 ? 0.7428 0.7448 0.5794 -0.1613 0.0513  0.0504  26 ASN A C   
189 O O   . ASN A 26 ? 0.6159 0.6946 0.5343 -0.1424 0.0502  0.0727  26 ASN A O   
190 C CB  . ASN A 26 ? 0.9501 0.8067 0.7132 -0.1876 0.0537  0.0256  26 ASN A CB  
191 C CG  . ASN A 26 ? 1.1955 0.9685 0.9311 -0.1755 0.0455  0.0269  26 ASN A CG  
192 O OD1 . ASN A 26 ? 1.0156 0.7953 0.7924 -0.1373 0.0358  0.0438  26 ASN A OD1 
193 N ND2 . ASN A 26 ? 1.1877 0.8843 0.8502 -0.2115 0.0490  0.0091  26 ASN A ND2 
194 N N   . ALA A 27 ? 0.6975 0.6998 0.4757 -0.1917 0.0547  0.0328  27 ALA A N   
195 C CA  . ALA A 27 ? 0.7215 0.8285 0.5331 -0.2037 0.0525  0.0409  27 ALA A CA  
196 C C   . ALA A 27 ? 0.6639 0.8214 0.5188 -0.1654 0.0461  0.0696  27 ALA A C   
197 O O   . ALA A 27 ? 0.6261 0.8745 0.5484 -0.1539 0.0398  0.0951  27 ALA A O   
198 C CB  . ALA A 27 ? 0.6440 0.7359 0.3729 -0.2502 0.0583  0.0121  27 ALA A CB  
199 N N   . ALA A 28 ? 0.7345 0.8329 0.5525 -0.1443 0.0491  0.0663  28 ALA A N   
200 C CA  . ALA A 28 ? 0.6318 0.7750 0.4871 -0.1125 0.0479  0.0900  28 ALA A CA  
201 C C   . ALA A 28 ? 0.6349 0.8074 0.5749 -0.0796 0.0448  0.1185  28 ALA A C   
202 O O   . ALA A 28 ? 0.5589 0.7952 0.5464 -0.0631 0.0433  0.1463  28 ALA A O   
203 C CB  . ALA A 28 ? 0.6820 0.7569 0.4864 -0.0967 0.0563  0.0741  28 ALA A CB  
204 N N   . LYS A 29 ? 0.5958 0.7168 0.5486 -0.0733 0.0447  0.1119  29 LYS A N   
205 C CA  . LYS A 29 ? 0.5922 0.7358 0.6207 -0.0497 0.0455  0.1335  29 LYS A CA  
206 C C   . LYS A 29 ? 0.5827 0.8012 0.6719 -0.0542 0.0462  0.1531  29 LYS A C   
207 O O   . LYS A 29 ? 0.4376 0.6962 0.5876 -0.0310 0.0486  0.1811  29 LYS A O   
208 C CB  . LYS A 29 ? 0.5997 0.6752 0.6192 -0.0512 0.0447  0.1190  29 LYS A CB  
209 C CG  . LYS A 29 ? 0.6745 0.6878 0.6612 -0.0313 0.0392  0.1104  29 LYS A CG  
210 C CD  . LYS A 29 ? 0.7277 0.6822 0.7038 -0.0354 0.0331  0.1012  29 LYS A CD  
211 C CE  . LYS A 29 ? 0.7521 0.6551 0.7038 -0.0099 0.0216  0.0966  29 LYS A CE  
212 N NZ  . LYS A 29 ? 0.8067 0.6418 0.6766 -0.0133 0.0178  0.0797  29 LYS A NZ  
213 N N   . LEU A 30 ? 0.5175 0.7555 0.5924 -0.0834 0.0452  0.1386  30 LEU A N   
214 C CA  . LEU A 30 ? 0.5247 0.8455 0.6652 -0.0834 0.0441  0.1559  30 LEU A CA  
215 C C   . LEU A 30 ? 0.4953 0.8904 0.6507 -0.0715 0.0335  0.1851  30 LEU A C   
216 O O   . LEU A 30 ? 0.4630 0.9163 0.6862 -0.0491 0.0304  0.2170  30 LEU A O   
217 C CB  . LEU A 30 ? 0.5324 0.8692 0.6546 -0.1216 0.0462  0.1287  30 LEU A CB  
218 C CG  . LEU A 30 ? 0.5719 0.8591 0.6983 -0.1376 0.0597  0.1053  30 LEU A CG  
219 C CD1 . LEU A 30 ? 0.6036 0.9111 0.7011 -0.1832 0.0647  0.0753  30 LEU A CD1 
220 C CD2 . LEU A 30 ? 0.4852 0.8031 0.7039 -0.1109 0.0691  0.1239  30 LEU A CD2 
221 N N   . GLN A 31 ? 0.6068 0.9964 0.6946 -0.0869 0.0287  0.1751  31 GLN A N   
222 C CA  . GLN A 31 ? 0.5051 0.9626 0.5921 -0.0822 0.0186  0.2014  31 GLN A CA  
223 C C   . GLN A 31 ? 0.4738 0.9306 0.6005 -0.0460 0.0225  0.2354  31 GLN A C   
224 O O   . GLN A 31 ? 0.5137 1.0307 0.6860 -0.0296 0.0146  0.2731  31 GLN A O   
225 C CB  . GLN A 31 ? 0.5947 1.0321 0.5930 -0.1102 0.0196  0.1766  31 GLN A CB  
226 C CG  . GLN A 31 ? 0.6725 1.1147 0.6225 -0.1548 0.0178  0.1433  31 GLN A CG  
227 C CD  . GLN A 31 ? 0.7832 1.1662 0.6361 -0.1822 0.0275  0.1102  31 GLN A CD  
228 O OE1 . GLN A 31 ? 0.8349 1.2111 0.6599 -0.1723 0.0319  0.1155  31 GLN A OE1 
229 N NE2 . GLN A 31 ? 0.8882 1.2222 0.6864 -0.2185 0.0347  0.0738  31 GLN A NE2 
230 N N   . PHE A 32 ? 0.4967 0.8857 0.6064 -0.0335 0.0343  0.2232  32 PHE A N   
231 C CA  . PHE A 32 ? 0.4869 0.8747 0.6329 -0.0060 0.0420  0.2496  32 PHE A CA  
232 C C   . PHE A 32 ? 0.4892 0.8872 0.7121 0.0137  0.0455  0.2741  32 PHE A C   
233 O O   . PHE A 32 ? 0.4278 0.8479 0.6859 0.0320  0.0493  0.3085  32 PHE A O   
234 C CB  . PHE A 32 ? 0.5296 0.8536 0.6522 0.0026  0.0530  0.2261  32 PHE A CB  
235 C CG  . PHE A 32 ? 0.5695 0.8815 0.6264 -0.0073 0.0570  0.2065  32 PHE A CG  
236 C CD1 . PHE A 32 ? 0.6588 0.9096 0.6641 -0.0154 0.0588  0.1703  32 PHE A CD1 
237 C CD2 . PHE A 32 ? 0.6134 0.9690 0.6555 -0.0093 0.0612  0.2241  32 PHE A CD2 
238 C CE1 . PHE A 32 ? 0.6784 0.9096 0.6246 -0.0223 0.0675  0.1490  32 PHE A CE1 
239 C CE2 . PHE A 32 ? 0.6798 1.0224 0.6599 -0.0212 0.0704  0.2008  32 PHE A CE2 
240 C CZ  . PHE A 32 ? 0.7210 1.0004 0.6563 -0.0262 0.0751  0.1617  32 PHE A CZ  
241 N N   . TYR A 33 ? 0.4127 0.7881 0.6575 0.0079  0.0475  0.2558  33 TYR A N   
242 C CA  . TYR A 33 ? 0.4220 0.8024 0.7393 0.0243  0.0561  0.2731  33 TYR A CA  
243 C C   . TYR A 33 ? 0.4029 0.8550 0.7652 0.0364  0.0477  0.3075  33 TYR A C   
244 O O   . TYR A 33 ? 0.4124 0.8603 0.8170 0.0601  0.0538  0.3366  33 TYR A O   
245 C CB  . TYR A 33 ? 0.4280 0.7710 0.7509 0.0092  0.0630  0.2411  33 TYR A CB  
246 C CG  . TYR A 33 ? 0.3628 0.7209 0.7604 0.0209  0.0754  0.2519  33 TYR A CG  
247 C CD1 . TYR A 33 ? 0.3482 0.7528 0.7714 0.0172  0.0707  0.2495  33 TYR A CD1 
248 C CD2 . TYR A 33 ? 0.4129 0.7169 0.8321 0.0348  0.0883  0.2525  33 TYR A CD2 
249 C CE1 . TYR A 33 ? 0.3799 0.7732 0.8506 0.0317  0.0809  0.2481  33 TYR A CE1 
250 C CE2 . TYR A 33 ? 0.4707 0.7592 0.9310 0.0441  0.0996  0.2518  33 TYR A CE2 
251 C CZ  . TYR A 33 ? 0.4461 0.7778 0.9336 0.0447  0.0969  0.2499  33 TYR A CZ  
252 O OH  . TYR A 33 ? 0.4896 0.8076 1.0236 0.0564  0.1121  0.2479  33 TYR A OH  
253 N N   . SER A 34 ? 0.3692 0.8748 0.7108 0.0189  0.0323  0.3009  34 SER A N   
254 C CA  . SER A 34 ? 0.4075 0.9959 0.7953 0.0321  0.0177  0.3348  34 SER A CA  
255 C C   . SER A 34 ? 0.4082 1.0193 0.7854 0.0499  0.0085  0.3791  34 SER A C   
256 O O   . SER A 34 ? 0.4375 1.0431 0.8434 0.0727  0.0096  0.4093  34 SER A O   
257 C CB  . SER A 34 ? 0.3967 1.0461 0.7571 0.0014  0.0014  0.3136  34 SER A CB  
258 O OG  . SER A 34 ? 0.4467 1.0798 0.7199 -0.0267 -0.0039 0.2943  34 SER A OG  
259 N N   . LEU A 35 ? 0.4305 1.0296 0.7369 0.0324  0.0062  0.3713  35 LEU A N   
260 C CA  . LEU A 35 ? 0.4755 1.0977 0.7603 0.0412  0.0002  0.4108  35 LEU A CA  
261 C C   . LEU A 35 ? 0.4663 1.0393 0.7858 0.0670  0.0193  0.4361  35 LEU A C   
262 O O   . LEU A 35 ? 0.5207 1.1042 0.8491 0.0789  0.0194  0.4717  35 LEU A O   
263 C CB  . LEU A 35 ? 0.4914 1.1058 0.6904 0.0126  0.0010  0.3870  35 LEU A CB  
264 C CG  . LEU A 35 ? 0.5552 1.2125 0.7060 -0.0212 -0.0146 0.3599  35 LEU A CG  
265 C CD1 . LEU A 35 ? 0.7398 1.3729 0.8039 -0.0483 -0.0061 0.3326  35 LEU A CD1 
266 C CD2 . LEU A 35 ? 0.6860 1.4396 0.8578 -0.0213 -0.0424 0.3962  35 LEU A CD2 
267 N N   . TYR A 36 ? 0.4604 0.9687 0.7917 0.0676  0.0399  0.4063  36 TYR A N   
268 C CA  . TYR A 36 ? 0.4845 0.9481 0.8487 0.0846  0.0606  0.4238  36 TYR A CA  
269 C C   . TYR A 36 ? 0.6440 1.0939 1.0595 0.0997  0.0687  0.4427  36 TYR A C   
270 O O   . TYR A 36 ? 0.5656 1.0061 0.9959 0.1096  0.0794  0.4687  36 TYR A O   
271 C CB  . TYR A 36 ? 0.4796 0.8853 0.8437 0.0768  0.0769  0.3823  36 TYR A CB  
272 C CG  . TYR A 36 ? 0.4860 0.8489 0.8818 0.0863  0.0986  0.3914  36 TYR A CG  
273 C CD1 . TYR A 36 ? 0.4972 0.8501 0.8674 0.0826  0.1072  0.3895  36 TYR A CD1 
274 C CD2 . TYR A 36 ? 0.5015 0.8177 0.9338 0.0929  0.1085  0.3881  36 TYR A CD2 
275 C CE1 . TYR A 36 ? 0.5167 0.8308 0.9097 0.0866  0.1228  0.3853  36 TYR A CE1 
276 C CE2 . TYR A 36 ? 0.5222 0.7972 0.9776 0.0991  0.1247  0.3868  36 TYR A CE2 
277 C CZ  . TYR A 36 ? 0.5475 0.8256 0.9838 0.0947  0.1308  0.3835  36 TYR A CZ  
278 O OH  . TYR A 36 ? 0.5938 0.8344 1.0466 0.0927  0.1480  0.3752  36 TYR A OH  
279 N N   . LYS A 37 ? 0.5375 0.9803 0.9760 0.0997  0.0655  0.4222  37 LYS A N   
280 C CA  . LYS A 37 ? 0.5453 0.9718 1.0297 0.1154  0.0747  0.4350  37 LYS A CA  
281 C C   . LYS A 37 ? 0.5543 1.0335 1.0447 0.1290  0.0597  0.4738  37 LYS A C   
282 O O   . LYS A 37 ? 0.5762 1.0365 1.0978 0.1471  0.0703  0.4986  37 LYS A O   
283 C CB  . LYS A 37 ? 0.5174 0.9385 1.0244 0.1118  0.0732  0.4010  37 LYS A CB  
284 C CG  . LYS A 37 ? 0.5357 0.8886 1.0505 0.1031  0.0934  0.3672  37 LYS A CG  
285 C CD  . LYS A 37 ? 0.7071 1.0087 1.2549 0.1144  0.1187  0.3847  37 LYS A CD  
286 C CE  . LYS A 37 ? 0.5957 0.8369 1.1565 0.1039  0.1375  0.3495  37 LYS A CE  
287 N NZ  . LYS A 37 ? 0.6612 0.8540 1.2555 0.1093  0.1664  0.3654  37 LYS A NZ  
288 N N   . GLN A 38 ? 0.5218 1.0672 0.9802 0.1193  0.0339  0.4787  38 GLN A N   
289 C CA  . GLN A 38 ? 0.5427 1.1429 1.0009 0.1293  0.0143  0.5142  38 GLN A CA  
290 C C   . GLN A 38 ? 0.5948 1.1807 1.0306 0.1336  0.0194  0.5463  38 GLN A C   
291 O O   . GLN A 38 ? 0.6052 1.2007 1.0543 0.1512  0.0120  0.5799  38 GLN A O   
292 C CB  . GLN A 38 ? 0.5110 1.1899 0.9342 0.1092  -0.0142 0.5065  38 GLN A CB  
293 C CG  . GLN A 38 ? 0.5707 1.3162 0.9971 0.1173  -0.0395 0.5384  38 GLN A CG  
294 C CD  . GLN A 38 ? 0.6154 1.3659 1.1077 0.1459  -0.0411 0.5453  38 GLN A CD  
295 O OE1 . GLN A 38 ? 0.4957 1.2280 1.0247 0.1486  -0.0301 0.5142  38 GLN A OE1 
296 N NE2 . GLN A 38 ? 0.5933 1.3684 1.1006 0.1680  -0.0556 0.5847  38 GLN A NE2 
297 N N   . ALA A 39 ? 0.6498 1.2103 1.0513 0.1194  0.0310  0.5350  39 ALA A N   
298 C CA  . ALA A 39 ? 0.6454 1.1900 1.0181 0.1187  0.0365  0.5570  39 ALA A CA  
299 C C   . ALA A 39 ? 0.6808 1.1579 1.0862 0.1314  0.0649  0.5604  39 ALA A C   
300 O O   . ALA A 39 ? 0.8235 1.2789 1.2049 0.1311  0.0709  0.5798  39 ALA A O   
301 C CB  . ALA A 39 ? 0.6053 1.1578 0.9169 0.0948  0.0352  0.5375  39 ALA A CB  
302 N N   . THR A 40 ? 0.7011 1.1415 1.1536 0.1380  0.0831  0.5400  40 THR A N   
303 C CA  . THR A 40 ? 0.6764 1.0551 1.1585 0.1443  0.1117  0.5365  40 THR A CA  
304 C C   . THR A 40 ? 0.6921 1.0423 1.2252 0.1630  0.1240  0.5458  40 THR A C   
305 O O   . THR A 40 ? 0.7115 1.0159 1.2598 0.1723  0.1435  0.5583  40 THR A O   
306 C CB  . THR A 40 ? 0.6513 1.0020 1.1386 0.1307  0.1273  0.4976  40 THR A CB  
307 O OG1 . THR A 40 ? 0.5993 0.9750 1.0383 0.1170  0.1144  0.4862  40 THR A OG1 
308 C CG2 . THR A 40 ? 0.6925 0.9873 1.1978 0.1317  0.1532  0.4907  40 THR A CG2 
309 N N   . GLU A 41 ? 0.6944 1.0660 1.2500 0.1685  0.1137  0.5376  41 GLU A N   
310 C CA  . GLU A 41 ? 0.6448 0.9891 1.2504 0.1879  0.1261  0.5412  41 GLU A CA  
311 C C   . GLU A 41 ? 0.7045 1.0981 1.3252 0.2097  0.1003  0.5650  41 GLU A C   
312 O O   . GLU A 41 ? 0.8363 1.2139 1.5037 0.2315  0.1083  0.5687  41 GLU A O   
313 C CB  . GLU A 41 ? 0.6911 1.0049 1.3196 0.1759  0.1418  0.5001  41 GLU A CB  
314 N N   . GLY A 42 ? 1.0998 1.0609 1.0573 -0.0758 0.2887  0.5467  42 GLY A N   
315 C CA  . GLY A 42 ? 1.1370 1.0896 1.0551 -0.0223 0.2590  0.5860  42 GLY A CA  
316 C C   . GLY A 42 ? 1.1030 1.1439 1.0729 0.0212  0.2230  0.5830  42 GLY A C   
317 O O   . GLY A 42 ? 0.9235 1.0485 0.9403 0.0066  0.2135  0.5499  42 GLY A O   
318 N N   . ASP A 43 ? 1.0733 1.0956 1.0324 0.0753  0.2041  0.6138  43 ASP A N   
319 C CA  . ASP A 43 ? 0.9895 1.1001 0.9945 0.1140  0.1714  0.6086  43 ASP A CA  
320 C C   . ASP A 43 ? 0.9221 1.0281 0.9862 0.1154  0.1824  0.5874  43 ASP A C   
321 O O   . ASP A 43 ? 0.9645 0.9889 1.0336 0.0941  0.2137  0.5782  43 ASP A O   
322 C CB  . ASP A 43 ? 1.0528 1.1589 1.0367 0.1718  0.1485  0.6421  43 ASP A CB  
323 C CG  . ASP A 43 ? 1.0931 1.2388 1.0265 0.1704  0.1272  0.6591  43 ASP A CG  
324 O OD1 . ASP A 43 ? 1.1010 1.2832 1.0193 0.1260  0.1288  0.6402  43 ASP A OD1 
325 O OD2 . ASP A 43 ? 1.1708 1.3097 1.0785 0.2138  0.1099  0.6892  43 ASP A OD2 
326 N N   . VAL A 44 ? 0.8614 1.0538 0.9660 0.1344  0.1558  0.5678  44 VAL A N   
327 C CA  . VAL A 44 ? 0.8170 1.0134 0.9752 0.1289  0.1565  0.5188  44 VAL A CA  
328 C C   . VAL A 44 ? 0.8888 0.9957 1.0562 0.1589  0.1716  0.5281  44 VAL A C   
329 O O   . VAL A 44 ? 1.1263 1.2019 1.2727 0.2068  0.1688  0.5710  44 VAL A O   
330 C CB  . VAL A 44 ? 0.6960 0.9924 0.8801 0.1419  0.1270  0.4927  44 VAL A CB  
331 C CG1 . VAL A 44 ? 0.6891 1.0194 0.8737 0.1938  0.1057  0.5226  44 VAL A CG1 
332 C CG2 . VAL A 44 ? 0.6749 0.9724 0.9014 0.1286  0.1287  0.4399  44 VAL A CG2 
333 N N   . THR A 45 ? 0.9123 0.9767 1.1070 0.1317  0.1892  0.4878  45 THR A N   
334 C CA  . THR A 45 ? 0.9901 0.9585 1.1886 0.1493  0.2116  0.4869  45 THR A CA  
335 C C   . THR A 45 ? 0.9220 0.9301 1.1673 0.1655  0.1960  0.4482  45 THR A C   
336 O O   . THR A 45 ? 0.8846 0.9517 1.1557 0.1351  0.1831  0.4049  45 THR A O   
337 C CB  . THR A 45 ? 1.0989 0.9803 1.2824 0.0955  0.2494  0.4672  45 THR A CB  
338 O OG1 . THR A 45 ? 1.2528 1.0447 1.4404 0.1026  0.2731  0.4523  45 THR A OG1 
339 C CG2 . THR A 45 ? 0.9271 0.8846 1.1435 0.0416  0.2412  0.4190  45 THR A CG2 
340 N N   . GLY A 46 ? 0.9111 0.8847 1.1635 0.2159  0.1991  0.4648  46 GLY A N   
341 C CA  . GLY A 46 ? 0.9173 0.9184 1.2105 0.2315  0.1906  0.4286  46 GLY A CA  
342 C C   . GLY A 46 ? 0.8471 0.9647 1.1631 0.2649  0.1563  0.4317  46 GLY A C   
343 O O   . GLY A 46 ? 0.8064 0.9930 1.1063 0.2705  0.1359  0.4582  46 GLY A O   
344 N N   . SER A 47 ? 0.8149 0.9540 1.1650 0.2814  0.1532  0.4007  47 SER A N   
345 C CA  . SER A 47 ? 0.7525 1.0040 1.1266 0.3033  0.1266  0.3912  47 SER A CA  
346 C C   . SER A 47 ? 0.6583 0.9627 1.0318 0.2569  0.1142  0.3402  47 SER A C   
347 O O   . SER A 47 ? 0.6420 0.8998 1.0064 0.2179  0.1236  0.3115  47 SER A O   
348 C CB  . SER A 47 ? 0.7811 1.0273 1.1920 0.3514  0.1354  0.3871  47 SER A CB  
349 O OG  . SER A 47 ? 0.9995 1.1628 1.4187 0.3306  0.1602  0.3470  47 SER A OG  
350 N N   . GLN A 48 ? 0.6480 1.0518 1.0265 0.2620  0.0942  0.3294  48 GLN A N   
351 C CA  . GLN A 48 ? 0.5838 1.0308 0.9450 0.2227  0.0861  0.2858  48 GLN A CA  
352 C C   . GLN A 48 ? 0.5329 0.9252 0.9025 0.2063  0.0986  0.2384  48 GLN A C   
353 O O   . GLN A 48 ? 0.5805 0.9738 0.9751 0.2253  0.1051  0.2208  48 GLN A O   
354 C CB  . GLN A 48 ? 0.5246 1.0768 0.8826 0.2276  0.0700  0.2790  48 GLN A CB  
355 C CG  . GLN A 48 ? 0.5123 1.1017 0.8281 0.1854  0.0662  0.2488  48 GLN A CG  
356 C CD  . GLN A 48 ? 0.5156 1.1837 0.8026 0.1734  0.0542  0.2362  48 GLN A CD  
357 O OE1 . GLN A 48 ? 0.5973 1.3017 0.9056 0.1936  0.0474  0.2353  48 GLN A OE1 
358 N NE2 . GLN A 48 ? 0.4813 1.1777 0.7192 0.1394  0.0545  0.2251  48 GLN A NE2 
359 N N   . PRO A 49 ? 0.5175 0.8673 0.8668 0.1720  0.1021  0.2168  49 PRO A N   
360 C CA  . PRO A 49 ? 0.5380 0.8304 0.8888 0.1552  0.1117  0.1760  49 PRO A CA  
361 C C   . PRO A 49 ? 0.4814 0.8039 0.8174 0.1486  0.1081  0.1352  49 PRO A C   
362 O O   . PRO A 49 ? 0.4116 0.7998 0.7316 0.1486  0.0999  0.1329  49 PRO A O   
363 C CB  . PRO A 49 ? 0.5281 0.7979 0.8601 0.1227  0.1095  0.1674  49 PRO A CB  
364 C CG  . PRO A 49 ? 0.4981 0.7948 0.8268 0.1240  0.1069  0.2073  49 PRO A CG  
365 C CD  . PRO A 49 ? 0.5058 0.8641 0.8310 0.1482  0.0976  0.2291  49 PRO A CD  
366 N N   . TRP A 50 ? 0.6177 0.8845 0.9514 0.1370  0.1179  0.1000  50 TRP A N   
367 C CA  . TRP A 50 ? 0.5199 0.7927 0.8263 0.1237  0.1192  0.0568  50 TRP A CA  
368 C C   . TRP A 50 ? 0.4877 0.7890 0.7429 0.1044  0.1081  0.0459  50 TRP A C   
369 O O   . TRP A 50 ? 0.4944 0.7811 0.7332 0.0937  0.1005  0.0529  50 TRP A O   
370 C CB  . TRP A 50 ? 0.5610 0.7565 0.8580 0.1067  0.1299  0.0228  50 TRP A CB  
371 C CG  . TRP A 50 ? 0.5968 0.7819 0.8634 0.0946  0.1376  -0.0215 50 TRP A CG  
372 C CD1 . TRP A 50 ? 0.5828 0.8211 0.8365 0.0960  0.1404  -0.0358 50 TRP A CD1 
373 C CD2 . TRP A 50 ? 0.5771 0.6918 0.8146 0.0727  0.1464  -0.0600 50 TRP A CD2 
374 N NE1 . TRP A 50 ? 0.5973 0.7968 0.8147 0.0763  0.1534  -0.0813 50 TRP A NE1 
375 C CE2 . TRP A 50 ? 0.6020 0.7231 0.8071 0.0638  0.1561  -0.0953 50 TRP A CE2 
376 C CE3 . TRP A 50 ? 0.5775 0.6262 0.8080 0.0544  0.1481  -0.0700 50 TRP A CE3 
377 C CZ2 . TRP A 50 ? 0.6233 0.6781 0.7855 0.0406  0.1674  -0.1375 50 TRP A CZ2 
378 C CZ3 . TRP A 50 ? 0.6224 0.6134 0.8125 0.0314  0.1560  -0.1114 50 TRP A CZ3 
379 C CH2 . TRP A 50 ? 0.6591 0.6491 0.8137 0.0264  0.1655  -0.1434 50 TRP A CH2 
380 N N   . ALA A 51 ? 0.5062 0.8491 0.7345 0.0993  0.1109  0.0274  51 ALA A N   
381 C CA  . ALA A 51 ? 0.5519 0.9056 0.7176 0.0811  0.1091  0.0162  51 ALA A CA  
382 C C   . ALA A 51 ? 0.5904 0.8762 0.7051 0.0678  0.1097  -0.0123 51 ALA A C   
383 O O   . ALA A 51 ? 0.5903 0.8702 0.6582 0.0636  0.1073  -0.0109 51 ALA A O   
384 C CB  . ALA A 51 ? 0.6011 1.0040 0.7388 0.0688  0.1190  -0.0048 51 ALA A CB  
385 N N   . VAL A 52 ? 0.5603 0.7944 0.6796 0.0634  0.1136  -0.0371 52 VAL A N   
386 C CA  . VAL A 52 ? 0.6083 0.7819 0.6768 0.0526  0.1090  -0.0609 52 VAL A CA  
387 C C   . VAL A 52 ? 0.6364 0.8166 0.7244 0.0577  0.0926  -0.0373 52 VAL A C   
388 O O   . VAL A 52 ? 0.6305 0.8002 0.6739 0.0594  0.0839  -0.0426 52 VAL A O   
389 C CB  . VAL A 52 ? 0.6155 0.7339 0.6853 0.0419  0.1176  -0.0917 52 VAL A CB  
390 C CG1 . VAL A 52 ? 0.6326 0.6986 0.6650 0.0316  0.1052  -0.1064 52 VAL A CG1 
391 C CG2 . VAL A 52 ? 0.6295 0.7360 0.6575 0.0300  0.1367  -0.1261 52 VAL A CG2 
392 N N   . GLN A 53 ? 0.5294 0.7277 0.6819 0.0615  0.0907  -0.0114 53 GLN A N   
393 C CA  . GLN A 53 ? 0.5341 0.7521 0.7112 0.0597  0.0802  0.0107  53 GLN A CA  
394 C C   . GLN A 53 ? 0.5786 0.8452 0.7417 0.0697  0.0784  0.0331  53 GLN A C   
395 O O   . GLN A 53 ? 0.3799 0.6797 0.5731 0.0747  0.0819  0.0632  53 GLN A O   
396 C CB  . GLN A 53 ? 0.5149 0.7231 0.7492 0.0564  0.0877  0.0314  53 GLN A CB  
397 C CG  . GLN A 53 ? 0.5354 0.6837 0.7780 0.0452  0.0983  0.0081  53 GLN A CG  
398 C CD  . GLN A 53 ? 0.5215 0.6408 0.8077 0.0470  0.1153  0.0306  53 GLN A CD  
399 O OE1 . GLN A 53 ? 0.5034 0.6359 0.8092 0.0431  0.1162  0.0575  53 GLN A OE1 
400 N NE2 . GLN A 53 ? 0.5180 0.5901 0.8144 0.0539  0.1335  0.0194  53 GLN A NE2 
401 N N   . VAL A 54 ? 0.4963 0.7590 0.6040 0.0733  0.0753  0.0187  54 VAL A N   
402 C CA  . VAL A 54 ? 0.5239 0.8153 0.5989 0.0806  0.0825  0.0321  54 VAL A CA  
403 C C   . VAL A 54 ? 0.4937 0.8299 0.6091 0.0832  0.0798  0.0632  54 VAL A C   
404 O O   . VAL A 54 ? 0.4293 0.7956 0.5440 0.0827  0.0880  0.0847  54 VAL A O   
405 C CB  . VAL A 54 ? 0.5475 0.8032 0.5422 0.0884  0.0865  0.0099  54 VAL A CB  
406 C CG1 . VAL A 54 ? 0.5779 0.8239 0.5744 0.0987  0.0696  0.0026  54 VAL A CG1 
407 C CG2 . VAL A 54 ? 0.4967 0.7699 0.4511 0.0945  0.1011  0.0233  54 VAL A CG2 
408 N N   . GLU A 55 ? 0.4320 0.7775 0.5804 0.0814  0.0696  0.0637  55 GLU A N   
409 C CA  . GLU A 55 ? 0.4620 0.8531 0.6479 0.0787  0.0717  0.0880  55 GLU A CA  
410 C C   . GLU A 55 ? 0.4528 0.8473 0.6810 0.0670  0.0788  0.1143  55 GLU A C   
411 O O   . GLU A 55 ? 0.3971 0.8171 0.6268 0.0668  0.0872  0.1398  55 GLU A O   
412 C CB  . GLU A 55 ? 0.4110 0.8268 0.6254 0.0745  0.0598  0.0772  55 GLU A CB  
413 C CG  . GLU A 55 ? 0.5569 1.0308 0.7918 0.0793  0.0648  0.0920  55 GLU A CG  
414 C CD  . GLU A 55 ? 0.6231 1.1422 0.9177 0.0581  0.0588  0.0885  55 GLU A CD  
415 O OE1 . GLU A 55 ? 0.7773 1.2716 1.0991 0.0314  0.0603  0.0867  55 GLU A OE1 
416 O OE2 . GLU A 55 ? 0.6410 1.2213 0.9537 0.0673  0.0556  0.0859  55 GLU A OE2 
417 N N   . ALA A 56 ? 0.4998 0.8606 0.7549 0.0584  0.0780  0.1092  56 ALA A N   
418 C CA  . ALA A 56 ? 0.4384 0.7851 0.7238 0.0555  0.0880  0.1371  56 ALA A CA  
419 C C   . ALA A 56 ? 0.4343 0.7975 0.7039 0.0728  0.0901  0.1580  56 ALA A C   
420 O O   . ALA A 56 ? 0.3921 0.7694 0.6701 0.0755  0.0952  0.1914  56 ALA A O   
421 C CB  . ALA A 56 ? 0.4169 0.7092 0.7217 0.0480  0.0931  0.1244  56 ALA A CB  
422 N N   . ARG A 57 ? 0.3849 0.7498 0.6272 0.0812  0.0869  0.1372  57 ARG A N   
423 C CA  . ARG A 57 ? 0.4173 0.8176 0.6446 0.0906  0.0877  0.1506  57 ARG A CA  
424 C C   . ARG A 57 ? 0.4627 0.9016 0.6607 0.0840  0.0902  0.1678  57 ARG A C   
425 O O   . ARG A 57 ? 0.3948 0.8670 0.5938 0.0868  0.0899  0.1969  57 ARG A O   
426 C CB  . ARG A 57 ? 0.4562 0.8528 0.6540 0.0901  0.0890  0.1160  57 ARG A CB  
427 C CG  . ARG A 57 ? 0.5181 0.9679 0.6979 0.0905  0.0908  0.1205  57 ARG A CG  
428 C CD  . ARG A 57 ? 0.4680 0.9528 0.6956 0.1104  0.0851  0.1538  57 ARG A CD  
429 N NE  . ARG A 57 ? 0.4815 1.0376 0.6983 0.1097  0.0827  0.1527  57 ARG A NE  
430 C CZ  . ARG A 57 ? 0.4988 1.0778 0.7303 0.1147  0.0843  0.1292  57 ARG A CZ  
431 N NH1 . ARG A 57 ? 0.4469 0.9768 0.7036 0.1235  0.0917  0.1077  57 ARG A NH1 
432 N NH2 . ARG A 57 ? 0.5084 1.1477 0.7209 0.1050  0.0776  0.1229  57 ARG A NH2 
433 N N   . ALA A 58 ? 0.3820 0.8155 0.5502 0.0773  0.0938  0.1512  58 ALA A N   
434 C CA  . ALA A 58 ? 0.4071 0.8670 0.5417 0.0714  0.1031  0.1636  58 ALA A CA  
435 C C   . ALA A 58 ? 0.4041 0.8804 0.5707 0.0660  0.1055  0.1968  58 ALA A C   
436 O O   . ALA A 58 ? 0.4073 0.8909 0.5455 0.0583  0.1058  0.2123  58 ALA A O   
437 C CB  . ALA A 58 ? 0.4031 0.8391 0.4974 0.0748  0.1075  0.1384  58 ALA A CB  
438 N N   . LYS A 59 ? 0.3539 0.8164 0.5663 0.0638  0.1034  0.1997  59 LYS A N   
439 C CA  . LYS A 59 ? 0.4167 0.8861 0.6533 0.0519  0.1120  0.2276  59 LYS A CA  
440 C C   . LYS A 59 ? 0.4184 0.8763 0.6571 0.0568  0.1116  0.2621  59 LYS A C   
441 O O   . LYS A 59 ? 0.4376 0.9059 0.6637 0.0493  0.1194  0.2917  59 LYS A O   
442 C CB  . LYS A 59 ? 0.3845 0.8405 0.6625 0.0393  0.1130  0.2147  59 LYS A CB  
443 C CG  . LYS A 59 ? 0.4537 0.9418 0.7354 0.0394  0.1103  0.1877  59 LYS A CG  
444 C CD  . LYS A 59 ? 0.5067 0.9934 0.8278 0.0247  0.1041  0.1671  59 LYS A CD  
445 C CE  . LYS A 59 ? 0.4851 0.9693 0.8395 -0.0049 0.1194  0.1820  59 LYS A CE  
446 N NZ  . LYS A 59 ? 0.5119 0.9986 0.8996 -0.0305 0.1170  0.1568  59 LYS A NZ  
447 N N   . TRP A 60 ? 0.4034 0.8395 0.6549 0.0726  0.1035  0.2599  60 TRP A N   
448 C CA  . TRP A 60 ? 0.4623 0.8927 0.7167 0.0898  0.1015  0.2955  60 TRP A CA  
449 C C   . TRP A 60 ? 0.4587 0.9463 0.6801 0.0941  0.0936  0.3120  60 TRP A C   
450 O O   . TRP A 60 ? 0.5499 1.0475 0.7586 0.0993  0.0925  0.3507  60 TRP A O   
451 C CB  . TRP A 60 ? 0.4662 0.8672 0.7459 0.1111  0.0980  0.2858  60 TRP A CB  
452 C CG  . TRP A 60 ? 0.5407 0.9282 0.8290 0.1405  0.0981  0.3256  60 TRP A CG  
453 C CD1 . TRP A 60 ? 0.5330 0.8499 0.8314 0.1498  0.1129  0.3488  60 TRP A CD1 
454 C CD2 . TRP A 60 ? 0.4629 0.9088 0.7453 0.1666  0.0841  0.3476  60 TRP A CD2 
455 N NE1 . TRP A 60 ? 0.5912 0.9109 0.8881 0.1890  0.1089  0.3881  60 TRP A NE1 
456 C CE2 . TRP A 60 ? 0.5648 0.9748 0.8576 0.2006  0.0878  0.3883  60 TRP A CE2 
457 C CE3 . TRP A 60 ? 0.4826 1.0093 0.7480 0.1625  0.0705  0.3358  60 TRP A CE3 
458 C CZ2 . TRP A 60 ? 0.5321 0.9984 0.8266 0.2382  0.0724  0.4205  60 TRP A CZ2 
459 C CZ3 . TRP A 60 ? 0.5074 1.0969 0.7762 0.1891  0.0561  0.3625  60 TRP A CZ3 
460 C CH2 . TRP A 60 ? 0.4812 1.0473 0.7685 0.2303  0.0541  0.4061  60 TRP A CH2 
461 N N   . ASP A 61 ? 0.4529 0.9741 0.6508 0.0881  0.0899  0.2823  61 ASP A N   
462 C CA  . ASP A 61 ? 0.4752 1.0536 0.6341 0.0810  0.0860  0.2909  61 ASP A CA  
463 C C   . ASP A 61 ? 0.5349 1.1074 0.6584 0.0616  0.0897  0.3030  61 ASP A C   
464 O O   . ASP A 61 ? 0.5425 1.1443 0.6464 0.0585  0.0811  0.3250  61 ASP A O   
465 C CB  . ASP A 61 ? 0.5182 1.0999 0.6414 0.0692  0.0841  0.2444  61 ASP A CB  
466 C CG  . ASP A 61 ? 0.4867 1.0856 0.6422 0.0848  0.0809  0.2284  61 ASP A CG  
467 O OD1 . ASP A 61 ? 0.5504 1.1135 0.6885 0.0774  0.0853  0.1880  61 ASP A OD1 
468 O OD2 . ASP A 61 ? 0.5048 1.1335 0.6950 0.1067  0.0698  0.2525  61 ASP A OD2 
469 N N   . ALA A 62 ? 0.5266 1.0584 0.6454 0.0501  0.0983  0.2812  62 ALA A N   
470 C CA  . ALA A 62 ? 0.5467 1.0629 0.6407 0.0335  0.1031  0.2822  62 ALA A CA  
471 C C   . ALA A 62 ? 0.5528 1.0701 0.6632 0.0326  0.1085  0.3263  62 ALA A C   
472 O O   . ALA A 62 ? 0.5901 1.1083 0.6708 0.0209  0.1070  0.3364  62 ALA A O   
473 C CB  . ALA A 62 ? 0.5150 1.0039 0.6113 0.0285  0.1145  0.2547  62 ALA A CB  
474 N N   . TRP A 63 ? 0.5150 1.0190 0.6665 0.0419  0.1180  0.3510  63 TRP A N   
475 C CA  . TRP A 63 ? 0.5788 1.0541 0.7309 0.0401  0.1276  0.3936  63 TRP A CA  
476 C C   . TRP A 63 ? 0.5156 1.0066 0.6452 0.0625  0.1118  0.4311  63 TRP A C   
477 O O   . TRP A 63 ? 0.6878 1.1658 0.7871 0.0571  0.1102  0.4522  63 TRP A O   
478 C CB  . TRP A 63 ? 0.5623 0.9857 0.7553 0.0416  0.1380  0.3909  63 TRP A CB  
479 C CG  . TRP A 63 ? 0.6043 0.9695 0.7861 0.0318  0.1558  0.4246  63 TRP A CG  
480 C CD1 . TRP A 63 ? 0.6573 1.0136 0.7956 0.0250  0.1627  0.4616  63 TRP A CD1 
481 C CD2 . TRP A 63 ? 0.6585 0.9549 0.8608 0.0230  0.1726  0.4212  63 TRP A CD2 
482 N NE1 . TRP A 63 ? 0.6948 0.9754 0.8220 0.0147  0.1851  0.4853  63 TRP A NE1 
483 C CE2 . TRP A 63 ? 0.7178 0.9591 0.8836 0.0115  0.1931  0.4588  63 TRP A CE2 
484 C CE3 . TRP A 63 ? 0.6035 0.8739 0.8428 0.0192  0.1751  0.3887  63 TRP A CE3 
485 C CZ2 . TRP A 63 ? 0.7832 0.9385 0.9455 -0.0054 0.2199  0.4630  63 TRP A CZ2 
486 C CZ3 . TRP A 63 ? 0.8050 0.9983 1.0447 0.0001  0.1998  0.3918  63 TRP A CZ3 
487 C CH2 . TRP A 63 ? 0.7513 0.8848 0.9515 -0.0127 0.2240  0.4280  63 TRP A CH2 
488 N N   . ASN A 64 ? 0.4984 1.0166 0.6447 0.0888  0.0959  0.4281  64 ASN A N   
489 C CA  . ASN A 64 ? 0.6284 1.1882 0.7612 0.1155  0.0762  0.4611  64 ASN A CA  
490 C C   . ASN A 64 ? 0.7543 1.3702 0.8507 0.0917  0.0658  0.4465  64 ASN A C   
491 O O   . ASN A 64 ? 0.7209 1.3639 0.8015 0.1025  0.0521  0.4713  64 ASN A O   
492 C CB  . ASN A 64 ? 0.5208 1.1093 0.6912 0.1432  0.0621  0.4396  64 ASN A CB  
493 C CG  . ASN A 64 ? 0.6099 1.2573 0.7815 0.1766  0.0409  0.4690  64 ASN A CG  
494 O OD1 . ASN A 64 ? 0.6419 1.2477 0.8204 0.2080  0.0407  0.4999  64 ASN A OD1 
495 N ND2 . ASN A 64 ? 0.4827 1.2164 0.6442 0.1627  0.0292  0.4446  64 ASN A ND2 
496 N N   . SER A 65 ? 0.5980 1.2179 0.6785 0.0608  0.0713  0.4011  65 SER A N   
497 C CA  . SER A 65 ? 0.6466 1.2912 0.6870 0.0345  0.0638  0.3800  65 SER A CA  
498 C C   . SER A 65 ? 0.6339 1.2496 0.6456 0.0222  0.0683  0.4036  65 SER A C   
499 O O   . SER A 65 ? 0.6101 1.2547 0.5889 0.0075  0.0589  0.4059  65 SER A O   
500 C CB  . SER A 65 ? 0.5573 1.1678 0.5759 0.0107  0.0726  0.3253  65 SER A CB  
501 O OG  . SER A 65 ? 0.6279 1.2387 0.6012 -0.0163 0.0716  0.3039  65 SER A OG  
502 N N   . CYS A 66 ? 0.5995 1.1574 0.6191 0.0233  0.0843  0.4198  66 CYS A N   
503 C CA  . CYS A 66 ? 0.7658 1.2835 0.7505 0.0080  0.0938  0.4400  66 CYS A CA  
504 C C   . CYS A 66 ? 0.9125 1.4082 0.8912 0.0339  0.0886  0.4922  66 CYS A C   
505 O O   . CYS A 66 ? 0.9073 1.3491 0.8499 0.0220  0.1005  0.5117  66 CYS A O   
506 C CB  . CYS A 66 ? 0.7783 1.2431 0.7684 -0.0131 0.1197  0.4210  66 CYS A CB  
507 S SG  . CYS A 66 ? 0.6580 1.1233 0.6408 -0.0343 0.1297  0.3625  66 CYS A SG  
508 N N   . LYS A 67 ? 0.7166 1.4307 0.9516 -0.0122 -0.0373 0.3845  67 LYS A N   
509 C CA  . LYS A 67 ? 0.6818 1.4355 0.9996 0.0055  -0.0438 0.4100  67 LYS A CA  
510 C C   . LYS A 67 ? 0.7454 1.5132 1.0157 0.0413  -0.0755 0.4357  67 LYS A C   
511 O O   . LYS A 67 ? 0.7859 1.5668 1.0042 0.0329  -0.1057 0.4113  67 LYS A O   
512 C CB  . LYS A 67 ? 0.6609 1.4485 1.0789 -0.0278 -0.0515 0.3742  67 LYS A CB  
513 C CG  . LYS A 67 ? 0.6867 1.5119 1.2024 -0.0061 -0.0522 0.4012  67 LYS A CG  
514 C CD  . LYS A 67 ? 0.5758 1.4344 1.1967 -0.0417 -0.0575 0.3586  67 LYS A CD  
515 C CE  . LYS A 67 ? 0.6024 1.4854 1.1897 -0.0574 -0.0991 0.3101  67 LYS A CE  
516 N NZ  . LYS A 67 ? 0.5954 1.5079 1.2864 -0.0990 -0.1001 0.2571  67 LYS A NZ  
517 N N   . GLY A 68 ? 0.7661 1.5298 1.0471 0.0769  -0.0651 0.4835  68 GLY A N   
518 C CA  . GLY A 68 ? 0.8946 1.6643 1.1215 0.1122  -0.0951 0.5165  68 GLY A CA  
519 C C   . GLY A 68 ? 0.9052 1.6214 1.0211 0.1284  -0.0802 0.5423  68 GLY A C   
520 O O   . GLY A 68 ? 0.9822 1.6941 1.0348 0.1509  -0.1045 0.5698  68 GLY A O   
521 N N   . MET A 69 ? 0.8803 1.5578 0.9713 0.1163  -0.0414 0.5338  69 MET A N   
522 C CA  . MET A 69 ? 0.9366 1.5617 0.9363 0.1296  -0.0189 0.5532  69 MET A CA  
523 C C   . MET A 69 ? 0.9345 1.5376 0.9589 0.1503  0.0203  0.5838  69 MET A C   
524 O O   . MET A 69 ? 0.8719 1.4977 0.9830 0.1442  0.0448  0.5819  69 MET A O   
525 C CB  . MET A 69 ? 0.9215 1.5203 0.8831 0.1112  0.0044  0.5272  69 MET A CB  
526 C CG  . MET A 69 ? 0.9478 1.5476 0.8657 0.0864  -0.0168 0.4916  69 MET A CG  
527 S SD  . MET A 69 ? 1.0672 1.6204 0.9431 0.0757  0.0212  0.4704  69 MET A SD  
528 C CE  . MET A 69 ? 1.0262 1.5204 0.7942 0.0884  0.0454  0.4891  69 MET A CE  
529 N N   . LYS A 70 ? 1.0113 1.5649 0.9520 0.1677  0.0325  0.6076  70 LYS A N   
530 C CA  . LYS A 70 ? 1.0211 1.5399 0.9643 0.1805  0.0823  0.6253  70 LYS A CA  
531 C C   . LYS A 70 ? 0.9767 1.4936 0.9278 0.1653  0.1223  0.6016  70 LYS A C   
532 O O   . LYS A 70 ? 0.9963 1.5199 0.9302 0.1531  0.1113  0.5806  70 LYS A O   
533 C CB  . LYS A 70 ? 1.1315 1.5866 0.9731 0.2003  0.0842  0.6551  70 LYS A CB  
534 N N   . SER A 71 ? 0.9634 1.4736 0.9408 0.1672  0.1728  0.6043  71 SER A N   
535 C CA  . SER A 71 ? 0.9869 1.5168 0.9849 0.1558  0.2086  0.5821  71 SER A CA  
536 C C   . SER A 71 ? 1.0619 1.5464 0.9774 0.1623  0.2125  0.5766  71 SER A C   
537 O O   . SER A 71 ? 0.9495 1.4545 0.8782 0.1590  0.2176  0.5600  71 SER A O   
538 C CB  . SER A 71 ? 0.9759 1.5134 1.0102 0.1510  0.2674  0.5798  71 SER A CB  
539 O OG  . SER A 71 ? 1.1465 1.6121 1.1026 0.1654  0.2952  0.5925  71 SER A OG  
540 N N   . GLU A 72 ? 1.0709 1.4889 0.8985 0.1710  0.2129  0.5920  72 GLU A N   
541 C CA  . GLU A 72 ? 1.1368 1.5006 0.8824 0.1681  0.2260  0.5841  72 GLU A CA  
542 C C   . GLU A 72 ? 1.1471 1.5110 0.8587 0.1588  0.1900  0.5770  72 GLU A C   
543 O O   . GLU A 72 ? 1.1768 1.5094 0.8488 0.1534  0.2107  0.5638  72 GLU A O   
544 C CB  . GLU A 72 ? 1.2440 1.5284 0.8934 0.1703  0.2379  0.6014  72 GLU A CB  
545 C CG  . GLU A 72 ? 1.2551 1.5220 0.9205 0.1793  0.2764  0.6101  72 GLU A CG  
546 C CD  . GLU A 72 ? 1.2467 1.5437 0.9722 0.1724  0.3334  0.5808  72 GLU A CD  
547 O OE1 . GLU A 72 ? 1.2080 1.4965 0.9191 0.1665  0.3545  0.5591  72 GLU A OE1 
548 O OE2 . GLU A 72 ? 1.2552 1.5894 1.0463 0.1710  0.3594  0.5776  72 GLU A OE2 
549 N N   . ASP A 73 ? 0.8946 1.3809 0.9868 0.0970  -0.1648 0.3664  73 ASP A N   
550 C CA  . ASP A 73 ? 0.8775 1.4171 1.0043 0.0842  -0.1871 0.3535  73 ASP A CA  
551 C C   . ASP A 73 ? 0.8052 1.3734 0.9695 0.0827  -0.1344 0.3432  73 ASP A C   
552 O O   . ASP A 73 ? 0.8054 1.3605 0.9340 0.0611  -0.1240 0.3144  73 ASP A O   
553 C CB  . ASP A 73 ? 0.8425 1.4258 1.0810 0.0892  -0.2349 0.3434  73 ASP A CB  
554 C CG  . ASP A 73 ? 0.8694 1.4176 1.0692 0.0971  -0.2980 0.3538  73 ASP A CG  
555 O OD1 . ASP A 73 ? 0.8871 1.3856 0.9593 0.0847  -0.3146 0.3660  73 ASP A OD1 
556 O OD2 . ASP A 73 ? 0.8231 1.3897 1.1159 0.1157  -0.3294 0.3456  73 ASP A OD2 
557 N N   . ALA A 74 ? 0.7830 1.3478 1.0034 0.0954  -0.0886 0.3437  74 ALA A N   
558 C CA  . ALA A 74 ? 0.7305 1.3009 0.9789 0.0901  -0.0393 0.3290  74 ALA A CA  
559 C C   . ALA A 74 ? 0.7436 1.2647 0.8983 0.0936  -0.0007 0.3266  74 ALA A C   
560 O O   . ALA A 74 ? 0.5939 1.0923 0.7373 0.0841  0.0271  0.3053  74 ALA A O   
561 C CB  . ALA A 74 ? 0.6666 1.2377 0.9942 0.0924  -0.0068 0.3223  74 ALA A CB  
562 N N   . LYS A 75 ? 0.7725 1.2667 0.8641 0.1023  0.0034  0.3364  75 LYS A N   
563 C CA  . LYS A 75 ? 0.7315 1.1849 0.7642 0.1036  0.0406  0.3123  75 LYS A CA  
564 C C   . LYS A 75 ? 0.7553 1.1920 0.7097 0.0906  0.0355  0.2982  75 LYS A C   
565 O O   . LYS A 75 ? 0.7137 1.1280 0.6543 0.0938  0.0651  0.2751  75 LYS A O   
566 C CB  . LYS A 75 ? 0.8024 1.2249 0.8033 0.1057  0.0461  0.3053  75 LYS A CB  
567 C CG  . LYS A 75 ? 0.7597 1.1941 0.8308 0.1194  0.0637  0.3090  75 LYS A CG  
568 C CD  . LYS A 75 ? 0.8899 1.2874 0.9182 0.1173  0.0649  0.3054  75 LYS A CD  
569 C CE  . LYS A 75 ? 0.8812 1.2939 0.9776 0.1311  0.0804  0.3092  75 LYS A CE  
570 N NZ  . LYS A 75 ? 0.9262 1.2949 0.9742 0.1264  0.0835  0.3042  75 LYS A NZ  
571 N N   . ALA A 76 ? 0.7764 1.2176 0.6846 0.0741  -0.0050 0.3019  76 ALA A N   
572 C CA  . ALA A 76 ? 0.8228 1.2401 0.6710 0.0532  -0.0077 0.2670  76 ALA A CA  
573 C C   . ALA A 76 ? 0.7575 1.1731 0.6619 0.0461  -0.0026 0.2433  76 ALA A C   
574 O O   . ALA A 76 ? 0.7749 1.1566 0.6490 0.0406  0.0177  0.2123  76 ALA A O   
575 C CB  . ALA A 76 ? 0.7485 1.1672 0.5348 0.0306  -0.0568 0.2713  76 ALA A CB  
576 N N   . ALA A 77 ? 0.7495 1.1977 0.7375 0.0442  -0.0189 0.2547  77 ALA A N   
577 C CA  . ALA A 77 ? 0.7329 1.1724 0.7667 0.0290  -0.0076 0.2330  77 ALA A CA  
578 C C   . ALA A 77 ? 0.7304 1.1317 0.7650 0.0420  0.0361  0.2308  77 ALA A C   
579 O O   . ALA A 77 ? 0.7873 1.1458 0.8079 0.0307  0.0477  0.2091  77 ALA A O   
580 C CB  . ALA A 77 ? 0.6683 1.1585 0.7987 0.0195  -0.0265 0.2396  77 ALA A CB  
581 N N   . TYR A 78 ? 0.7157 1.1273 0.7640 0.0651  0.0568  0.2533  78 TYR A N   
582 C CA  . TYR A 78 ? 0.6993 1.0777 0.7452 0.0788  0.0909  0.2523  78 TYR A CA  
583 C C   . TYR A 78 ? 0.7367 1.0720 0.7219 0.0887  0.1000  0.2274  78 TYR A C   
584 O O   . TYR A 78 ? 0.7191 1.0086 0.6994 0.0926  0.1106  0.2141  78 TYR A O   
585 C CB  . TYR A 78 ? 0.6478 1.0424 0.7227 0.0988  0.1031  0.2687  78 TYR A CB  
586 C CG  . TYR A 78 ? 0.6583 1.0005 0.7432 0.1073  0.1121  0.2495  78 TYR A CG  
587 C CD1 . TYR A 78 ? 0.5881 0.9157 0.7078 0.0964  0.1117  0.2487  78 TYR A CD1 
588 C CD2 . TYR A 78 ? 0.7245 1.0337 0.7777 0.1232  0.1196  0.2325  78 TYR A CD2 
589 C CE1 . TYR A 78 ? 0.5775 0.8591 0.6892 0.0990  0.1155  0.2347  78 TYR A CE1 
590 C CE2 . TYR A 78 ? 0.6371 0.9102 0.6979 0.1311  0.1220  0.2248  78 TYR A CE2 
591 C CZ  . TYR A 78 ? 0.6000 0.8592 0.6858 0.1178  0.1183  0.2269  78 TYR A CZ  
592 O OH  . TYR A 78 ? 0.5962 0.8244 0.6800 0.1218  0.1200  0.2207  78 TYR A OH  
593 N N   . VAL A 79 ? 0.7335 1.0788 0.6709 0.0910  0.0952  0.2186  79 VAL A N   
594 C CA  . VAL A 79 ? 0.7489 1.0623 0.6388 0.0969  0.1089  0.1836  79 VAL A CA  
595 C C   . VAL A 79 ? 0.8048 1.0812 0.6798 0.0786  0.0952  0.1541  79 VAL A C   
596 O O   . VAL A 79 ? 0.8109 1.0421 0.6834 0.0890  0.1059  0.1279  79 VAL A O   
597 C CB  . VAL A 79 ? 0.7916 1.1236 0.6238 0.0916  0.1135  0.1778  79 VAL A CB  
598 C CG1 . VAL A 79 ? 0.8577 1.1649 0.6514 0.0930  0.1357  0.1300  79 VAL A CG1 
599 C CG2 . VAL A 79 ? 0.7324 1.0815 0.5848 0.1042  0.1243  0.2001  79 VAL A CG2 
600 N N   . GLN A 80 ? 0.8839 1.1772 0.7525 0.0519  0.0681  0.1561  80 GLN A N   
601 C CA  . GLN A 80 ? 0.8402 1.1005 0.6924 0.0288  0.0563  0.1248  80 GLN A CA  
602 C C   . GLN A 80 ? 0.8414 1.0567 0.7295 0.0273  0.0638  0.1239  80 GLN A C   
603 O O   . GLN A 80 ? 0.8657 1.0229 0.7338 0.0244  0.0684  0.0951  80 GLN A O   
604 C CB  . GLN A 80 ? 0.8102 1.1073 0.6583 -0.0008 0.0212  0.1283  80 GLN A CB  
605 N N   . ARG A 81 ? 0.8238 1.0585 0.7604 0.0265  0.0662  0.1539  81 ARG A N   
606 C CA  . ARG A 81 ? 0.8386 1.0212 0.7913 0.0162  0.0763  0.1562  81 ARG A CA  
607 C C   . ARG A 81 ? 0.8778 0.9990 0.8073 0.0452  0.0899  0.1526  81 ARG A C   
608 O O   . ARG A 81 ? 0.9388 0.9850 0.8498 0.0384  0.0885  0.1422  81 ARG A O   
609 C CB  . ARG A 81 ? 0.7922 1.0132 0.7987 0.0053  0.0837  0.1839  81 ARG A CB  
610 C CG  . ARG A 81 ? 0.8958 1.0672 0.9096 -0.0260 0.0956  0.1831  81 ARG A CG  
611 C CD  . ARG A 81 ? 0.8808 1.0571 0.9071 -0.0675 0.0840  0.1591  81 ARG A CD  
612 N NE  . ARG A 81 ? 0.9333 1.0416 0.9059 -0.0740 0.0757  0.1327  81 ARG A NE  
613 C CZ  . ARG A 81 ? 1.0241 1.0424 0.9627 -0.0948 0.0844  0.1245  81 ARG A CZ  
614 N NH1 . ARG A 81 ? 1.0170 1.0009 0.9578 -0.1164 0.1026  0.1423  81 ARG A NH1 
615 N NH2 . ARG A 81 ? 1.0572 1.0128 0.9535 -0.0972 0.0759  0.0975  81 ARG A NH2 
616 N N   . LEU A 82 ? 0.8057 0.9547 0.7371 0.0773  0.1002  0.1596  82 LEU A N   
617 C CA  . LEU A 82 ? 0.8383 0.9412 0.7628 0.1088  0.1075  0.1505  82 LEU A CA  
618 C C   . LEU A 82 ? 0.8886 0.9481 0.7896 0.1176  0.1029  0.1073  82 LEU A C   
619 O O   . LEU A 82 ? 0.9188 0.9092 0.8184 0.1347  0.0962  0.0948  82 LEU A O   
620 C CB  . LEU A 82 ? 0.7621 0.9160 0.7031 0.1366  0.1229  0.1617  82 LEU A CB  
621 C CG  . LEU A 82 ? 0.7554 0.8776 0.7051 0.1722  0.1267  0.1484  82 LEU A CG  
622 C CD1 . LEU A 82 ? 0.7542 0.8136 0.7035 0.1726  0.1143  0.1708  82 LEU A CD1 
623 C CD2 . LEU A 82 ? 0.7251 0.9082 0.6935 0.1925  0.1464  0.1531  82 LEU A CD2 
624 N N   . ILE A 83 ? 0.8625 0.9570 0.7430 0.1053  0.1048  0.0829  83 ILE A N   
625 C CA  . ILE A 83 ? 0.9077 0.9644 0.7675 0.1072  0.1065  0.0337  83 ILE A CA  
626 C C   . ILE A 83 ? 1.0104 0.9929 0.8616 0.0880  0.0916  0.0236  83 ILE A C   
627 O O   . ILE A 83 ? 1.0530 0.9691 0.9042 0.1037  0.0897  -0.0078 83 ILE A O   
628 C CB  . ILE A 83 ? 1.0434 1.1493 0.8658 0.0853  0.1122  0.0112  83 ILE A CB  
629 C CG1 . ILE A 83 ? 0.9198 1.0820 0.7380 0.1001  0.1313  0.0190  83 ILE A CG1 
630 C CG2 . ILE A 83 ? 1.0014 1.0686 0.8012 0.0787  0.1191  -0.0468 83 ILE A CG2 
631 C CD1 . ILE A 83 ? 0.9839 1.1817 0.7440 0.0721  0.1356  0.0040  83 ILE A CD1 
632 N N   . GLU A 84 ? 1.0041 0.9943 0.8535 0.0536  0.0814  0.0476  84 GLU A N   
633 C CA  . GLU A 84 ? 1.0756 0.9954 0.9117 0.0254  0.0722  0.0361  84 GLU A CA  
634 C C   . GLU A 84 ? 1.1283 0.9616 0.9632 0.0375  0.0693  0.0556  84 GLU A C   
635 O O   . GLU A 84 ? 1.1997 0.9413 1.0148 0.0392  0.0616  0.0354  84 GLU A O   
636 C CB  . GLU A 84 ? 1.0669 1.0318 0.9118 -0.0187 0.0647  0.0488  84 GLU A CB  
637 C CG  . GLU A 84 ? 1.0327 1.0715 0.8683 -0.0336 0.0545  0.0327  84 GLU A CG  
638 C CD  . GLU A 84 ? 1.0107 1.1067 0.8758 -0.0685 0.0384  0.0468  84 GLU A CD  
639 O OE1 . GLU A 84 ? 0.9977 1.1243 0.8485 -0.0943 0.0201  0.0251  84 GLU A OE1 
640 O OE2 . GLU A 84 ? 0.9951 1.1073 0.9012 -0.0716 0.0437  0.0754  84 GLU A OE2 
641 N N   . VAL A 85 ? 1.0983 0.9520 0.9486 0.0440  0.0735  0.0954  85 VAL A N   
642 C CA  . VAL A 85 ? 1.2078 0.9737 1.0392 0.0478  0.0672  0.1187  85 VAL A CA  
643 C C   . VAL A 85 ? 1.1744 0.8887 1.0069 0.0984  0.0541  0.1055  85 VAL A C   
644 O O   . VAL A 85 ? 1.2408 0.8585 1.0484 0.1074  0.0362  0.1198  85 VAL A O   
645 C CB  . VAL A 85 ? 1.1320 0.9375 0.9765 0.0360  0.0786  0.1594  85 VAL A CB  
646 C CG1 . VAL A 85 ? 1.0968 0.9594 0.9617 -0.0119 0.0908  0.1638  85 VAL A CG1 
647 C CG2 . VAL A 85 ? 1.0629 0.9453 0.9395 0.0753  0.0855  0.1689  85 VAL A CG2 
648 N N   . THR A 86 ? 1.1236 0.8971 0.9841 0.1303  0.0608  0.0757  86 THR A N   
649 C CA  . THR A 86 ? 1.1273 0.8615 1.0086 0.1789  0.0494  0.0503  86 THR A CA  
650 C C   . THR A 86 ? 1.1758 0.8449 1.0528 0.1822  0.0421  0.0024  86 THR A C   
651 O O   . THR A 86 ? 1.2051 0.8070 1.1022 0.2204  0.0233  -0.0192 86 THR A O   
652 C CB  . THR A 86 ? 1.0288 0.8586 0.9489 0.2089  0.0676  0.0350  86 THR A CB  
653 O OG1 . THR A 86 ? 1.0127 0.9168 0.9236 0.1846  0.0894  0.0164  86 THR A OG1 
654 C CG2 . THR A 86 ? 0.9280 0.7988 0.8586 0.2165  0.0705  0.0792  86 THR A CG2 
655 N N   . SER A 87 ? 1.1941 0.8796 1.0489 0.1427  0.0534  -0.0161 87 SER A N   
656 C CA  . SER A 87 ? 1.2479 0.8732 1.0962 0.1391  0.0511  -0.0660 87 SER A CA  
657 C C   . SER A 87 ? 1.3351 0.8329 1.1516 0.1230  0.0299  -0.0532 87 SER A C   
658 O O   . SER A 87 ? 1.3899 0.7970 1.2144 0.1490  0.0144  -0.0819 87 SER A O   
659 C CB  . SER A 87 ? 1.2627 0.9540 1.0912 0.0988  0.0689  -0.0924 87 SER A CB  
660 O OG  . SER A 87 ? 1.3726 1.0084 1.1917 0.0893  0.0710  -0.1454 87 SER A OG  
661 N N   . GLN A 88 ? 1.3507 0.8364 1.1325 0.0782  0.0301  -0.0131 88 GLN A N   
662 C CA  . GLN A 88 ? 1.4344 0.7935 1.1709 0.0491  0.0165  0.0002  88 GLN A CA  
663 C C   . GLN A 88 ? 1.4666 0.7164 1.1852 0.0835  -0.0122 0.0287  88 GLN A C   
664 O O   . GLN A 88 ? 1.4907 0.6075 1.1604 0.0653  -0.0294 0.0376  88 GLN A O   
665 C CB  . GLN A 88 ? 1.4230 0.8124 1.1352 -0.0124 0.0312  0.0299  88 GLN A CB  
666 C CG  . GLN A 88 ? 1.3789 0.8152 1.0964 -0.0117 0.0360  0.0783  88 GLN A CG  
667 C CD  . GLN A 88 ? 1.4193 0.9191 1.1415 -0.0682 0.0565  0.0932  88 GLN A CD  
668 O OE1 . GLN A 88 ? 1.4557 0.9734 1.1805 -0.1071 0.0634  0.0679  88 GLN A OE1 
669 N NE2 . GLN A 88 ? 1.4054 0.9440 1.1358 -0.0734 0.0661  0.1292  88 GLN A NE2 
670 N N   . LYS A 89 ? 1.3888 0.6866 1.1413 0.1303  -0.0206 0.0429  89 LYS A N   
671 C CA  . LYS A 89 ? 1.4214 0.6294 1.1621 0.1683  -0.0563 0.0698  89 LYS A CA  
672 C C   . LYS A 89 ? 1.4530 0.6497 1.2559 0.2360  -0.0782 0.0267  89 LYS A C   
673 O O   . LYS A 89 ? 1.5280 0.6813 1.3445 0.2800  -0.1131 0.0429  89 LYS A O   
674 C CB  . LYS A 89 ? 1.3172 0.5876 1.0554 0.1693  -0.0526 0.1158  89 LYS A CB  
675 C CG  . LYS A 89 ? 1.3239 0.6073 1.0136 0.1039  -0.0289 0.1542  89 LYS A CG  
676 C CD  . LYS A 89 ? 1.2740 0.6439 0.9783 0.1059  -0.0157 0.1873  89 LYS A CD  
677 C CE  . LYS A 89 ? 1.3517 0.7388 1.0230 0.0397  0.0124  0.2141  89 LYS A CE  
678 N NZ  . LYS A 89 ? 1.3728 0.8587 1.0715 0.0377  0.0334  0.2377  89 LYS A NZ  
679 N N   . GLY A 90 ? 1.4115 0.6512 1.2564 0.2439  -0.0585 -0.0319 90 GLY A N   
680 C CA  . GLY A 90 ? 1.4195 0.6392 1.3312 0.3016  -0.0735 -0.0866 90 GLY A CA  
681 C C   . GLY A 90 ? 1.3326 0.6741 1.3207 0.3440  -0.0581 -0.1160 90 GLY A C   
682 O O   . GLY A 90 ? 1.3536 0.6937 1.4128 0.3899  -0.0639 -0.1735 90 GLY A O   
683 N N   . HIS A 91 ? 1.2448 0.6905 1.2259 0.3289  -0.0362 -0.0834 91 HIS A N   
684 C CA  . HIS A 91 ? 1.1750 0.7347 1.2199 0.3613  -0.0166 -0.1090 91 HIS A CA  
685 C C   . HIS A 91 ? 1.1272 0.8017 1.1493 0.3200  0.0283  -0.1040 91 HIS A C   
686 O O   . HIS A 91 ? 1.0528 0.7815 1.0582 0.3071  0.0355  -0.0578 91 HIS A O   
687 C CB  . HIS A 91 ? 1.1878 0.7466 1.2503 0.3945  -0.0455 -0.0697 91 HIS A CB  
688 C CG  . HIS A 91 ? 1.2655 0.7220 1.3623 0.4463  -0.0990 -0.0800 91 HIS A CG  
689 N ND1 . HIS A 91 ? 1.5317 0.8432 1.5761 0.4393  -0.1374 -0.0574 91 HIS A ND1 
690 C CD2 . HIS A 91 ? 1.2485 0.7479 1.4257 0.4818  -0.1121 -0.1028 91 HIS A CD2 
691 C CE1 . HIS A 91 ? 1.4271 0.7107 1.5180 0.4655  -0.1700 -0.0616 91 HIS A CE1 
692 N NE2 . HIS A 91 ? 1.4191 0.8171 1.5907 0.4911  -0.1558 -0.0888 91 HIS A NE2 
693 N N   . PRO A 92 ? 1.0952 0.8046 1.1133 0.2980  0.0569  -0.1512 92 PRO A N   
694 C CA  . PRO A 92 ? 1.0916 0.8949 1.0739 0.2564  0.0894  -0.1413 92 PRO A CA  
695 C C   . PRO A 92 ? 1.0025 0.9006 1.0134 0.2736  0.1110  -0.1389 92 PRO A C   
696 O O   . PRO A 92 ? 0.9958 0.9180 1.0627 0.3085  0.1214  -0.1843 92 PRO A O   
697 C CB  . PRO A 92 ? 1.1141 0.9208 1.0839 0.2342  0.1107  -0.2028 92 PRO A CB  
698 C CG  . PRO A 92 ? 1.1664 0.8642 1.1559 0.2534  0.0877  -0.2319 92 PRO A CG  
699 C CD  . PRO A 92 ? 1.1310 0.7901 1.1732 0.3081  0.0589  -0.2170 92 PRO A CD  
700 N N   . TRP A 93 ? 0.9699 0.9211 0.9491 0.2485  0.1185  -0.0888 93 TRP A N   
701 C CA  . TRP A 93 ? 0.9092 0.9471 0.9007 0.2536  0.1433  -0.0826 93 TRP A CA  
702 C C   . TRP A 93 ? 0.9225 1.0147 0.8628 0.2120  0.1661  -0.0857 93 TRP A C   
703 O O   . TRP A 93 ? 0.9459 1.0284 0.8464 0.1794  0.1530  -0.0572 93 TRP A O   
704 C CB  . TRP A 93 ? 0.8601 0.9106 0.8568 0.2600  0.1320  -0.0221 93 TRP A CB  
705 C CG  . TRP A 93 ? 0.8237 0.9578 0.8288 0.2605  0.1591  -0.0134 93 TRP A CG  
706 C CD1 . TRP A 93 ? 0.7459 0.9161 0.7972 0.2911  0.1715  -0.0324 93 TRP A CD1 
707 C CD2 . TRP A 93 ? 0.8495 1.0363 0.8165 0.2282  0.1752  0.0148  93 TRP A CD2 
708 N NE1 . TRP A 93 ? 0.7344 0.9728 0.7722 0.2755  0.1998  -0.0174 93 TRP A NE1 
709 C CE2 . TRP A 93 ? 0.7779 1.0222 0.7618 0.2388  0.2001  0.0139  93 TRP A CE2 
710 C CE3 . TRP A 93 ? 0.8361 1.0260 0.7604 0.1922  0.1670  0.0395  93 TRP A CE3 
711 C CZ2 . TRP A 93 ? 0.7421 1.0255 0.6941 0.2094  0.2106  0.0404  93 TRP A CZ2 
712 C CZ3 . TRP A 93 ? 0.8067 1.0489 0.7066 0.1733  0.1772  0.0658  93 TRP A CZ3 
713 C CH2 . TRP A 93 ? 0.7279 1.0138 0.6369 0.1847  0.2017  0.0686  93 TRP A CH2 
714 N N   . ASN A 94 ? 0.9112 1.0583 0.8506 0.2102  0.1983  -0.1217 94 ASN A N   
715 C CA  . ASN A 94 ? 0.9596 1.1483 0.8333 0.1683  0.2172  -0.1223 94 ASN A CA  
716 C C   . ASN A 94 ? 0.9342 1.1829 0.8058 0.1694  0.2476  -0.1197 94 ASN A C   
717 O O   . ASN A 94 ? 0.9379 1.2054 0.8651 0.1985  0.2670  -0.1527 94 ASN A O   
718 C CB  . ASN A 94 ? 1.0012 1.1753 0.8436 0.1447  0.2339  -0.1862 94 ASN A CB  
719 C CG  . ASN A 94 ? 1.0973 1.2191 0.9151 0.1250  0.2059  -0.1819 94 ASN A CG  
720 O OD1 . ASN A 94 ? 1.0888 1.2223 0.8461 0.0859  0.1949  -0.1621 94 ASN A OD1 
721 N ND2 . ASN A 94 ? 1.0745 1.1354 0.9393 0.1513  0.1908  -0.2005 94 ASN A ND2 
722 N N   . PRO A 95 ? 0.9649 1.2422 0.7764 0.1385  0.2499  -0.0822 95 PRO A N   
723 C CA  . PRO A 95 ? 0.9882 1.2995 0.7902 0.1286  0.2752  -0.0751 95 PRO A CA  
724 C C   . PRO A 95 ? 1.0167 1.3164 0.7751 0.0947  0.3081  -0.1257 95 PRO A C   
725 O O   . PRO A 95 ? 1.2136 1.5119 0.9326 0.0802  0.3179  -0.1693 95 PRO A O   
726 C CB  . PRO A 95 ? 1.0182 1.3308 0.7774 0.1060  0.2488  -0.0099 95 PRO A CB  
727 C CG  . PRO A 95 ? 1.0548 1.3571 0.7643 0.0882  0.2267  -0.0059 95 PRO A CG  
728 C CD  . PRO A 95 ? 1.0301 1.2971 0.7897 0.1082  0.2195  -0.0410 95 PRO A CD  
729 N N   . ALA A 96 ? 0.9895 1.2701 0.7514 0.0814  0.3246  -0.1180 96 ALA A N   
730 C CA  . ALA A 96 ? 1.0010 1.2702 0.7073 0.0621  0.3499  -0.1411 96 ALA A CA  
731 C C   . ALA A 96 ? 0.9350 1.2209 0.6736 0.0689  0.3675  -0.2116 96 ALA A C   
732 O O   . ALA A 96 ? 0.9722 1.2564 0.6537 0.0338  0.3803  -0.2453 96 ALA A O   
733 C CB  . ALA A 96 ? 0.9683 1.2249 0.5668 0.0221  0.3373  -0.1160 96 ALA A CB  
# 
loop_
_database_PDB_caveat.id 
_database_PDB_caveat.text 
1 'COA A 101 HAS WRONG CHIRALITY AT ATOM C1B' 
2 'COA A 101 HAS WRONG CHIRALITY AT ATOM C2B' 
3 'COA A 101 HAS WRONG CHIRALITY AT ATOM C4B' 
# 
loop_
_pdbx_poly_seq_scheme.asym_id 
_pdbx_poly_seq_scheme.entity_id 
_pdbx_poly_seq_scheme.seq_id 
_pdbx_poly_seq_scheme.mon_id 
_pdbx_poly_seq_scheme.ndb_seq_num 
_pdbx_poly_seq_scheme.pdb_seq_num 
_pdbx_poly_seq_scheme.auth_seq_num 
_pdbx_poly_seq_scheme.pdb_mon_id 
_pdbx_poly_seq_scheme.auth_mon_id 
_pdbx_poly_seq_scheme.pdb_strand_id 
_pdbx_poly_seq_scheme.pdb_ins_code 
_pdbx_poly_seq_scheme.hetero 
A 1 1  MET 1  1  1  MET MET A . n 
A 1 2  SER 2  2  2  SER SER A . n 
A 1 3  ALA 3  3  3  ALA ALA A . n 
A 1 4  ALA 4  4  4  ALA ALA A . n 
A 1 5  ASP 5  5  5  ASP ASP A . n 
A 1 6  PHE 6  6  6  PHE PHE A . n 
A 1 7  GLU 7  7  7  GLU GLU A . n 
A 1 8  ALA 8  8  8  ALA ALA A . n 
A 1 9  ALA 9  9  9  ALA ALA A . n 
A 1 10 VAL 10 10 10 VAL VAL A . n 
A 1 11 ALA 11 11 11 ALA ALA A . n 
A 1 12 TYR 12 12 12 TYR TYR A . n 
A 1 13 VAL 13 13 13 VAL VAL A . n 
A 1 14 ARG 14 14 14 ARG ARG A . n 
A 1 15 SER 15 15 15 SER SER A . n 
A 1 16 LEU 16 16 16 LEU LEU A . n 
A 1 17 PRO 17 17 17 PRO PRO A . n 
A 1 18 LYS 18 18 18 LYS LYS A . n 
A 1 19 ASP 19 19 19 ASP ASP A . n 
A 1 20 GLY 20 20 20 GLY GLY A . n 
A 1 21 PRO 21 21 21 PRO PRO A . n 
A 1 22 VAL 22 22 22 VAL VAL A . n 
A 1 23 GLN 23 23 23 GLN GLN A . n 
A 1 24 LEU 24 24 24 LEU LEU A . n 
A 1 25 ASP 25 25 25 ASP ASP A . n 
A 1 26 ASN 26 26 26 ASN ASN A . n 
A 1 27 ALA 27 27 27 ALA ALA A . n 
A 1 28 ALA 28 28 28 ALA ALA A . n 
A 1 29 LYS 29 29 29 LYS LYS A . n 
A 1 30 LEU 30 30 30 LEU LEU A . n 
A 1 31 GLN 31 31 31 GLN GLN A . n 
A 1 32 PHE 32 32 32 PHE PHE A . n 
A 1 33 TYR 33 33 33 TYR TYR A . n 
A 1 34 SER 34 34 34 SER SER A . n 
A 1 35 LEU 35 35 35 LEU LEU A . n 
A 1 36 TYR 36 36 36 TYR TYR A . n 
A 1 37 LYS 37 37 37 LYS LYS A . n 
A 1 38 GLN 38 38 38 GLN GLN A . n 
A 1 39 ALA 39 39 39 ALA ALA A . n 
A 1 40 THR 40 40 40 THR THR A . n 
A 1 41 GLU 41 41 41 GLU GLU A . n 
A 1 42 GLY 42 42 42 GLY GLY A . n 
A 1 43 ASP 43 43 43 ASP ASP A . n 
A 1 44 VAL 44 44 44 VAL VAL A . n 
A 1 45 THR 45 45 45 THR THR A . n 
A 1 46 GLY 46 46 46 GLY GLY A . n 
A 1 47 SER 47 47 47 SER SER A . n 
A 1 48 GLN 48 48 48 GLN GLN A . n 
A 1 49 PRO 49 49 49 PRO PRO A . n 
A 1 50 TRP 50 50 50 TRP TRP A . n 
A 1 51 ALA 51 51 51 ALA ALA A . n 
A 1 52 VAL 52 52 52 VAL VAL A . n 
A 1 53 GLN 53 53 53 GLN GLN A . n 
A 1 54 VAL 54 54 54 VAL VAL A . n 
A 1 55 GLU 55 55 55 GLU GLU A . n 
A 1 56 ALA 56 56 56 ALA ALA A . n 
A 1 57 ARG 57 57 57 ARG ARG A . n 
A 1 58 ALA 58 58 58 ALA ALA A . n 
A 1 59 LYS 59 59 59 LYS LYS A . n 
A 1 60 TRP 60 60 60 TRP TRP A . n 
A 1 61 ASP 61 61 61 ASP ASP A . n 
A 1 62 ALA 62 62 62 ALA ALA A . n 
A 1 63 TRP 63 63 63 TRP TRP A . n 
A 1 64 ASN 64 64 64 ASN ASN A . n 
A 1 65 SER 65 65 65 SER SER A . n 
A 1 66 CYS 66 66 66 CYS CYS A . n 
A 1 67 LYS 67 67 67 LYS LYS A . n 
A 1 68 GLY 68 68 68 GLY GLY A . n 
A 1 69 MET 69 69 69 MET MET A . n 
A 1 70 LYS 70 70 70 LYS LYS A . n 
A 1 71 SER 71 71 71 SER SER A . n 
A 1 72 GLU 72 72 72 GLU GLU A . n 
A 1 73 ASP 73 73 73 ASP ASP A . n 
A 1 74 ALA 74 74 74 ALA ALA A . n 
A 1 75 LYS 75 75 75 LYS LYS A . n 
A 1 76 ALA 76 76 76 ALA ALA A . n 
A 1 77 ALA 77 77 77 ALA ALA A . n 
A 1 78 TYR 78 78 78 TYR TYR A . n 
A 1 79 VAL 79 79 79 VAL VAL A . n 
A 1 80 GLN 80 80 80 GLN GLN A . n 
A 1 81 ARG 81 81 81 ARG ARG A . n 
A 1 82 LEU 82 82 82 LEU LEU A . n 
A 1 83 ILE 83 83 83 ILE ILE A . n 
A 1 84 GLU 84 84 84 GLU GLU A . n 
A 1 85 VAL 85 85 85 VAL VAL A . n 
A 1 86 THR 86 86 86 THR THR A . n 
A 1 87 SER 87 87 87 SER SER A . n 
A 1 88 GLN 88 88 88 GLN GLN A . n 
A 1 89 LYS 89 89 89 LYS LYS A . n 
A 1 90 GLY 90 90 90 GLY GLY A . n 
A 1 91 HIS 91 91 91 HIS HIS A . n 
A 1 92 PRO 92 92 92 PRO PRO A . n 
A 1 93 TRP 93 93 93 TRP TRP A . n 
A 1 94 ASN 94 94 94 ASN ASN A . n 
A 1 95 PRO 95 95 95 PRO PRO A . n 
A 1 96 ALA 96 96 96 ALA ALA A . n 
# 
loop_
_pdbx_nonpoly_scheme.asym_id 
_pdbx_nonpoly_scheme.entity_id 
_pdbx_nonpoly_scheme.mon_id 
_pdbx_nonpoly_scheme.ndb_seq_num 
_pdbx_nonpoly_scheme.pdb_seq_num 
_pdbx_nonpoly_scheme.auth_seq_num 
_pdbx_nonpoly_scheme.pdb_mon_id 
_pdbx_nonpoly_scheme.auth_mon_id 
_pdbx_nonpoly_scheme.pdb_strand_id 
_pdbx_nonpoly_scheme.pdb_ins_code 
B 2 COA 1 101 101 COA LIG A . 
C 3 HOH 1 201 201 HOH HOH A . 
C 3 HOH 2 202 202 HOH HOH A . 
C 3 HOH 3 203 203 HOH HOH A . 
C 3 HOH 4 204 204 HOH HOH A . 
C 3 HOH 5 205 205 HOH HOH A . 
C 3 HOH 6 206 206 HOH HOH A . 
# 
_pdbx_struct_assembly.id                   1 
_pdbx_struct_assembly.details              author_defined_assembly 
_pdbx_struct_assembly.method_details       ? 
_pdbx_struct_assembly.oligomeric_details   monomeric 
_pdbx_struct_assembly.oligomeric_count     1 
# 
_pdbx_struct_assembly_gen.assembly_id       1 
_pdbx_struct_assembly_gen.oper_expression   1 
_pdbx_struct_assembly_gen.asym_id_list      A,B,C 
# 
loop_
_pdbx_struct_assembly_prop.biol_id 
_pdbx_struct_assembly_prop.type 
_pdbx_struct_assembly_prop.value 
_pdbx_struct_assembly_prop.details 
1 'ABSA (A^2)' 720  ? 
1 MORE         -0   ? 
1 'SSA (A^2)'  5860 ? 
# 
_pdbx_struct_oper_list.id                   1 
_pdbx_struct_oper_list.type                 'identity operation' 
_pdbx_struct_oper_list.name                 1_555 
_pdbx_struct_oper_list.symmetry_operation   x,y,z 
_pdbx_struct_oper_list.matrix[1][1]         1.0000000000 
_pdbx_struct_oper_list.matrix[1][2]         0.0000000000 
_pdbx_struct_oper_list.matrix[1][3]         0.0000000000 
_pdbx_struct_oper_list.vector[1]            0.0000000000 
_pdbx_struct_oper_list.matrix[2][1]         0.0000000000 
_pdbx_struct_oper_list.matrix[2][2]         1.0000000000 
_pdbx_struct_oper_list.matrix[2][3]         0.0000000000 
_pdbx_struct_oper_list.vector[2]            0.0000000000 
_pdbx_struct_oper_list.matrix[3][1]         0.0000000000 
_pdbx_struct_oper_list.matrix[3][2]         0.0000000000 
_pdbx_struct_oper_list.matrix[3][3]         1.0000000000 
_pdbx_struct_oper_list.vector[3]            0.0000000000 
# 
loop_
_pdbx_audit_revision_history.ordinal 
_pdbx_audit_revision_history.data_content_type 
_pdbx_audit_revision_history.major_revision 
_pdbx_audit_revision_history.minor_revision 
_pdbx_audit_revision_history.revision_date 
1 'Structure model' 1 0 2023-01-18 
2 'Structure model' 1 1 2023-11-29 
# 
_pdbx_audit_revision_details.ordinal             1 
_pdbx_audit_revision_details.revision_ordinal    1 
_pdbx_audit_revision_details.data_content_type   'Structure model' 
_pdbx_audit_revision_details.provider            repository 
_pdbx_audit_revision_details.type                'Initial release' 
_pdbx_audit_revision_details.description         ? 
_pdbx_audit_revision_details.details             ? 
# 
loop_
_pdbx_audit_revision_group.ordinal 
_pdbx_audit_revision_group.revision_ordinal 
_pdbx_audit_revision_group.data_content_type 
_pdbx_audit_revision_group.group 
1 2 'Structure model' 'Data collection'        
2 2 'Structure model' 'Refinement description' 
# 
loop_
_pdbx_audit_revision_category.ordinal 
_pdbx_audit_revision_category.revision_ordinal 
_pdbx_audit_revision_category.data_content_type 
_pdbx_audit_revision_category.category 
1 2 'Structure model' chem_comp_atom                
2 2 'Structure model' chem_comp_bond                
3 2 'Structure model' pdbx_initial_refinement_model 
# 
loop_
_space_group_symop.id 
_space_group_symop.operation_xyz 
1 x,y,z          
2 -y,x-y,z+1/3   
3 -x+y,-x,z+2/3  
4 x-y,-y,-z+2/3  
5 -x,-x+y,-z+1/3 
6 y,x,-z         
# 
loop_
_pdbx_refine_tls.pdbx_refine_id 
_pdbx_refine_tls.id 
_pdbx_refine_tls.details 
_pdbx_refine_tls.method 
_pdbx_refine_tls.origin_x 
_pdbx_refine_tls.origin_y 
_pdbx_refine_tls.origin_z 
_pdbx_refine_tls.T[1][1] 
_pdbx_refine_tls.T[2][2] 
_pdbx_refine_tls.T[3][3] 
_pdbx_refine_tls.T[1][2] 
_pdbx_refine_tls.T[1][3] 
_pdbx_refine_tls.T[2][3] 
_pdbx_refine_tls.L[1][1] 
_pdbx_refine_tls.L[2][2] 
_pdbx_refine_tls.L[3][3] 
_pdbx_refine_tls.L[1][2] 
_pdbx_refine_tls.L[1][3] 
_pdbx_refine_tls.L[2][3] 
_pdbx_refine_tls.S[1][1] 
_pdbx_refine_tls.S[1][2] 
_pdbx_refine_tls.S[1][3] 
_pdbx_refine_tls.S[2][1] 
_pdbx_refine_tls.S[2][2] 
_pdbx_refine_tls.S[2][3] 
_pdbx_refine_tls.S[3][1] 
_pdbx_refine_tls.S[3][2] 
_pdbx_refine_tls.S[3][3] 
'X-RAY DIFFRACTION' 1 ? refined -8.8160 -2.2957 4.6373  0.6604 0.7710 0.7374 0.1327 0.1507 0.2173 1.0821 4.2957 2.6172  1.4065 1.6521  1.5074 0.1368  -0.3147 -0.5246 1.5904 -0.0316 -0.1716 0.3736  0.3609 -0.2197 
'X-RAY DIFFRACTION' 2 ? refined -2.4127 2.1839  -3.5518 0.3422 0.5377 0.4481 0.0114 0.0553 0.1764 4.7765 5.1619 7.4532  2.8388 -1.9400 1.3522 -0.0679 -1.1336 -0.5217 0.1914 -0.0113 0.1057  -0.8419 0.4288 0.1606  
'X-RAY DIFFRACTION' 3 ? refined 11.2772 -4.7420 -8.3859 0.3526 0.7724 0.6258 0.1108 0.0935 0.2711 2.8580 4.7475 10.3108 1.8041 -4.0527 1.4620 -0.1062 -0.9846 -1.4858 0.3335 -0.0124 -0.0976 0.9708  0.4429 0.2535  
'X-RAY DIFFRACTION' 4 ? refined 6.7539  -7.9451 7.4608  0.9090 1.4961 0.9193 0.1386 0.0507 0.5680 3.4120 5.4220 7.0703  4.1258 -6.4984 2.8962 -0.4484 -1.0046 -0.8409 1.7668 0.3679  -0.5521 -0.1315 0.4924 0.3340  
'X-RAY DIFFRACTION' 5 ? refined -4.8413 5.9197  6.3210  0.6354 0.7443 0.5255 0.1119 0.1080 0.0958 5.1410 8.6732 5.5962  3.9826 0.2586  4.3066 0.0324  -1.1297 1.1153  0.5539 -0.4827 0.1686  -1.4178 0.2775 0.2289 
# 
loop_
_pdbx_refine_tls_group.pdbx_refine_id 
_pdbx_refine_tls_group.id 
_pdbx_refine_tls_group.refine_tls_id 
_pdbx_refine_tls_group.beg_auth_asym_id 
_pdbx_refine_tls_group.beg_auth_seq_id 
_pdbx_refine_tls_group.beg_label_asym_id 
_pdbx_refine_tls_group.beg_label_seq_id 
_pdbx_refine_tls_group.end_auth_asym_id 
_pdbx_refine_tls_group.end_auth_seq_id 
_pdbx_refine_tls_group.end_label_asym_id 
_pdbx_refine_tls_group.end_label_seq_id 
_pdbx_refine_tls_group.selection 
_pdbx_refine_tls_group.selection_details 
'X-RAY DIFFRACTION' 1 1 ? ? ? ? ? ? ? ? ? 
;CHAIN 'A' AND (RESID 1 THROUGH 15 )
;
'X-RAY DIFFRACTION' 2 2 ? ? ? ? ? ? ? ? ? 
;CHAIN 'A' AND (RESID 16 THROUGH 41 )
;
'X-RAY DIFFRACTION' 3 3 ? ? ? ? ? ? ? ? ? 
;CHAIN 'A' AND (RESID 42 THROUGH 66 )
;
'X-RAY DIFFRACTION' 4 4 ? ? ? ? ? ? ? ? ? 
;CHAIN 'A' AND (RESID 67 THROUGH 72 )
;
'X-RAY DIFFRACTION' 5 5 ? ? ? ? ? ? ? ? ? 
;CHAIN 'A' AND (RESID 73 THROUGH 96 )
;
# 
loop_
_software.citation_id 
_software.classification 
_software.compiler_name 
_software.compiler_version 
_software.contact_author 
_software.contact_author_email 
_software.date 
_software.description 
_software.dependencies 
_software.hardware 
_software.language 
_software.location 
_software.mods 
_software.name 
_software.os 
_software.os_version 
_software.type 
_software.version 
_software.pdbx_ordinal 
? refinement       ? ? ? ? ? ? ? ? ? ? ? PHENIX    ? ? ? 1.18.2_3874 1 
? 'data reduction' ? ? ? ? ? ? ? ? ? ? ? XDS       ? ? ? .           2 
? 'data scaling'   ? ? ? ? ? ? ? ? ? ? ? pointless ? ? ? .           3 
? phasing          ? ? ? ? ? ? ? ? ? ? ? PHASER    ? ? ? .           4 
# 
_pdbx_entry_details.entry_id                 7FC7 
_pdbx_entry_details.has_ligand_of_interest   Y 
_pdbx_entry_details.compound_details         ? 
_pdbx_entry_details.source_details           ? 
_pdbx_entry_details.nonpolymer_details       ? 
_pdbx_entry_details.sequence_details         ? 
# 
_pdbx_validate_torsion.id              1 
_pdbx_validate_torsion.PDB_model_num   1 
_pdbx_validate_torsion.auth_comp_id    GLN 
_pdbx_validate_torsion.auth_asym_id    A 
_pdbx_validate_torsion.auth_seq_id     53 
_pdbx_validate_torsion.PDB_ins_code    ? 
_pdbx_validate_torsion.label_alt_id    ? 
_pdbx_validate_torsion.phi             -67.45 
_pdbx_validate_torsion.psi             81.51 
# 
loop_
_pdbx_validate_chiral.id 
_pdbx_validate_chiral.PDB_model_num 
_pdbx_validate_chiral.auth_atom_id 
_pdbx_validate_chiral.label_alt_id 
_pdbx_validate_chiral.auth_asym_id 
_pdbx_validate_chiral.auth_comp_id 
_pdbx_validate_chiral.auth_seq_id 
_pdbx_validate_chiral.PDB_ins_code 
_pdbx_validate_chiral.details 
_pdbx_validate_chiral.omega 
1 1 C1B ? A COA 101 ? 'WRONG HAND' . 
2 1 C2B ? A COA 101 ? 'WRONG HAND' . 
3 1 C4B ? A COA 101 ? 'WRONG HAND' . 
# 
loop_
_pdbx_unobs_or_zero_occ_atoms.id 
_pdbx_unobs_or_zero_occ_atoms.PDB_model_num 
_pdbx_unobs_or_zero_occ_atoms.polymer_flag 
_pdbx_unobs_or_zero_occ_atoms.occupancy_flag 
_pdbx_unobs_or_zero_occ_atoms.auth_asym_id 
_pdbx_unobs_or_zero_occ_atoms.auth_comp_id 
_pdbx_unobs_or_zero_occ_atoms.auth_seq_id 
_pdbx_unobs_or_zero_occ_atoms.PDB_ins_code 
_pdbx_unobs_or_zero_occ_atoms.auth_atom_id 
_pdbx_unobs_or_zero_occ_atoms.label_alt_id 
_pdbx_unobs_or_zero_occ_atoms.label_asym_id 
_pdbx_unobs_or_zero_occ_atoms.label_comp_id 
_pdbx_unobs_or_zero_occ_atoms.label_seq_id 
_pdbx_unobs_or_zero_occ_atoms.label_atom_id 
1  1 Y 1 A GLU 41 ? CG  ? A GLU 41 CG  
2  1 Y 1 A GLU 41 ? CD  ? A GLU 41 CD  
3  1 Y 1 A GLU 41 ? OE1 ? A GLU 41 OE1 
4  1 Y 1 A GLU 41 ? OE2 ? A GLU 41 OE2 
5  1 Y 1 A LYS 70 ? CG  ? A LYS 70 CG  
6  1 Y 1 A LYS 70 ? CD  ? A LYS 70 CD  
7  1 Y 1 A LYS 70 ? CE  ? A LYS 70 CE  
8  1 Y 1 A LYS 70 ? NZ  ? A LYS 70 NZ  
9  1 Y 1 A GLN 80 ? CG  ? A GLN 80 CG  
10 1 Y 1 A GLN 80 ? CD  ? A GLN 80 CD  
11 1 Y 1 A GLN 80 ? OE1 ? A GLN 80 OE1 
12 1 Y 1 A GLN 80 ? NE2 ? A GLN 80 NE2 
# 
loop_
_chem_comp_atom.comp_id 
_chem_comp_atom.atom_id 
_chem_comp_atom.type_symbol 
_chem_comp_atom.pdbx_aromatic_flag 
_chem_comp_atom.pdbx_stereo_config 
_chem_comp_atom.pdbx_ordinal 
ALA N    N N N 1   
ALA CA   C N S 2   
ALA C    C N N 3   
ALA O    O N N 4   
ALA CB   C N N 5   
ALA OXT  O N N 6   
ALA H    H N N 7   
ALA H2   H N N 8   
ALA HA   H N N 9   
ALA HB1  H N N 10  
ALA HB2  H N N 11  
ALA HB3  H N N 12  
ALA HXT  H N N 13  
ARG N    N N N 14  
ARG CA   C N S 15  
ARG C    C N N 16  
ARG O    O N N 17  
ARG CB   C N N 18  
ARG CG   C N N 19  
ARG CD   C N N 20  
ARG NE   N N N 21  
ARG CZ   C N N 22  
ARG NH1  N N N 23  
ARG NH2  N N N 24  
ARG OXT  O N N 25  
ARG H    H N N 26  
ARG H2   H N N 27  
ARG HA   H N N 28  
ARG HB2  H N N 29  
ARG HB3  H N N 30  
ARG HG2  H N N 31  
ARG HG3  H N N 32  
ARG HD2  H N N 33  
ARG HD3  H N N 34  
ARG HE   H N N 35  
ARG HH11 H N N 36  
ARG HH12 H N N 37  
ARG HH21 H N N 38  
ARG HH22 H N N 39  
ARG HXT  H N N 40  
ASN N    N N N 41  
ASN CA   C N S 42  
ASN C    C N N 43  
ASN O    O N N 44  
ASN CB   C N N 45  
ASN CG   C N N 46  
ASN OD1  O N N 47  
ASN ND2  N N N 48  
ASN OXT  O N N 49  
ASN H    H N N 50  
ASN H2   H N N 51  
ASN HA   H N N 52  
ASN HB2  H N N 53  
ASN HB3  H N N 54  
ASN HD21 H N N 55  
ASN HD22 H N N 56  
ASN HXT  H N N 57  
ASP N    N N N 58  
ASP CA   C N S 59  
ASP C    C N N 60  
ASP O    O N N 61  
ASP CB   C N N 62  
ASP CG   C N N 63  
ASP OD1  O N N 64  
ASP OD2  O N N 65  
ASP OXT  O N N 66  
ASP H    H N N 67  
ASP H2   H N N 68  
ASP HA   H N N 69  
ASP HB2  H N N 70  
ASP HB3  H N N 71  
ASP HD2  H N N 72  
ASP HXT  H N N 73  
COA N1A  N Y N 74  
COA C2A  C Y N 75  
COA N3A  N Y N 76  
COA C4A  C Y N 77  
COA C5A  C Y N 78  
COA C6A  C Y N 79  
COA N6A  N N N 80  
COA N7A  N Y N 81  
COA C8A  C Y N 82  
COA N9A  N Y N 83  
COA C1B  C N R 84  
COA C2B  C N R 85  
COA O2B  O N N 86  
COA C3B  C N S 87  
COA O3B  O N N 88  
COA P3B  P N N 89  
COA O7A  O N N 90  
COA O8A  O N N 91  
COA O9A  O N N 92  
COA C4B  C N R 93  
COA O4B  O N N 94  
COA C5B  C N N 95  
COA O5B  O N N 96  
COA P1A  P N S 97  
COA O1A  O N N 98  
COA O2A  O N N 99  
COA O3A  O N N 100 
COA P2A  P N S 101 
COA O4A  O N N 102 
COA O5A  O N N 103 
COA O6A  O N N 104 
COA CBP  C N N 105 
COA CCP  C N N 106 
COA CDP  C N N 107 
COA CEP  C N N 108 
COA CAP  C N R 109 
COA OAP  O N N 110 
COA C9P  C N N 111 
COA O9P  O N N 112 
COA N8P  N N N 113 
COA C7P  C N N 114 
COA C6P  C N N 115 
COA C5P  C N N 116 
COA O5P  O N N 117 
COA N4P  N N N 118 
COA C3P  C N N 119 
COA C2P  C N N 120 
COA S1P  S N N 121 
COA H2A  H N N 122 
COA H61A H N N 123 
COA H62A H N N 124 
COA H8A  H N N 125 
COA H1B  H N N 126 
COA H2B  H N N 127 
COA HO2A H N N 128 
COA H3B  H N N 129 
COA HOA8 H N N 130 
COA HOA9 H N N 131 
COA H4B  H N N 132 
COA H51A H N N 133 
COA H52A H N N 134 
COA HOA2 H N N 135 
COA HOA5 H N N 136 
COA H121 H N N 137 
COA H122 H N N 138 
COA H131 H N N 139 
COA H132 H N N 140 
COA H133 H N N 141 
COA H141 H N N 142 
COA H142 H N N 143 
COA H143 H N N 144 
COA H10  H N N 145 
COA HO1  H N N 146 
COA HN8  H N N 147 
COA H71  H N N 148 
COA H72  H N N 149 
COA H61  H N N 150 
COA H62  H N N 151 
COA HN4  H N N 152 
COA H31  H N N 153 
COA H32  H N N 154 
COA H21  H N N 155 
COA H22  H N N 156 
COA HS1  H N N 157 
CYS N    N N N 158 
CYS CA   C N R 159 
CYS C    C N N 160 
CYS O    O N N 161 
CYS CB   C N N 162 
CYS SG   S N N 163 
CYS OXT  O N N 164 
CYS H    H N N 165 
CYS H2   H N N 166 
CYS HA   H N N 167 
CYS HB2  H N N 168 
CYS HB3  H N N 169 
CYS HG   H N N 170 
CYS HXT  H N N 171 
GLN N    N N N 172 
GLN CA   C N S 173 
GLN C    C N N 174 
GLN O    O N N 175 
GLN CB   C N N 176 
GLN CG   C N N 177 
GLN CD   C N N 178 
GLN OE1  O N N 179 
GLN NE2  N N N 180 
GLN OXT  O N N 181 
GLN H    H N N 182 
GLN H2   H N N 183 
GLN HA   H N N 184 
GLN HB2  H N N 185 
GLN HB3  H N N 186 
GLN HG2  H N N 187 
GLN HG3  H N N 188 
GLN HE21 H N N 189 
GLN HE22 H N N 190 
GLN HXT  H N N 191 
GLU N    N N N 192 
GLU CA   C N S 193 
GLU C    C N N 194 
GLU O    O N N 195 
GLU CB   C N N 196 
GLU CG   C N N 197 
GLU CD   C N N 198 
GLU OE1  O N N 199 
GLU OE2  O N N 200 
GLU OXT  O N N 201 
GLU H    H N N 202 
GLU H2   H N N 203 
GLU HA   H N N 204 
GLU HB2  H N N 205 
GLU HB3  H N N 206 
GLU HG2  H N N 207 
GLU HG3  H N N 208 
GLU HE2  H N N 209 
GLU HXT  H N N 210 
GLY N    N N N 211 
GLY CA   C N N 212 
GLY C    C N N 213 
GLY O    O N N 214 
GLY OXT  O N N 215 
GLY H    H N N 216 
GLY H2   H N N 217 
GLY HA2  H N N 218 
GLY HA3  H N N 219 
GLY HXT  H N N 220 
HIS N    N N N 221 
HIS CA   C N S 222 
HIS C    C N N 223 
HIS O    O N N 224 
HIS CB   C N N 225 
HIS CG   C Y N 226 
HIS ND1  N Y N 227 
HIS CD2  C Y N 228 
HIS CE1  C Y N 229 
HIS NE2  N Y N 230 
HIS OXT  O N N 231 
HIS H    H N N 232 
HIS H2   H N N 233 
HIS HA   H N N 234 
HIS HB2  H N N 235 
HIS HB3  H N N 236 
HIS HD1  H N N 237 
HIS HD2  H N N 238 
HIS HE1  H N N 239 
HIS HE2  H N N 240 
HIS HXT  H N N 241 
HOH O    O N N 242 
HOH H1   H N N 243 
HOH H2   H N N 244 
ILE N    N N N 245 
ILE CA   C N S 246 
ILE C    C N N 247 
ILE O    O N N 248 
ILE CB   C N S 249 
ILE CG1  C N N 250 
ILE CG2  C N N 251 
ILE CD1  C N N 252 
ILE OXT  O N N 253 
ILE H    H N N 254 
ILE H2   H N N 255 
ILE HA   H N N 256 
ILE HB   H N N 257 
ILE HG12 H N N 258 
ILE HG13 H N N 259 
ILE HG21 H N N 260 
ILE HG22 H N N 261 
ILE HG23 H N N 262 
ILE HD11 H N N 263 
ILE HD12 H N N 264 
ILE HD13 H N N 265 
ILE HXT  H N N 266 
LEU N    N N N 267 
LEU CA   C N S 268 
LEU C    C N N 269 
LEU O    O N N 270 
LEU CB   C N N 271 
LEU CG   C N N 272 
LEU CD1  C N N 273 
LEU CD2  C N N 274 
LEU OXT  O N N 275 
LEU H    H N N 276 
LEU H2   H N N 277 
LEU HA   H N N 278 
LEU HB2  H N N 279 
LEU HB3  H N N 280 
LEU HG   H N N 281 
LEU HD11 H N N 282 
LEU HD12 H N N 283 
LEU HD13 H N N 284 
LEU HD21 H N N 285 
LEU HD22 H N N 286 
LEU HD23 H N N 287 
LEU HXT  H N N 288 
LYS N    N N N 289 
LYS CA   C N S 290 
LYS C    C N N 291 
LYS O    O N N 292 
LYS CB   C N N 293 
LYS CG   C N N 294 
LYS CD   C N N 295 
LYS CE   C N N 296 
LYS NZ   N N N 297 
LYS OXT  O N N 298 
LYS H    H N N 299 
LYS H2   H N N 300 
LYS HA   H N N 301 
LYS HB2  H N N 302 
LYS HB3  H N N 303 
LYS HG2  H N N 304 
LYS HG3  H N N 305 
LYS HD2  H N N 306 
LYS HD3  H N N 307 
LYS HE2  H N N 308 
LYS HE3  H N N 309 
LYS HZ1  H N N 310 
LYS HZ2  H N N 311 
LYS HZ3  H N N 312 
LYS HXT  H N N 313 
MET N    N N N 314 
MET CA   C N S 315 
MET C    C N N 316 
MET O    O N N 317 
MET CB   C N N 318 
MET CG   C N N 319 
MET SD   S N N 320 
MET CE   C N N 321 
MET OXT  O N N 322 
MET H    H N N 323 
MET H2   H N N 324 
MET HA   H N N 325 
MET HB2  H N N 326 
MET HB3  H N N 327 
MET HG2  H N N 328 
MET HG3  H N N 329 
MET HE1  H N N 330 
MET HE2  H N N 331 
MET HE3  H N N 332 
MET HXT  H N N 333 
PHE N    N N N 334 
PHE CA   C N S 335 
PHE C    C N N 336 
PHE O    O N N 337 
PHE CB   C N N 338 
PHE CG   C Y N 339 
PHE CD1  C Y N 340 
PHE CD2  C Y N 341 
PHE CE1  C Y N 342 
PHE CE2  C Y N 343 
PHE CZ   C Y N 344 
PHE OXT  O N N 345 
PHE H    H N N 346 
PHE H2   H N N 347 
PHE HA   H N N 348 
PHE HB2  H N N 349 
PHE HB3  H N N 350 
PHE HD1  H N N 351 
PHE HD2  H N N 352 
PHE HE1  H N N 353 
PHE HE2  H N N 354 
PHE HZ   H N N 355 
PHE HXT  H N N 356 
PRO N    N N N 357 
PRO CA   C N S 358 
PRO C    C N N 359 
PRO O    O N N 360 
PRO CB   C N N 361 
PRO CG   C N N 362 
PRO CD   C N N 363 
PRO OXT  O N N 364 
PRO H    H N N 365 
PRO HA   H N N 366 
PRO HB2  H N N 367 
PRO HB3  H N N 368 
PRO HG2  H N N 369 
PRO HG3  H N N 370 
PRO HD2  H N N 371 
PRO HD3  H N N 372 
PRO HXT  H N N 373 
SER N    N N N 374 
SER CA   C N S 375 
SER C    C N N 376 
SER O    O N N 377 
SER CB   C N N 378 
SER OG   O N N 379 
SER OXT  O N N 380 
SER H    H N N 381 
SER H2   H N N 382 
SER HA   H N N 383 
SER HB2  H N N 384 
SER HB3  H N N 385 
SER HG   H N N 386 
SER HXT  H N N 387 
THR N    N N N 388 
THR CA   C N S 389 
THR C    C N N 390 
THR O    O N N 391 
THR CB   C N R 392 
THR OG1  O N N 393 
THR CG2  C N N 394 
THR OXT  O N N 395 
THR H    H N N 396 
THR H2   H N N 397 
THR HA   H N N 398 
THR HB   H N N 399 
THR HG1  H N N 400 
THR HG21 H N N 401 
THR HG22 H N N 402 
THR HG23 H N N 403 
THR HXT  H N N 404 
TRP N    N N N 405 
TRP CA   C N S 406 
TRP C    C N N 407 
TRP O    O N N 408 
TRP CB   C N N 409 
TRP CG   C Y N 410 
TRP CD1  C Y N 411 
TRP CD2  C Y N 412 
TRP NE1  N Y N 413 
TRP CE2  C Y N 414 
TRP CE3  C Y N 415 
TRP CZ2  C Y N 416 
TRP CZ3  C Y N 417 
TRP CH2  C Y N 418 
TRP OXT  O N N 419 
TRP H    H N N 420 
TRP H2   H N N 421 
TRP HA   H N N 422 
TRP HB2  H N N 423 
TRP HB3  H N N 424 
TRP HD1  H N N 425 
TRP HE1  H N N 426 
TRP HE3  H N N 427 
TRP HZ2  H N N 428 
TRP HZ3  H N N 429 
TRP HH2  H N N 430 
TRP HXT  H N N 431 
TYR N    N N N 432 
TYR CA   C N S 433 
TYR C    C N N 434 
TYR O    O N N 435 
TYR CB   C N N 436 
TYR CG   C Y N 437 
TYR CD1  C Y N 438 
TYR CD2  C Y N 439 
TYR CE1  C Y N 440 
TYR CE2  C Y N 441 
TYR CZ   C Y N 442 
TYR OH   O N N 443 
TYR OXT  O N N 444 
TYR H    H N N 445 
TYR H2   H N N 446 
TYR HA   H N N 447 
TYR HB2  H N N 448 
TYR HB3  H N N 449 
TYR HD1  H N N 450 
TYR HD2  H N N 451 
TYR HE1  H N N 452 
TYR HE2  H N N 453 
TYR HH   H N N 454 
TYR HXT  H N N 455 
VAL N    N N N 456 
VAL CA   C N S 457 
VAL C    C N N 458 
VAL O    O N N 459 
VAL CB   C N N 460 
VAL CG1  C N N 461 
VAL CG2  C N N 462 
VAL OXT  O N N 463 
VAL H    H N N 464 
VAL H2   H N N 465 
VAL HA   H N N 466 
VAL HB   H N N 467 
VAL HG11 H N N 468 
VAL HG12 H N N 469 
VAL HG13 H N N 470 
VAL HG21 H N N 471 
VAL HG22 H N N 472 
VAL HG23 H N N 473 
VAL HXT  H N N 474 
# 
loop_
_chem_comp_bond.comp_id 
_chem_comp_bond.atom_id_1 
_chem_comp_bond.atom_id_2 
_chem_comp_bond.value_order 
_chem_comp_bond.pdbx_aromatic_flag 
_chem_comp_bond.pdbx_stereo_config 
_chem_comp_bond.pdbx_ordinal 
ALA N   CA   sing N N 1   
ALA N   H    sing N N 2   
ALA N   H2   sing N N 3   
ALA CA  C    sing N N 4   
ALA CA  CB   sing N N 5   
ALA CA  HA   sing N N 6   
ALA C   O    doub N N 7   
ALA C   OXT  sing N N 8   
ALA CB  HB1  sing N N 9   
ALA CB  HB2  sing N N 10  
ALA CB  HB3  sing N N 11  
ALA OXT HXT  sing N N 12  
ARG N   CA   sing N N 13  
ARG N   H    sing N N 14  
ARG N   H2   sing N N 15  
ARG CA  C    sing N N 16  
ARG CA  CB   sing N N 17  
ARG CA  HA   sing N N 18  
ARG C   O    doub N N 19  
ARG C   OXT  sing N N 20  
ARG CB  CG   sing N N 21  
ARG CB  HB2  sing N N 22  
ARG CB  HB3  sing N N 23  
ARG CG  CD   sing N N 24  
ARG CG  HG2  sing N N 25  
ARG CG  HG3  sing N N 26  
ARG CD  NE   sing N N 27  
ARG CD  HD2  sing N N 28  
ARG CD  HD3  sing N N 29  
ARG NE  CZ   sing N N 30  
ARG NE  HE   sing N N 31  
ARG CZ  NH1  sing N N 32  
ARG CZ  NH2  doub N N 33  
ARG NH1 HH11 sing N N 34  
ARG NH1 HH12 sing N N 35  
ARG NH2 HH21 sing N N 36  
ARG NH2 HH22 sing N N 37  
ARG OXT HXT  sing N N 38  
ASN N   CA   sing N N 39  
ASN N   H    sing N N 40  
ASN N   H2   sing N N 41  
ASN CA  C    sing N N 42  
ASN CA  CB   sing N N 43  
ASN CA  HA   sing N N 44  
ASN C   O    doub N N 45  
ASN C   OXT  sing N N 46  
ASN CB  CG   sing N N 47  
ASN CB  HB2  sing N N 48  
ASN CB  HB3  sing N N 49  
ASN CG  OD1  doub N N 50  
ASN CG  ND2  sing N N 51  
ASN ND2 HD21 sing N N 52  
ASN ND2 HD22 sing N N 53  
ASN OXT HXT  sing N N 54  
ASP N   CA   sing N N 55  
ASP N   H    sing N N 56  
ASP N   H2   sing N N 57  
ASP CA  C    sing N N 58  
ASP CA  CB   sing N N 59  
ASP CA  HA   sing N N 60  
ASP C   O    doub N N 61  
ASP C   OXT  sing N N 62  
ASP CB  CG   sing N N 63  
ASP CB  HB2  sing N N 64  
ASP CB  HB3  sing N N 65  
ASP CG  OD1  doub N N 66  
ASP CG  OD2  sing N N 67  
ASP OD2 HD2  sing N N 68  
ASP OXT HXT  sing N N 69  
COA N1A C2A  sing Y N 70  
COA N1A C6A  doub Y N 71  
COA C2A N3A  doub Y N 72  
COA C2A H2A  sing N N 73  
COA N3A C4A  sing Y N 74  
COA C4A C5A  doub Y N 75  
COA C4A N9A  sing Y N 76  
COA C5A C6A  sing Y N 77  
COA C5A N7A  sing Y N 78  
COA C6A N6A  sing N N 79  
COA N6A H61A sing N N 80  
COA N6A H62A sing N N 81  
COA N7A C8A  doub Y N 82  
COA C8A N9A  sing Y N 83  
COA C8A H8A  sing N N 84  
COA N9A C1B  sing N N 85  
COA C1B C2B  sing N N 86  
COA C1B O4B  sing N N 87  
COA C1B H1B  sing N N 88  
COA C2B O2B  sing N N 89  
COA C2B C3B  sing N N 90  
COA C2B H2B  sing N N 91  
COA O2B HO2A sing N N 92  
COA C3B O3B  sing N N 93  
COA C3B C4B  sing N N 94  
COA C3B H3B  sing N N 95  
COA O3B P3B  sing N N 96  
COA P3B O7A  doub N N 97  
COA P3B O8A  sing N N 98  
COA P3B O9A  sing N N 99  
COA O8A HOA8 sing N N 100 
COA O9A HOA9 sing N N 101 
COA C4B O4B  sing N N 102 
COA C4B C5B  sing N N 103 
COA C4B H4B  sing N N 104 
COA C5B O5B  sing N N 105 
COA C5B H51A sing N N 106 
COA C5B H52A sing N N 107 
COA O5B P1A  sing N N 108 
COA P1A O1A  doub N N 109 
COA P1A O2A  sing N N 110 
COA P1A O3A  sing N N 111 
COA O2A HOA2 sing N N 112 
COA O3A P2A  sing N N 113 
COA P2A O4A  doub N N 114 
COA P2A O5A  sing N N 115 
COA P2A O6A  sing N N 116 
COA O5A HOA5 sing N N 117 
COA O6A CCP  sing N N 118 
COA CBP CCP  sing N N 119 
COA CBP CDP  sing N N 120 
COA CBP CEP  sing N N 121 
COA CBP CAP  sing N N 122 
COA CCP H121 sing N N 123 
COA CCP H122 sing N N 124 
COA CDP H131 sing N N 125 
COA CDP H132 sing N N 126 
COA CDP H133 sing N N 127 
COA CEP H141 sing N N 128 
COA CEP H142 sing N N 129 
COA CEP H143 sing N N 130 
COA CAP OAP  sing N N 131 
COA CAP C9P  sing N N 132 
COA CAP H10  sing N N 133 
COA OAP HO1  sing N N 134 
COA C9P O9P  doub N N 135 
COA C9P N8P  sing N N 136 
COA N8P C7P  sing N N 137 
COA N8P HN8  sing N N 138 
COA C7P C6P  sing N N 139 
COA C7P H71  sing N N 140 
COA C7P H72  sing N N 141 
COA C6P C5P  sing N N 142 
COA C6P H61  sing N N 143 
COA C6P H62  sing N N 144 
COA C5P O5P  doub N N 145 
COA C5P N4P  sing N N 146 
COA N4P C3P  sing N N 147 
COA N4P HN4  sing N N 148 
COA C3P C2P  sing N N 149 
COA C3P H31  sing N N 150 
COA C3P H32  sing N N 151 
COA C2P S1P  sing N N 152 
COA C2P H21  sing N N 153 
COA C2P H22  sing N N 154 
COA S1P HS1  sing N N 155 
CYS N   CA   sing N N 156 
CYS N   H    sing N N 157 
CYS N   H2   sing N N 158 
CYS CA  C    sing N N 159 
CYS CA  CB   sing N N 160 
CYS CA  HA   sing N N 161 
CYS C   O    doub N N 162 
CYS C   OXT  sing N N 163 
CYS CB  SG   sing N N 164 
CYS CB  HB2  sing N N 165 
CYS CB  HB3  sing N N 166 
CYS SG  HG   sing N N 167 
CYS OXT HXT  sing N N 168 
GLN N   CA   sing N N 169 
GLN N   H    sing N N 170 
GLN N   H2   sing N N 171 
GLN CA  C    sing N N 172 
GLN CA  CB   sing N N 173 
GLN CA  HA   sing N N 174 
GLN C   O    doub N N 175 
GLN C   OXT  sing N N 176 
GLN CB  CG   sing N N 177 
GLN CB  HB2  sing N N 178 
GLN CB  HB3  sing N N 179 
GLN CG  CD   sing N N 180 
GLN CG  HG2  sing N N 181 
GLN CG  HG3  sing N N 182 
GLN CD  OE1  doub N N 183 
GLN CD  NE2  sing N N 184 
GLN NE2 HE21 sing N N 185 
GLN NE2 HE22 sing N N 186 
GLN OXT HXT  sing N N 187 
GLU N   CA   sing N N 188 
GLU N   H    sing N N 189 
GLU N   H2   sing N N 190 
GLU CA  C    sing N N 191 
GLU CA  CB   sing N N 192 
GLU CA  HA   sing N N 193 
GLU C   O    doub N N 194 
GLU C   OXT  sing N N 195 
GLU CB  CG   sing N N 196 
GLU CB  HB2  sing N N 197 
GLU CB  HB3  sing N N 198 
GLU CG  CD   sing N N 199 
GLU CG  HG2  sing N N 200 
GLU CG  HG3  sing N N 201 
GLU CD  OE1  doub N N 202 
GLU CD  OE2  sing N N 203 
GLU OE2 HE2  sing N N 204 
GLU OXT HXT  sing N N 205 
GLY N   CA   sing N N 206 
GLY N   H    sing N N 207 
GLY N   H2   sing N N 208 
GLY CA  C    sing N N 209 
GLY CA  HA2  sing N N 210 
GLY CA  HA3  sing N N 211 
GLY C   O    doub N N 212 
GLY C   OXT  sing N N 213 
GLY OXT HXT  sing N N 214 
HIS N   CA   sing N N 215 
HIS N   H    sing N N 216 
HIS N   H2   sing N N 217 
HIS CA  C    sing N N 218 
HIS CA  CB   sing N N 219 
HIS CA  HA   sing N N 220 
HIS C   O    doub N N 221 
HIS C   OXT  sing N N 222 
HIS CB  CG   sing N N 223 
HIS CB  HB2  sing N N 224 
HIS CB  HB3  sing N N 225 
HIS CG  ND1  sing Y N 226 
HIS CG  CD2  doub Y N 227 
HIS ND1 CE1  doub Y N 228 
HIS ND1 HD1  sing N N 229 
HIS CD2 NE2  sing Y N 230 
HIS CD2 HD2  sing N N 231 
HIS CE1 NE2  sing Y N 232 
HIS CE1 HE1  sing N N 233 
HIS NE2 HE2  sing N N 234 
HIS OXT HXT  sing N N 235 
HOH O   H1   sing N N 236 
HOH O   H2   sing N N 237 
ILE N   CA   sing N N 238 
ILE N   H    sing N N 239 
ILE N   H2   sing N N 240 
ILE CA  C    sing N N 241 
ILE CA  CB   sing N N 242 
ILE CA  HA   sing N N 243 
ILE C   O    doub N N 244 
ILE C   OXT  sing N N 245 
ILE CB  CG1  sing N N 246 
ILE CB  CG2  sing N N 247 
ILE CB  HB   sing N N 248 
ILE CG1 CD1  sing N N 249 
ILE CG1 HG12 sing N N 250 
ILE CG1 HG13 sing N N 251 
ILE CG2 HG21 sing N N 252 
ILE CG2 HG22 sing N N 253 
ILE CG2 HG23 sing N N 254 
ILE CD1 HD11 sing N N 255 
ILE CD1 HD12 sing N N 256 
ILE CD1 HD13 sing N N 257 
ILE OXT HXT  sing N N 258 
LEU N   CA   sing N N 259 
LEU N   H    sing N N 260 
LEU N   H2   sing N N 261 
LEU CA  C    sing N N 262 
LEU CA  CB   sing N N 263 
LEU CA  HA   sing N N 264 
LEU C   O    doub N N 265 
LEU C   OXT  sing N N 266 
LEU CB  CG   sing N N 267 
LEU CB  HB2  sing N N 268 
LEU CB  HB3  sing N N 269 
LEU CG  CD1  sing N N 270 
LEU CG  CD2  sing N N 271 
LEU CG  HG   sing N N 272 
LEU CD1 HD11 sing N N 273 
LEU CD1 HD12 sing N N 274 
LEU CD1 HD13 sing N N 275 
LEU CD2 HD21 sing N N 276 
LEU CD2 HD22 sing N N 277 
LEU CD2 HD23 sing N N 278 
LEU OXT HXT  sing N N 279 
LYS N   CA   sing N N 280 
LYS N   H    sing N N 281 
LYS N   H2   sing N N 282 
LYS CA  C    sing N N 283 
LYS CA  CB   sing N N 284 
LYS CA  HA   sing N N 285 
LYS C   O    doub N N 286 
LYS C   OXT  sing N N 287 
LYS CB  CG   sing N N 288 
LYS CB  HB2  sing N N 289 
LYS CB  HB3  sing N N 290 
LYS CG  CD   sing N N 291 
LYS CG  HG2  sing N N 292 
LYS CG  HG3  sing N N 293 
LYS CD  CE   sing N N 294 
LYS CD  HD2  sing N N 295 
LYS CD  HD3  sing N N 296 
LYS CE  NZ   sing N N 297 
LYS CE  HE2  sing N N 298 
LYS CE  HE3  sing N N 299 
LYS NZ  HZ1  sing N N 300 
LYS NZ  HZ2  sing N N 301 
LYS NZ  HZ3  sing N N 302 
LYS OXT HXT  sing N N 303 
MET N   CA   sing N N 304 
MET N   H    sing N N 305 
MET N   H2   sing N N 306 
MET CA  C    sing N N 307 
MET CA  CB   sing N N 308 
MET CA  HA   sing N N 309 
MET C   O    doub N N 310 
MET C   OXT  sing N N 311 
MET CB  CG   sing N N 312 
MET CB  HB2  sing N N 313 
MET CB  HB3  sing N N 314 
MET CG  SD   sing N N 315 
MET CG  HG2  sing N N 316 
MET CG  HG3  sing N N 317 
MET SD  CE   sing N N 318 
MET CE  HE1  sing N N 319 
MET CE  HE2  sing N N 320 
MET CE  HE3  sing N N 321 
MET OXT HXT  sing N N 322 
PHE N   CA   sing N N 323 
PHE N   H    sing N N 324 
PHE N   H2   sing N N 325 
PHE CA  C    sing N N 326 
PHE CA  CB   sing N N 327 
PHE CA  HA   sing N N 328 
PHE C   O    doub N N 329 
PHE C   OXT  sing N N 330 
PHE CB  CG   sing N N 331 
PHE CB  HB2  sing N N 332 
PHE CB  HB3  sing N N 333 
PHE CG  CD1  doub Y N 334 
PHE CG  CD2  sing Y N 335 
PHE CD1 CE1  sing Y N 336 
PHE CD1 HD1  sing N N 337 
PHE CD2 CE2  doub Y N 338 
PHE CD2 HD2  sing N N 339 
PHE CE1 CZ   doub Y N 340 
PHE CE1 HE1  sing N N 341 
PHE CE2 CZ   sing Y N 342 
PHE CE2 HE2  sing N N 343 
PHE CZ  HZ   sing N N 344 
PHE OXT HXT  sing N N 345 
PRO N   CA   sing N N 346 
PRO N   CD   sing N N 347 
PRO N   H    sing N N 348 
PRO CA  C    sing N N 349 
PRO CA  CB   sing N N 350 
PRO CA  HA   sing N N 351 
PRO C   O    doub N N 352 
PRO C   OXT  sing N N 353 
PRO CB  CG   sing N N 354 
PRO CB  HB2  sing N N 355 
PRO CB  HB3  sing N N 356 
PRO CG  CD   sing N N 357 
PRO CG  HG2  sing N N 358 
PRO CG  HG3  sing N N 359 
PRO CD  HD2  sing N N 360 
PRO CD  HD3  sing N N 361 
PRO OXT HXT  sing N N 362 
SER N   CA   sing N N 363 
SER N   H    sing N N 364 
SER N   H2   sing N N 365 
SER CA  C    sing N N 366 
SER CA  CB   sing N N 367 
SER CA  HA   sing N N 368 
SER C   O    doub N N 369 
SER C   OXT  sing N N 370 
SER CB  OG   sing N N 371 
SER CB  HB2  sing N N 372 
SER CB  HB3  sing N N 373 
SER OG  HG   sing N N 374 
SER OXT HXT  sing N N 375 
THR N   CA   sing N N 376 
THR N   H    sing N N 377 
THR N   H2   sing N N 378 
THR CA  C    sing N N 379 
THR CA  CB   sing N N 380 
THR CA  HA   sing N N 381 
THR C   O    doub N N 382 
THR C   OXT  sing N N 383 
THR CB  OG1  sing N N 384 
THR CB  CG2  sing N N 385 
THR CB  HB   sing N N 386 
THR OG1 HG1  sing N N 387 
THR CG2 HG21 sing N N 388 
THR CG2 HG22 sing N N 389 
THR CG2 HG23 sing N N 390 
THR OXT HXT  sing N N 391 
TRP N   CA   sing N N 392 
TRP N   H    sing N N 393 
TRP N   H2   sing N N 394 
TRP CA  C    sing N N 395 
TRP CA  CB   sing N N 396 
TRP CA  HA   sing N N 397 
TRP C   O    doub N N 398 
TRP C   OXT  sing N N 399 
TRP CB  CG   sing N N 400 
TRP CB  HB2  sing N N 401 
TRP CB  HB3  sing N N 402 
TRP CG  CD1  doub Y N 403 
TRP CG  CD2  sing Y N 404 
TRP CD1 NE1  sing Y N 405 
TRP CD1 HD1  sing N N 406 
TRP CD2 CE2  doub Y N 407 
TRP CD2 CE3  sing Y N 408 
TRP NE1 CE2  sing Y N 409 
TRP NE1 HE1  sing N N 410 
TRP CE2 CZ2  sing Y N 411 
TRP CE3 CZ3  doub Y N 412 
TRP CE3 HE3  sing N N 413 
TRP CZ2 CH2  doub Y N 414 
TRP CZ2 HZ2  sing N N 415 
TRP CZ3 CH2  sing Y N 416 
TRP CZ3 HZ3  sing N N 417 
TRP CH2 HH2  sing N N 418 
TRP OXT HXT  sing N N 419 
TYR N   CA   sing N N 420 
TYR N   H    sing N N 421 
TYR N   H2   sing N N 422 
TYR CA  C    sing N N 423 
TYR CA  CB   sing N N 424 
TYR CA  HA   sing N N 425 
TYR C   O    doub N N 426 
TYR C   OXT  sing N N 427 
TYR CB  CG   sing N N 428 
TYR CB  HB2  sing N N 429 
TYR CB  HB3  sing N N 430 
TYR CG  CD1  doub Y N 431 
TYR CG  CD2  sing Y N 432 
TYR CD1 CE1  sing Y N 433 
TYR CD1 HD1  sing N N 434 
TYR CD2 CE2  doub Y N 435 
TYR CD2 HD2  sing N N 436 
TYR CE1 CZ   doub Y N 437 
TYR CE1 HE1  sing N N 438 
TYR CE2 CZ   sing Y N 439 
TYR CE2 HE2  sing N N 440 
TYR CZ  OH   sing N N 441 
TYR OH  HH   sing N N 442 
TYR OXT HXT  sing N N 443 
VAL N   CA   sing N N 444 
VAL N   H    sing N N 445 
VAL N   H2   sing N N 446 
VAL CA  C    sing N N 447 
VAL CA  CB   sing N N 448 
VAL CA  HA   sing N N 449 
VAL C   O    doub N N 450 
VAL C   OXT  sing N N 451 
VAL CB  CG1  sing N N 452 
VAL CB  CG2  sing N N 453 
VAL CB  HB   sing N N 454 
VAL CG1 HG11 sing N N 455 
VAL CG1 HG12 sing N N 456 
VAL CG1 HG13 sing N N 457 
VAL CG2 HG21 sing N N 458 
VAL CG2 HG22 sing N N 459 
VAL CG2 HG23 sing N N 460 
VAL OXT HXT  sing N N 461 
# 
loop_
_pdbx_entity_nonpoly.entity_id 
_pdbx_entity_nonpoly.name 
_pdbx_entity_nonpoly.comp_id 
2 'COENZYME A' COA 
3 water        HOH 
# 
_pdbx_initial_refinement_model.id               1 
_pdbx_initial_refinement_model.entity_id_list   ? 
_pdbx_initial_refinement_model.type             'experimental model' 
_pdbx_initial_refinement_model.source_name      PDB 
_pdbx_initial_refinement_model.accession_code   7DES 
_pdbx_initial_refinement_model.details          ? 
# 
_pdbx_struct_assembly_auth_evidence.id                     1 
_pdbx_struct_assembly_auth_evidence.assembly_id            1 
_pdbx_struct_assembly_auth_evidence.experimental_support   none 
_pdbx_struct_assembly_auth_evidence.details                ? 
# 
_space_group.name_H-M_alt     'P 31 2 1' 
_space_group.name_Hall        
;P 31 2"
;
_space_group.IT_number        152 
_space_group.crystal_system   trigonal 
_space_group.id               1 
# 
